data_8RW3
#
_entry.id   8RW3
#
_cell.length_a   197.020
_cell.length_b   341.249
_cell.length_c   102.805
_cell.angle_alpha   90.00
_cell.angle_beta   90.00
_cell.angle_gamma   90.00
#
_symmetry.space_group_name_H-M   'C 2 2 2'
#
loop_
_entity.id
_entity.type
_entity.pdbx_description
1 polymer 'Oligosaccharide 4-alpha-D-glucosyltransferase'
2 non-polymer (1~{S},2~{R},3~{R},4~{R},6~{S})-4-(hydroxymethyl)-7-azabicyclo[4.1.0]heptane-2,3-diol
3 non-polymer 'OXALATE ION'
4 non-polymer 'SULFATE ION'
5 non-polymer 1,2-ETHANEDIOL
6 non-polymer 'TETRAETHYLENE GLYCOL'
7 water water
#
_entity_poly.entity_id   1
_entity_poly.type   'polypeptide(L)'
_entity_poly.pdbx_seq_one_letter_code
;MFRRIAGFSPIFLMLFGSSLPTMGNPVKREIHPDAVFYKEHKLRNDGLVITTNQGNIRLQFKSEAAIEVLYRADSKQLPS
FALAQPESAIKAQLTETENHLQFSGGTLTARIQKRPFAISYYRDSELLLAEESGFQVNTDKINFRFYLSPGEKILGGGQR
ILGMDRRGQRFPLYNRAHYGYSDHSGQMYFGLPAIMSSKQYILVFDNSASGAMDIGKTESDILQLEAKSGRSAYILVAGN
SYPSLIENFTQVTGRQPLPPRWALGSFASRFGYRSEAETRATVQKYKTEDFPLDTIVLDLYWFGKDIKGHMGNLDWDKEN
FPTPLDMMADFKQQGVKTVLITEPFVLTSSKRWDDAVKAKALAKDPQGQPKAFELYFGNGGIIDVFSKEGSRWFSSIYKD
LSKQGVAGWWGDLGEPEMHPEDTQHAIGDADTVHNAYGHRWAEMLYQQQLDQFPELRPFIMMRAGFVGSQRYGMIPWTGD
VSRTWGGLASQVELALQMSLLGFGYIHSDLGGFADGETLDKEMYIRWLQYGVFQPVYRPHGQDHIPSEPVFQDEETKAIL
RPLVKLRYRMLPYIYTAAYQNTLTGMPLMRPLFFSDEKNPALIDNKTSYFWGDSLLVTPITQAGVESVSIPAPKGVWFDF
WKDTRYQTDGAPLTLPTDLHTIPVLVKAGAFMPYVPAVSTTEDYRSDSLEIHYYADASVPLAQGEIFEDDGKDPNSIKRN
QFDLLTLQATHTDNQLHFQLARTGKGYRGMPERRATTLVIHNASDQYQHLDINGKTIAIAQADCASTPALACYDQERRQL
QLVFTWGREALNLRLHK
;
_entity_poly.pdbx_strand_id   C,A,B
#
# COMPACT_ATOMS: atom_id res chain seq x y z
N ALA A 35 -28.86 36.47 -24.71
CA ALA A 35 -28.29 35.76 -25.89
C ALA A 35 -26.93 36.32 -26.25
N VAL A 36 -25.87 35.52 -26.06
CA VAL A 36 -24.50 35.95 -26.26
C VAL A 36 -23.87 34.94 -27.22
N PHE A 37 -23.03 35.44 -28.15
CA PHE A 37 -22.38 34.59 -29.13
C PHE A 37 -21.05 35.23 -29.54
N TYR A 38 -20.10 34.37 -29.95
CA TYR A 38 -18.78 34.76 -30.40
C TYR A 38 -18.88 35.54 -31.70
N LYS A 39 -18.03 36.56 -31.88
CA LYS A 39 -17.91 37.27 -33.15
C LYS A 39 -16.49 37.20 -33.70
N GLU A 40 -15.51 37.77 -32.98
CA GLU A 40 -14.14 37.87 -33.46
C GLU A 40 -13.18 37.67 -32.27
N HIS A 41 -11.88 37.40 -32.57
CA HIS A 41 -10.82 37.40 -31.57
C HIS A 41 -9.48 37.82 -32.20
N LYS A 42 -8.69 38.62 -31.44
CA LYS A 42 -7.29 38.92 -31.73
C LYS A 42 -6.41 38.37 -30.59
N LEU A 43 -5.16 38.03 -30.89
CA LEU A 43 -4.18 37.68 -29.87
C LEU A 43 -3.20 38.86 -29.71
N ARG A 44 -3.42 39.72 -28.69
CA ARG A 44 -2.60 40.90 -28.45
C ARG A 44 -1.83 40.71 -27.14
N ASN A 45 -0.69 41.42 -26.97
CA ASN A 45 0.36 41.05 -26.03
C ASN A 45 0.49 39.53 -26.10
N ASP A 46 0.25 38.82 -24.98
CA ASP A 46 0.07 37.36 -25.03
C ASP A 46 -1.34 36.97 -24.60
N GLY A 47 -2.27 37.94 -24.60
CA GLY A 47 -3.64 37.72 -24.14
C GLY A 47 -4.61 37.51 -25.30
N LEU A 48 -5.71 36.78 -25.03
CA LEU A 48 -6.75 36.52 -26.00
C LEU A 48 -7.90 37.49 -25.78
N VAL A 49 -8.21 38.27 -26.82
CA VAL A 49 -9.28 39.24 -26.76
C VAL A 49 -10.39 38.74 -27.66
N ILE A 50 -11.56 38.50 -27.05
CA ILE A 50 -12.73 37.96 -27.73
C ILE A 50 -13.75 39.10 -27.88
N THR A 51 -14.43 39.13 -29.04
CA THR A 51 -15.57 40.02 -29.22
C THR A 51 -16.81 39.16 -29.32
N THR A 52 -17.78 39.43 -28.45
CA THR A 52 -19.12 38.91 -28.65
C THR A 52 -19.99 40.09 -29.10
N ASN A 53 -21.28 39.82 -29.24
CA ASN A 53 -22.28 40.85 -29.43
C ASN A 53 -22.43 41.74 -28.19
N GLN A 54 -21.96 41.28 -27.01
CA GLN A 54 -22.12 42.05 -25.80
C GLN A 54 -20.88 42.91 -25.53
N GLY A 55 -19.72 42.53 -26.07
CA GLY A 55 -18.51 43.32 -25.98
C GLY A 55 -17.26 42.46 -25.94
N ASN A 56 -16.23 42.98 -25.28
CA ASN A 56 -14.90 42.40 -25.30
C ASN A 56 -14.59 41.69 -23.96
N ILE A 57 -13.85 40.58 -24.08
CA ILE A 57 -13.41 39.73 -22.99
C ILE A 57 -11.90 39.52 -23.12
N ARG A 58 -11.11 39.85 -22.09
CA ARG A 58 -9.65 39.67 -22.15
C ARG A 58 -9.23 38.47 -21.29
N LEU A 59 -8.56 37.50 -21.92
CA LEU A 59 -8.08 36.32 -21.23
C LEU A 59 -6.55 36.34 -21.16
N GLN A 60 -5.99 36.46 -19.94
CA GLN A 60 -4.54 36.37 -19.74
C GLN A 60 -4.20 35.32 -18.69
N PHE A 61 -3.41 34.32 -19.10
CA PHE A 61 -2.78 33.37 -18.19
C PHE A 61 -1.77 34.14 -17.35
N LYS A 62 -1.93 34.10 -16.02
CA LYS A 62 -1.03 34.75 -15.08
C LYS A 62 0.06 33.79 -14.60
N SER A 63 -0.09 32.51 -14.97
CA SER A 63 0.88 31.43 -14.77
C SER A 63 0.38 30.25 -15.61
N GLU A 64 1.07 29.11 -15.55
CA GLU A 64 0.70 27.95 -16.36
C GLU A 64 -0.59 27.30 -15.84
N ALA A 65 -1.02 27.70 -14.63
CA ALA A 65 -2.16 27.09 -13.96
C ALA A 65 -3.19 28.13 -13.49
N ALA A 66 -3.13 29.37 -13.97
CA ALA A 66 -3.99 30.44 -13.47
C ALA A 66 -4.34 31.45 -14.57
N ILE A 67 -5.64 31.76 -14.69
CA ILE A 67 -6.07 32.62 -15.79
C ILE A 67 -6.98 33.74 -15.27
N GLU A 68 -6.72 34.97 -15.73
CA GLU A 68 -7.58 36.12 -15.47
C GLU A 68 -8.55 36.27 -16.64
N VAL A 69 -9.86 36.32 -16.33
CA VAL A 69 -10.93 36.53 -17.30
C VAL A 69 -11.63 37.86 -17.00
N LEU A 70 -11.40 38.85 -17.88
CA LEU A 70 -11.93 40.19 -17.69
C LEU A 70 -13.03 40.44 -18.74
N TYR A 71 -14.26 40.67 -18.27
CA TYR A 71 -15.38 41.05 -19.11
C TYR A 71 -15.45 42.57 -19.08
N ARG A 72 -16.12 43.14 -20.09
CA ARG A 72 -16.17 44.58 -20.33
C ARG A 72 -14.74 45.10 -20.49
N ALA A 73 -13.90 44.35 -21.20
CA ALA A 73 -12.47 44.66 -21.26
C ALA A 73 -12.24 45.97 -22.01
N ASP A 74 -13.17 46.29 -22.90
CA ASP A 74 -13.23 47.56 -23.62
C ASP A 74 -13.25 48.74 -22.65
N SER A 75 -13.95 48.61 -21.51
CA SER A 75 -14.25 49.75 -20.65
C SER A 75 -13.19 49.97 -19.58
N LYS A 76 -13.28 51.14 -18.93
CA LYS A 76 -12.41 51.53 -17.84
C LYS A 76 -13.02 51.05 -16.53
N GLN A 77 -12.23 50.33 -15.72
CA GLN A 77 -12.72 49.84 -14.44
C GLN A 77 -11.57 49.77 -13.42
N LEU A 78 -11.94 49.51 -12.17
CA LEU A 78 -10.96 49.36 -11.11
C LEU A 78 -9.93 48.32 -11.53
N PRO A 79 -8.65 48.50 -11.16
CA PRO A 79 -7.62 47.48 -11.39
C PRO A 79 -7.88 46.23 -10.55
N SER A 80 -7.20 45.14 -10.91
CA SER A 80 -7.19 43.95 -10.08
C SER A 80 -6.64 44.27 -8.68
N PHE A 81 -7.22 43.65 -7.66
CA PHE A 81 -6.69 43.76 -6.32
C PHE A 81 -6.06 42.42 -5.91
N ALA A 82 -6.54 41.33 -6.51
CA ALA A 82 -6.16 39.99 -6.11
C ALA A 82 -4.76 39.61 -6.61
N LEU A 83 -4.37 40.12 -7.79
CA LEU A 83 -3.17 39.67 -8.48
C LEU A 83 -1.95 40.43 -7.96
N ALA A 84 -0.91 39.67 -7.61
CA ALA A 84 0.41 40.21 -7.24
C ALA A 84 1.05 40.93 -8.44
N GLN A 85 0.90 40.34 -9.63
CA GLN A 85 1.45 40.92 -10.85
C GLN A 85 0.33 41.09 -11.87
N PRO A 86 -0.54 42.10 -11.68
CA PRO A 86 -1.73 42.24 -12.50
C PRO A 86 -1.42 42.35 -13.98
N GLU A 87 -0.29 42.97 -14.36
CA GLU A 87 0.03 43.24 -15.75
C GLU A 87 0.51 42.00 -16.48
N SER A 88 0.96 40.97 -15.76
CA SER A 88 1.66 39.85 -16.38
C SER A 88 0.71 39.01 -17.23
N ALA A 89 1.29 38.33 -18.22
CA ALA A 89 0.65 37.27 -18.99
C ALA A 89 1.74 36.45 -19.67
N ILE A 90 1.48 35.16 -19.88
CA ILE A 90 2.52 34.25 -20.32
C ILE A 90 2.08 33.57 -21.62
N LYS A 91 3.07 33.12 -22.40
CA LYS A 91 2.82 32.51 -23.70
C LYS A 91 1.85 31.33 -23.49
N ALA A 92 0.73 31.36 -24.20
CA ALA A 92 -0.23 30.27 -24.20
C ALA A 92 -0.42 29.79 -25.63
N GLN A 93 -1.09 28.64 -25.80
CA GLN A 93 -1.41 28.13 -27.12
C GLN A 93 -2.88 28.44 -27.43
N LEU A 94 -3.16 28.84 -28.67
CA LEU A 94 -4.52 29.10 -29.16
C LEU A 94 -4.82 28.17 -30.34
N THR A 95 -5.92 27.41 -30.25
CA THR A 95 -6.38 26.60 -31.38
C THR A 95 -7.88 26.82 -31.56
N GLU A 96 -8.37 26.56 -32.78
CA GLU A 96 -9.70 26.99 -33.20
C GLU A 96 -10.40 25.85 -33.92
N THR A 97 -11.71 25.70 -33.67
CA THR A 97 -12.55 24.74 -34.36
C THR A 97 -13.86 25.43 -34.73
N GLU A 98 -14.79 24.67 -35.36
CA GLU A 98 -16.03 25.28 -35.83
C GLU A 98 -16.74 25.90 -34.64
N ASN A 99 -16.85 25.12 -33.54
CA ASN A 99 -17.75 25.52 -32.47
C ASN A 99 -16.99 26.09 -31.25
N HIS A 100 -15.64 26.00 -31.22
CA HIS A 100 -14.88 26.32 -30.01
C HIS A 100 -13.56 27.03 -30.29
N LEU A 101 -13.12 27.84 -29.30
CA LEU A 101 -11.75 28.27 -29.14
C LEU A 101 -11.13 27.54 -27.93
N GLN A 102 -9.80 27.41 -27.92
CA GLN A 102 -9.07 26.71 -26.87
C GLN A 102 -7.78 27.45 -26.53
N PHE A 103 -7.71 28.03 -25.34
CA PHE A 103 -6.59 28.83 -24.91
C PHE A 103 -5.94 28.14 -23.71
N SER A 104 -4.68 27.72 -23.87
CA SER A 104 -4.10 26.73 -22.99
C SER A 104 -2.71 27.17 -22.50
N GLY A 105 -2.51 27.08 -21.18
CA GLY A 105 -1.17 27.15 -20.60
C GLY A 105 -0.70 25.76 -20.17
N GLY A 106 0.46 25.71 -19.50
CA GLY A 106 0.96 24.50 -18.86
C GLY A 106 -0.14 23.47 -18.54
N THR A 107 -0.93 23.69 -17.49
CA THR A 107 -1.83 22.66 -17.02
C THR A 107 -3.29 23.04 -17.24
N LEU A 108 -3.58 24.35 -17.28
CA LEU A 108 -4.94 24.87 -17.34
C LEU A 108 -5.30 25.29 -18.79
N THR A 109 -6.46 24.78 -19.24
CA THR A 109 -7.07 25.08 -20.54
C THR A 109 -8.44 25.75 -20.37
N ALA A 110 -8.59 26.91 -21.02
CA ALA A 110 -9.89 27.55 -21.17
C ALA A 110 -10.53 27.11 -22.47
N ARG A 111 -11.73 26.54 -22.39
CA ARG A 111 -12.44 26.12 -23.60
C ARG A 111 -13.60 27.07 -23.81
N ILE A 112 -13.59 27.77 -24.95
CA ILE A 112 -14.58 28.80 -25.26
C ILE A 112 -15.55 28.24 -26.31
N GLN A 113 -16.80 27.95 -25.88
CA GLN A 113 -17.86 27.55 -26.79
C GLN A 113 -18.40 28.83 -27.44
N LYS A 114 -18.68 28.78 -28.75
CA LYS A 114 -18.92 30.00 -29.54
C LYS A 114 -20.38 30.41 -29.50
N ARG A 115 -21.28 29.44 -29.70
CA ARG A 115 -22.71 29.71 -29.76
C ARG A 115 -23.41 28.61 -28.99
N PRO A 116 -24.14 28.87 -27.87
CA PRO A 116 -24.05 30.12 -27.11
C PRO A 116 -22.66 30.28 -26.52
N PHE A 117 -22.32 31.52 -26.18
CA PHE A 117 -21.02 31.81 -25.62
C PHE A 117 -20.95 31.29 -24.18
N ALA A 118 -20.01 30.38 -23.93
CA ALA A 118 -19.76 29.89 -22.58
C ALA A 118 -18.31 29.44 -22.49
N ILE A 119 -17.60 29.86 -21.45
CA ILE A 119 -16.24 29.38 -21.23
C ILE A 119 -16.30 28.29 -20.16
N SER A 120 -15.53 27.23 -20.36
CA SER A 120 -15.33 26.26 -19.30
C SER A 120 -13.82 26.03 -19.09
N TYR A 121 -13.47 25.37 -17.98
CA TYR A 121 -12.06 25.25 -17.61
C TYR A 121 -11.69 23.79 -17.37
N TYR A 122 -10.50 23.40 -17.86
CA TYR A 122 -9.98 22.03 -17.81
C TYR A 122 -8.56 21.97 -17.24
N ARG A 123 -8.33 20.99 -16.36
CA ARG A 123 -7.00 20.52 -15.97
C ARG A 123 -6.83 19.16 -16.63
N ASP A 124 -5.83 19.05 -17.51
CA ASP A 124 -5.75 17.94 -18.47
C ASP A 124 -7.02 17.97 -19.32
N SER A 125 -7.79 16.87 -19.24
CA SER A 125 -9.14 16.81 -19.77
C SER A 125 -10.14 16.59 -18.62
N GLU A 126 -9.81 17.07 -17.41
CA GLU A 126 -10.74 17.01 -16.29
C GLU A 126 -11.48 18.35 -16.26
N LEU A 127 -12.83 18.29 -16.25
CA LEU A 127 -13.65 19.48 -16.18
C LEU A 127 -13.58 20.05 -14.77
N LEU A 128 -13.10 21.29 -14.67
CA LEU A 128 -13.07 21.97 -13.39
C LEU A 128 -14.38 22.71 -13.18
N LEU A 129 -14.67 23.65 -14.09
CA LEU A 129 -15.72 24.64 -13.88
C LEU A 129 -16.23 25.13 -15.23
N ALA A 130 -17.56 25.11 -15.40
CA ALA A 130 -18.25 25.61 -16.59
C ALA A 130 -19.12 26.83 -16.25
N GLU A 131 -18.95 27.91 -17.04
CA GLU A 131 -19.93 28.98 -17.07
C GLU A 131 -21.31 28.40 -17.41
N GLU A 132 -22.36 28.95 -16.75
CA GLU A 132 -23.73 28.71 -17.17
C GLU A 132 -24.08 29.86 -18.10
N SER A 133 -24.76 30.89 -17.58
CA SER A 133 -25.00 32.11 -18.31
C SER A 133 -23.73 32.95 -18.36
N GLY A 134 -22.86 32.72 -17.37
CA GLY A 134 -21.63 33.49 -17.24
C GLY A 134 -21.93 34.90 -16.74
N PHE A 135 -21.27 35.87 -17.38
CA PHE A 135 -21.44 37.29 -17.13
C PHE A 135 -22.81 37.76 -17.61
N GLN A 136 -23.66 38.29 -16.73
CA GLN A 136 -25.00 38.72 -17.13
C GLN A 136 -24.93 40.18 -17.58
N VAL A 137 -24.54 41.07 -16.65
CA VAL A 137 -24.49 42.52 -16.84
C VAL A 137 -25.88 43.11 -16.53
N ASN A 138 -25.87 44.36 -16.04
CA ASN A 138 -27.00 44.96 -15.35
C ASN A 138 -28.25 44.07 -15.43
N LYS A 141 -25.93 45.96 -12.14
CA LYS A 141 -25.28 44.93 -11.28
C LYS A 141 -24.34 44.08 -12.16
N ILE A 142 -23.21 43.65 -11.58
CA ILE A 142 -22.29 42.70 -12.17
C ILE A 142 -22.77 41.33 -11.72
N ASN A 143 -22.80 40.36 -12.62
CA ASN A 143 -23.29 39.06 -12.25
C ASN A 143 -22.55 37.98 -13.02
N PHE A 144 -22.10 36.92 -12.33
CA PHE A 144 -21.48 35.77 -12.97
C PHE A 144 -22.14 34.50 -12.46
N ARG A 145 -22.43 33.57 -13.41
CA ARG A 145 -23.13 32.33 -13.09
C ARG A 145 -22.36 31.16 -13.70
N PHE A 146 -22.19 30.09 -12.89
CA PHE A 146 -21.48 28.88 -13.28
C PHE A 146 -22.25 27.65 -12.82
N TYR A 147 -22.04 26.54 -13.53
CA TYR A 147 -22.55 25.25 -13.07
C TYR A 147 -21.68 24.71 -11.94
N LEU A 148 -22.34 24.06 -10.98
CA LEU A 148 -21.70 23.20 -10.01
C LEU A 148 -21.96 21.74 -10.39
N SER A 149 -20.93 20.89 -10.31
CA SER A 149 -21.08 19.48 -10.57
C SER A 149 -21.80 18.85 -9.39
N PRO A 150 -22.53 17.72 -9.55
CA PRO A 150 -23.23 17.12 -8.42
C PRO A 150 -22.13 16.47 -7.59
N GLY A 151 -22.29 16.57 -6.27
CA GLY A 151 -21.30 16.04 -5.35
C GLY A 151 -20.13 17.00 -5.10
N GLU A 152 -19.99 18.09 -5.88
CA GLU A 152 -18.91 19.03 -5.66
C GLU A 152 -19.09 19.72 -4.30
N LYS A 153 -18.02 19.76 -3.48
CA LYS A 153 -18.02 20.45 -2.20
C LYS A 153 -17.29 21.78 -2.35
N ILE A 154 -17.77 22.84 -1.68
CA ILE A 154 -17.24 24.17 -1.91
C ILE A 154 -16.87 24.82 -0.59
N LEU A 155 -15.56 24.94 -0.35
CA LEU A 155 -15.07 25.74 0.74
C LEU A 155 -14.99 27.17 0.25
N GLY A 156 -15.07 28.13 1.17
CA GLY A 156 -14.77 29.48 0.76
C GLY A 156 -15.55 30.55 1.48
N GLY A 157 -15.41 31.77 0.94
CA GLY A 157 -16.14 32.92 1.43
C GLY A 157 -15.40 33.59 2.58
N GLY A 158 -14.23 33.04 2.92
CA GLY A 158 -13.49 33.62 4.03
C GLY A 158 -14.21 33.35 5.35
N GLN A 159 -14.28 34.36 6.21
CA GLN A 159 -14.83 34.13 7.53
C GLN A 159 -16.35 34.02 7.47
N ARG A 160 -16.82 32.79 7.71
CA ARG A 160 -18.21 32.45 7.98
C ARG A 160 -18.23 31.32 9.00
N ILE A 161 -19.30 31.20 9.79
CA ILE A 161 -19.49 29.99 10.58
C ILE A 161 -20.76 29.29 10.10
N LEU A 162 -20.59 28.42 9.10
CA LEU A 162 -21.70 27.81 8.35
C LEU A 162 -21.50 26.32 8.09
N GLY A 163 -20.34 25.79 8.49
CA GLY A 163 -19.86 24.51 7.99
C GLY A 163 -18.78 24.70 6.92
N MET A 164 -17.81 23.78 6.94
CA MET A 164 -16.66 23.86 6.06
C MET A 164 -17.08 23.87 4.60
N ASP A 165 -18.05 23.01 4.22
CA ASP A 165 -18.60 22.97 2.88
C ASP A 165 -19.72 24.01 2.80
N ARG A 166 -19.52 25.10 2.05
CA ARG A 166 -20.49 26.19 2.05
C ARG A 166 -21.56 26.05 0.96
N ARG A 167 -21.55 24.93 0.22
CA ARG A 167 -22.56 24.67 -0.81
C ARG A 167 -23.93 24.59 -0.16
N GLY A 168 -24.95 25.13 -0.84
CA GLY A 168 -26.27 25.30 -0.26
C GLY A 168 -26.40 26.58 0.56
N GLN A 169 -25.36 27.43 0.59
CA GLN A 169 -25.42 28.68 1.33
C GLN A 169 -25.27 29.89 0.40
N ARG A 170 -25.82 31.02 0.85
CA ARG A 170 -25.80 32.29 0.15
C ARG A 170 -25.43 33.34 1.19
N PHE A 171 -24.54 34.28 0.83
CA PHE A 171 -24.12 35.28 1.79
C PHE A 171 -23.53 36.48 1.07
N PRO A 172 -23.54 37.67 1.71
CA PRO A 172 -22.91 38.85 1.14
C PRO A 172 -21.39 38.85 1.15
N LEU A 173 -20.85 39.59 0.18
CA LEU A 173 -19.47 40.04 0.14
C LEU A 173 -19.45 41.49 0.60
N TYR A 174 -19.45 41.67 1.90
CA TYR A 174 -19.41 42.99 2.48
C TYR A 174 -18.83 42.84 3.88
N ASN A 175 -17.52 43.09 3.99
CA ASN A 175 -16.84 43.05 5.27
C ASN A 175 -17.61 43.87 6.29
N ARG A 176 -17.83 43.27 7.46
CA ARG A 176 -18.66 43.88 8.49
C ARG A 176 -18.44 43.19 9.83
N ALA A 177 -18.49 43.99 10.90
CA ALA A 177 -18.31 43.46 12.24
C ALA A 177 -19.43 42.48 12.58
N HIS A 178 -19.09 41.51 13.44
CA HIS A 178 -20.07 40.61 14.04
C HIS A 178 -19.70 40.45 15.51
N TYR A 179 -19.91 41.53 16.26
CA TYR A 179 -19.51 41.61 17.65
C TYR A 179 -20.14 40.47 18.44
N GLY A 180 -19.31 39.68 19.14
CA GLY A 180 -19.83 38.74 20.12
C GLY A 180 -20.41 37.50 19.44
N TYR A 181 -19.97 37.20 18.23
CA TYR A 181 -20.38 35.97 17.60
C TYR A 181 -19.98 34.77 18.43
N SER A 182 -20.61 33.63 18.12
CA SER A 182 -20.27 32.37 18.74
C SER A 182 -20.27 31.27 17.70
N ASP A 183 -21.41 30.63 17.49
CA ASP A 183 -21.44 29.38 16.74
C ASP A 183 -22.10 29.54 15.37
N HIS A 184 -22.41 30.78 14.95
CA HIS A 184 -23.01 31.01 13.64
C HIS A 184 -22.71 32.40 13.11
N SER A 185 -22.38 32.47 11.82
CA SER A 185 -22.24 33.74 11.12
C SER A 185 -22.21 33.54 9.60
N GLY A 186 -23.05 34.33 8.91
CA GLY A 186 -23.01 34.42 7.46
C GLY A 186 -22.26 35.65 6.96
N GLN A 187 -21.75 36.47 7.88
CA GLN A 187 -21.18 37.75 7.50
C GLN A 187 -20.32 38.25 8.65
N MET A 188 -19.00 38.38 8.42
CA MET A 188 -18.09 38.84 9.46
C MET A 188 -17.04 39.82 8.90
N TYR A 189 -16.01 40.06 9.71
CA TYR A 189 -14.94 41.02 9.48
C TYR A 189 -14.27 40.83 8.12
N PHE A 190 -13.97 39.58 7.76
CA PHE A 190 -13.08 39.36 6.64
C PHE A 190 -13.66 38.24 5.78
N GLY A 191 -14.52 38.66 4.86
CA GLY A 191 -14.90 37.78 3.78
C GLY A 191 -13.81 37.76 2.72
N LEU A 192 -13.81 36.69 1.93
CA LEU A 192 -13.00 36.59 0.74
C LEU A 192 -13.92 36.27 -0.43
N PRO A 193 -13.82 37.01 -1.56
CA PRO A 193 -14.58 36.67 -2.76
C PRO A 193 -13.96 35.49 -3.50
N ALA A 194 -13.84 34.35 -2.81
CA ALA A 194 -13.13 33.23 -3.41
C ALA A 194 -13.65 31.91 -2.85
N ILE A 195 -13.51 30.85 -3.64
CA ILE A 195 -13.88 29.52 -3.18
C ILE A 195 -12.78 28.53 -3.55
N MET A 196 -12.78 27.41 -2.84
CA MET A 196 -11.94 26.26 -3.17
C MET A 196 -12.86 25.06 -3.34
N SER A 197 -12.74 24.38 -4.48
CA SER A 197 -13.59 23.25 -4.77
C SER A 197 -12.86 21.93 -4.53
N SER A 198 -13.66 20.90 -4.23
CA SER A 198 -13.21 19.52 -4.13
C SER A 198 -12.70 18.99 -5.46
N LYS A 199 -12.91 19.72 -6.57
CA LYS A 199 -12.27 19.40 -7.85
C LYS A 199 -10.90 20.06 -7.94
N GLN A 200 -10.47 20.70 -6.86
CA GLN A 200 -9.13 21.26 -6.74
C GLN A 200 -8.92 22.38 -7.73
N TYR A 201 -9.83 23.37 -7.68
CA TYR A 201 -9.60 24.68 -8.27
C TYR A 201 -9.94 25.72 -7.21
N ILE A 202 -9.31 26.89 -7.34
CA ILE A 202 -9.76 28.07 -6.65
C ILE A 202 -10.31 29.02 -7.71
N LEU A 203 -11.44 29.66 -7.36
CA LEU A 203 -12.09 30.68 -8.18
C LEU A 203 -12.12 31.98 -7.38
N VAL A 204 -11.59 33.06 -7.98
CA VAL A 204 -11.61 34.35 -7.33
C VAL A 204 -12.52 35.31 -8.10
N PHE A 205 -13.42 36.00 -7.39
CA PHE A 205 -14.17 37.14 -7.94
C PHE A 205 -13.34 38.39 -7.63
N ASP A 206 -12.64 38.90 -8.66
CA ASP A 206 -11.65 39.92 -8.43
C ASP A 206 -12.31 41.29 -8.37
N ASN A 207 -13.15 41.46 -7.34
CA ASN A 207 -14.08 42.58 -7.27
C ASN A 207 -14.13 43.04 -5.83
N SER A 208 -14.08 44.35 -5.66
CA SER A 208 -13.90 44.98 -4.38
C SER A 208 -15.23 45.45 -3.79
N ALA A 209 -16.34 45.32 -4.54
CA ALA A 209 -17.55 46.07 -4.20
C ALA A 209 -18.51 45.24 -3.36
N SER A 210 -19.42 45.96 -2.69
CA SER A 210 -20.57 45.34 -2.05
C SER A 210 -21.22 44.34 -3.00
N GLY A 211 -21.29 43.08 -2.57
CA GLY A 211 -21.69 41.99 -3.44
C GLY A 211 -22.27 40.81 -2.67
N ALA A 212 -22.33 39.66 -3.32
CA ALA A 212 -22.93 38.49 -2.71
C ALA A 212 -22.41 37.23 -3.40
N MET A 213 -22.47 36.11 -2.68
CA MET A 213 -22.16 34.81 -3.25
C MET A 213 -23.30 33.85 -2.92
N ASP A 214 -23.70 33.04 -3.91
CA ASP A 214 -24.81 32.10 -3.79
C ASP A 214 -24.29 30.76 -4.30
N ILE A 215 -23.95 29.87 -3.36
CA ILE A 215 -23.25 28.65 -3.71
C ILE A 215 -24.28 27.52 -3.86
N GLY A 216 -25.02 27.56 -4.97
CA GLY A 216 -26.04 26.55 -5.21
C GLY A 216 -27.13 26.53 -4.13
N LYS A 217 -27.47 27.71 -3.57
CA LYS A 217 -28.61 27.80 -2.67
C LYS A 217 -29.91 28.07 -3.46
N THR A 218 -30.01 29.24 -4.10
CA THR A 218 -31.21 29.60 -4.86
C THR A 218 -31.48 28.55 -5.91
N GLU A 219 -30.44 28.20 -6.70
CA GLU A 219 -30.54 27.17 -7.72
C GLU A 219 -29.53 26.07 -7.41
N SER A 220 -30.03 24.83 -7.26
CA SER A 220 -29.28 23.70 -6.75
C SER A 220 -27.90 23.59 -7.43
N ASP A 221 -27.86 23.88 -8.73
CA ASP A 221 -26.69 23.55 -9.53
C ASP A 221 -26.01 24.84 -10.02
N ILE A 222 -26.24 25.97 -9.34
CA ILE A 222 -25.68 27.21 -9.83
C ILE A 222 -24.87 27.90 -8.75
N LEU A 223 -23.65 28.25 -9.12
CA LEU A 223 -22.87 29.19 -8.35
C LEU A 223 -23.01 30.56 -8.97
N GLN A 224 -23.51 31.53 -8.21
CA GLN A 224 -23.63 32.89 -8.71
C GLN A 224 -22.81 33.85 -7.86
N LEU A 225 -22.09 34.77 -8.55
CA LEU A 225 -21.33 35.87 -7.97
C LEU A 225 -21.96 37.19 -8.44
N GLU A 226 -22.05 38.18 -7.53
CA GLU A 226 -22.75 39.42 -7.81
C GLU A 226 -22.06 40.59 -7.09
N ALA A 227 -22.06 41.76 -7.75
CA ALA A 227 -21.64 42.99 -7.11
C ALA A 227 -22.47 44.15 -7.66
N LYS A 228 -22.63 45.19 -6.84
CA LYS A 228 -23.31 46.43 -7.22
C LYS A 228 -22.51 47.20 -8.26
N SER A 229 -21.21 46.94 -8.34
CA SER A 229 -20.30 47.73 -9.16
C SER A 229 -18.90 47.11 -9.10
N GLY A 230 -17.88 47.86 -9.54
CA GLY A 230 -16.51 47.38 -9.48
C GLY A 230 -16.15 46.51 -10.67
N ARG A 231 -15.01 45.83 -10.54
CA ARG A 231 -14.36 45.15 -11.66
C ARG A 231 -15.13 43.90 -12.01
N SER A 232 -15.27 43.63 -13.31
CA SER A 232 -16.00 42.47 -13.82
C SER A 232 -15.01 41.43 -14.30
N ALA A 233 -14.35 40.78 -13.33
CA ALA A 233 -13.25 39.86 -13.59
C ALA A 233 -13.32 38.69 -12.61
N TYR A 234 -12.92 37.51 -13.11
CA TYR A 234 -12.64 36.42 -12.21
C TYR A 234 -11.32 35.76 -12.60
N ILE A 235 -10.77 34.98 -11.66
CA ILE A 235 -9.50 34.29 -11.83
C ILE A 235 -9.76 32.85 -11.45
N LEU A 236 -9.40 31.92 -12.35
CA LEU A 236 -9.43 30.50 -12.01
C LEU A 236 -7.99 30.00 -11.87
N VAL A 237 -7.72 29.29 -10.75
CA VAL A 237 -6.43 28.66 -10.48
C VAL A 237 -6.64 27.15 -10.29
N ALA A 238 -5.86 26.32 -11.00
CA ALA A 238 -5.90 24.87 -10.84
C ALA A 238 -4.66 24.31 -10.11
N GLY A 239 -4.79 23.03 -9.71
CA GLY A 239 -3.73 22.29 -9.05
C GLY A 239 -4.00 20.79 -9.12
N ASN A 240 -2.93 19.99 -8.95
CA ASN A 240 -3.01 18.53 -8.97
C ASN A 240 -3.24 17.98 -7.57
N SER A 241 -3.10 18.84 -6.56
CA SER A 241 -3.29 18.49 -5.16
C SER A 241 -3.64 19.76 -4.41
N TYR A 242 -4.17 19.67 -3.19
CA TYR A 242 -4.50 20.88 -2.47
C TYR A 242 -3.22 21.71 -2.22
N PRO A 243 -2.06 21.09 -1.87
CA PRO A 243 -0.80 21.84 -1.73
C PRO A 243 -0.35 22.59 -2.99
N SER A 244 -0.39 21.89 -4.13
CA SER A 244 -0.06 22.48 -5.42
C SER A 244 -1.02 23.63 -5.72
N LEU A 245 -2.32 23.42 -5.43
CA LEU A 245 -3.34 24.41 -5.75
C LEU A 245 -3.03 25.68 -4.98
N ILE A 246 -2.65 25.50 -3.70
CA ILE A 246 -2.33 26.61 -2.83
C ILE A 246 -1.02 27.27 -3.26
N GLU A 247 -0.06 26.48 -3.77
CA GLU A 247 1.19 27.01 -4.29
C GLU A 247 0.91 27.89 -5.53
N ASN A 248 0.06 27.39 -6.41
CA ASN A 248 -0.33 28.09 -7.63
C ASN A 248 -1.05 29.39 -7.31
N PHE A 249 -1.86 29.39 -6.25
CA PHE A 249 -2.72 30.50 -5.91
C PHE A 249 -1.87 31.61 -5.29
N THR A 250 -0.97 31.23 -4.36
CA THR A 250 -0.11 32.22 -3.76
C THR A 250 0.92 32.67 -4.79
N GLN A 251 1.23 31.84 -5.78
CA GLN A 251 2.11 32.30 -6.84
C GLN A 251 1.57 33.60 -7.44
N VAL A 252 0.25 33.65 -7.75
CA VAL A 252 -0.28 34.76 -8.53
C VAL A 252 -0.99 35.80 -7.66
N THR A 253 -1.40 35.44 -6.43
CA THR A 253 -2.06 36.40 -5.55
C THR A 253 -1.06 37.05 -4.59
N GLY A 254 0.03 36.35 -4.26
CA GLY A 254 1.07 36.88 -3.38
C GLY A 254 1.50 35.86 -2.31
N ARG A 255 2.80 35.83 -2.00
CA ARG A 255 3.35 35.00 -0.93
C ARG A 255 3.57 35.90 0.28
N GLN A 256 3.17 35.40 1.45
CA GLN A 256 3.44 36.13 2.68
C GLN A 256 4.95 36.15 2.92
N PRO A 257 5.52 37.36 3.11
CA PRO A 257 6.91 37.49 3.51
C PRO A 257 7.03 36.92 4.91
N LEU A 258 8.15 36.24 5.16
CA LEU A 258 8.41 35.65 6.46
C LEU A 258 8.29 36.74 7.51
N PRO A 259 7.33 36.62 8.48
CA PRO A 259 7.24 37.60 9.56
C PRO A 259 8.48 37.55 10.43
N PRO A 260 8.68 38.54 11.32
CA PRO A 260 9.76 38.48 12.31
C PRO A 260 9.47 37.30 13.23
N ARG A 261 10.52 36.63 13.69
CA ARG A 261 10.34 35.48 14.57
C ARG A 261 9.56 35.85 15.83
N TRP A 262 9.71 37.08 16.29
CA TRP A 262 8.98 37.49 17.47
C TRP A 262 7.46 37.41 17.32
N ALA A 263 6.93 37.38 16.09
CA ALA A 263 5.50 37.29 15.89
C ALA A 263 4.98 35.92 16.33
N LEU A 264 5.90 34.96 16.49
CA LEU A 264 5.62 33.63 16.99
C LEU A 264 5.75 33.53 18.51
N GLY A 265 5.98 34.65 19.18
CA GLY A 265 6.13 34.67 20.61
C GLY A 265 4.82 34.90 21.36
N SER A 266 4.98 35.17 22.65
CA SER A 266 3.92 35.48 23.58
C SER A 266 3.65 36.97 23.55
N PHE A 267 2.37 37.29 23.33
CA PHE A 267 1.88 38.66 23.40
C PHE A 267 1.11 38.84 24.70
N ALA A 268 1.42 39.95 25.37
CA ALA A 268 0.57 40.53 26.37
C ALA A 268 -0.42 41.50 25.71
N SER A 269 -1.72 41.23 25.84
CA SER A 269 -2.72 42.11 25.28
C SER A 269 -3.97 42.07 26.13
N ARG A 270 -4.62 43.25 26.21
CA ARG A 270 -6.00 43.41 26.65
C ARG A 270 -6.61 44.63 25.93
N PHE A 271 -7.90 44.83 26.16
CA PHE A 271 -8.58 46.07 25.83
C PHE A 271 -9.01 46.69 27.13
N GLY A 272 -8.15 47.51 27.74
CA GLY A 272 -6.83 47.89 27.26
C GLY A 272 -6.01 48.42 28.43
N TYR A 273 -4.67 48.44 28.33
CA TYR A 273 -3.85 49.10 29.35
C TYR A 273 -4.25 50.57 29.40
N ARG A 274 -4.58 51.08 30.60
CA ARG A 274 -5.03 52.45 30.77
C ARG A 274 -3.88 53.44 30.98
N SER A 275 -2.66 52.94 31.17
CA SER A 275 -1.57 53.80 31.57
C SER A 275 -0.22 53.15 31.31
N GLU A 276 0.80 54.02 31.35
CA GLU A 276 2.17 53.59 31.23
C GLU A 276 2.51 52.72 32.44
N ALA A 277 2.07 53.13 33.62
CA ALA A 277 2.29 52.34 34.83
C ALA A 277 1.70 50.93 34.67
N GLU A 278 0.49 50.86 34.14
CA GLU A 278 -0.20 49.59 34.04
C GLU A 278 0.50 48.75 32.99
N THR A 279 0.96 49.36 31.91
CA THR A 279 1.65 48.62 30.87
C THR A 279 2.99 48.13 31.44
N ARG A 280 3.71 49.00 32.15
CA ARG A 280 4.96 48.54 32.74
C ARG A 280 4.69 47.38 33.72
N ALA A 281 3.66 47.52 34.57
CA ALA A 281 3.35 46.49 35.56
C ALA A 281 3.00 45.15 34.92
N THR A 282 2.48 45.17 33.68
CA THR A 282 2.13 43.92 33.00
C THR A 282 3.39 43.25 32.46
N VAL A 283 4.35 44.05 31.95
CA VAL A 283 5.61 43.49 31.48
C VAL A 283 6.31 42.87 32.70
N GLN A 284 6.28 43.57 33.83
CA GLN A 284 6.85 43.10 35.08
C GLN A 284 6.16 41.79 35.49
N LYS A 285 4.84 41.74 35.36
CA LYS A 285 4.09 40.59 35.81
C LYS A 285 4.55 39.35 35.07
N TYR A 286 4.82 39.48 33.77
CA TYR A 286 5.33 38.36 33.00
C TYR A 286 6.70 37.90 33.55
N LYS A 287 7.55 38.86 33.91
CA LYS A 287 8.87 38.54 34.41
C LYS A 287 8.79 37.89 35.78
N THR A 288 8.00 38.46 36.70
CA THR A 288 7.85 37.90 38.05
C THR A 288 7.09 36.57 38.02
N GLU A 289 6.22 36.32 37.02
CA GLU A 289 5.47 35.07 37.00
C GLU A 289 6.17 34.01 36.16
N ASP A 290 7.30 34.36 35.53
CA ASP A 290 8.03 33.42 34.71
C ASP A 290 7.20 32.89 33.55
N PHE A 291 6.49 33.79 32.85
CA PHE A 291 5.95 33.48 31.53
C PHE A 291 6.73 34.20 30.44
N PRO A 292 7.07 33.51 29.35
CA PRO A 292 7.69 34.13 28.18
C PRO A 292 6.84 35.30 27.66
N LEU A 293 7.51 36.37 27.20
CA LEU A 293 6.88 37.56 26.67
C LEU A 293 7.76 38.19 25.62
N ASP A 294 7.21 38.37 24.40
CA ASP A 294 7.92 39.05 23.32
C ASP A 294 7.40 40.46 23.08
N THR A 295 6.07 40.67 23.20
CA THR A 295 5.42 41.87 22.70
C THR A 295 4.26 42.22 23.62
N ILE A 296 4.18 43.50 23.99
CA ILE A 296 3.00 44.02 24.64
C ILE A 296 2.23 44.91 23.64
N VAL A 297 0.90 44.83 23.68
CA VAL A 297 0.04 45.46 22.68
C VAL A 297 -0.80 46.51 23.39
N LEU A 298 -0.79 47.73 22.84
CA LEU A 298 -1.52 48.85 23.41
C LEU A 298 -2.75 49.17 22.54
N ASP A 299 -3.91 49.14 23.21
CA ASP A 299 -5.21 49.42 22.61
C ASP A 299 -5.50 50.92 22.78
N LEU A 300 -6.75 51.32 22.50
CA LEU A 300 -7.00 52.69 22.08
C LEU A 300 -6.80 53.69 23.22
N TYR A 301 -6.51 53.24 24.45
CA TYR A 301 -6.30 54.19 25.55
C TYR A 301 -4.93 54.89 25.48
N TRP A 302 -4.05 54.46 24.58
CA TRP A 302 -2.75 55.08 24.42
C TRP A 302 -2.89 56.49 23.85
N PHE A 303 -4.03 56.78 23.20
CA PHE A 303 -4.25 58.12 22.65
C PHE A 303 -5.40 58.87 23.32
N GLY A 304 -6.01 58.30 24.35
CA GLY A 304 -6.98 59.05 25.14
C GLY A 304 -7.67 58.20 26.21
N LYS A 305 -8.19 58.86 27.24
CA LYS A 305 -8.64 58.21 28.45
C LYS A 305 -10.03 57.58 28.30
N ASP A 306 -10.74 57.86 27.19
CA ASP A 306 -12.09 57.35 26.97
C ASP A 306 -12.11 56.55 25.68
N ILE A 307 -13.05 55.61 25.58
CA ILE A 307 -13.25 54.87 24.34
C ILE A 307 -13.71 55.86 23.25
N LYS A 308 -14.52 56.85 23.64
CA LYS A 308 -15.11 57.72 22.63
C LYS A 308 -14.38 59.06 22.63
N GLY A 309 -14.22 59.61 21.42
CA GLY A 309 -14.03 61.04 21.27
C GLY A 309 -12.57 61.44 21.03
N HIS A 310 -11.64 60.46 21.06
CA HIS A 310 -10.21 60.72 20.89
C HIS A 310 -9.66 60.09 19.62
N MET A 311 -10.35 59.09 19.08
CA MET A 311 -9.85 58.39 17.91
C MET A 311 -9.45 59.39 16.83
N GLY A 312 -8.18 59.27 16.42
CA GLY A 312 -7.62 60.08 15.35
C GLY A 312 -6.49 60.96 15.88
N ASN A 313 -6.41 61.07 17.21
CA ASN A 313 -5.29 61.75 17.87
C ASN A 313 -3.96 61.15 17.40
N LEU A 314 -3.90 59.82 17.28
CA LEU A 314 -2.70 59.12 16.85
C LEU A 314 -1.48 59.74 17.53
N ASP A 315 -1.56 59.86 18.84
CA ASP A 315 -0.45 60.41 19.57
C ASP A 315 -0.71 60.10 21.03
N TRP A 316 0.36 60.06 21.81
CA TRP A 316 0.28 59.63 23.19
C TRP A 316 -0.60 60.56 23.97
N ASP A 317 -1.45 59.97 24.82
CA ASP A 317 -2.14 60.68 25.88
C ASP A 317 -1.20 60.77 27.08
N LYS A 318 -0.59 61.96 27.23
CA LYS A 318 0.54 62.16 28.10
C LYS A 318 0.13 62.22 29.57
N GLU A 319 -1.16 62.45 29.87
CA GLU A 319 -1.65 62.42 31.24
C GLU A 319 -1.47 61.00 31.78
N ASN A 320 -1.59 59.98 30.92
CA ASN A 320 -1.60 58.57 31.31
C ASN A 320 -0.37 57.79 30.80
N PHE A 321 0.24 58.28 29.71
CA PHE A 321 1.48 57.76 29.19
C PHE A 321 2.50 58.89 29.13
N PRO A 322 3.05 59.32 30.29
CA PRO A 322 3.92 60.50 30.34
C PRO A 322 5.31 60.41 29.71
N THR A 323 5.88 59.20 29.57
CA THR A 323 7.25 59.03 29.11
C THR A 323 7.33 57.79 28.23
N PRO A 324 6.66 57.84 27.06
CA PRO A 324 6.55 56.65 26.22
C PRO A 324 7.83 56.23 25.54
N LEU A 325 8.71 57.20 25.18
CA LEU A 325 9.98 56.84 24.58
C LEU A 325 10.79 55.99 25.56
N ASP A 326 10.82 56.42 26.81
CA ASP A 326 11.51 55.68 27.85
C ASP A 326 10.85 54.31 28.07
N MET A 327 9.50 54.31 28.08
CA MET A 327 8.75 53.09 28.26
C MET A 327 9.18 52.07 27.21
N MET A 328 9.14 52.46 25.94
CA MET A 328 9.42 51.54 24.87
C MET A 328 10.89 51.10 24.88
N ALA A 329 11.79 52.03 25.21
CA ALA A 329 13.21 51.72 25.29
C ALA A 329 13.44 50.71 26.42
N ASP A 330 12.83 50.98 27.58
CA ASP A 330 12.94 50.13 28.77
C ASP A 330 12.46 48.72 28.46
N PHE A 331 11.35 48.60 27.72
CA PHE A 331 10.85 47.33 27.25
C PHE A 331 11.84 46.68 26.29
N LYS A 332 12.42 47.44 25.36
CA LYS A 332 13.38 46.86 24.44
C LYS A 332 14.56 46.27 25.21
N GLN A 333 14.98 46.92 26.29
CA GLN A 333 16.05 46.39 27.13
C GLN A 333 15.69 45.02 27.68
N GLN A 334 14.40 44.71 27.82
CA GLN A 334 14.00 43.39 28.31
C GLN A 334 13.54 42.52 27.17
N GLY A 335 13.86 42.90 25.92
CA GLY A 335 13.55 42.07 24.77
C GLY A 335 12.06 42.09 24.41
N VAL A 336 11.36 43.14 24.87
CA VAL A 336 9.93 43.28 24.65
C VAL A 336 9.63 44.43 23.67
N LYS A 337 8.88 44.11 22.61
CA LYS A 337 8.40 45.09 21.63
C LYS A 337 7.07 45.72 22.04
N THR A 338 6.82 46.95 21.52
CA THR A 338 5.55 47.65 21.65
C THR A 338 4.79 47.72 20.31
N VAL A 339 3.49 47.37 20.37
CA VAL A 339 2.58 47.44 19.25
C VAL A 339 1.42 48.35 19.64
N LEU A 340 1.06 49.24 18.71
CA LEU A 340 0.03 50.23 18.94
C LEU A 340 -1.10 49.98 17.94
N ILE A 341 -2.33 50.15 18.42
CA ILE A 341 -3.53 50.07 17.62
C ILE A 341 -3.69 51.41 16.88
N THR A 342 -4.14 51.32 15.64
CA THR A 342 -4.61 52.49 14.93
C THR A 342 -5.91 52.11 14.26
N GLU A 343 -6.64 53.14 13.80
CA GLU A 343 -7.91 52.94 13.11
C GLU A 343 -8.06 53.89 11.91
N PRO A 344 -9.00 53.60 10.98
CA PRO A 344 -9.20 54.43 9.79
C PRO A 344 -9.77 55.81 10.04
N PHE A 345 -10.39 56.01 11.21
CA PHE A 345 -11.26 57.15 11.43
C PHE A 345 -10.55 58.26 12.18
N VAL A 346 -10.83 59.50 11.77
CA VAL A 346 -10.44 60.68 12.51
C VAL A 346 -11.69 61.44 12.93
N LEU A 347 -11.90 61.54 14.24
CA LEU A 347 -13.07 62.19 14.79
C LEU A 347 -12.91 63.71 14.73
N THR A 348 -14.06 64.38 14.63
CA THR A 348 -14.07 65.84 14.54
C THR A 348 -13.66 66.42 15.88
N SER A 349 -13.79 65.61 16.95
CA SER A 349 -13.39 66.00 18.29
C SER A 349 -11.90 65.74 18.55
N SER A 350 -11.22 65.04 17.64
CA SER A 350 -9.80 64.72 17.79
C SER A 350 -8.94 65.92 17.45
N LYS A 351 -7.67 65.87 17.90
CA LYS A 351 -6.70 66.94 17.73
C LYS A 351 -6.22 67.02 16.29
N ARG A 352 -6.43 65.95 15.50
CA ARG A 352 -5.98 65.93 14.13
C ARG A 352 -7.08 66.21 13.09
N TRP A 353 -8.31 66.55 13.51
CA TRP A 353 -9.38 66.85 12.56
C TRP A 353 -9.00 67.95 11.56
N ASP A 354 -8.73 69.16 12.07
CA ASP A 354 -8.45 70.33 11.24
C ASP A 354 -7.27 70.08 10.30
N ASP A 355 -6.25 69.38 10.80
CA ASP A 355 -5.06 69.10 10.02
C ASP A 355 -5.36 68.11 8.89
N ALA A 356 -6.16 67.07 9.16
CA ALA A 356 -6.50 66.09 8.12
C ALA A 356 -7.36 66.74 7.04
N VAL A 357 -8.30 67.57 7.48
CA VAL A 357 -9.10 68.35 6.54
C VAL A 357 -8.16 69.23 5.71
N LYS A 358 -7.29 69.98 6.38
CA LYS A 358 -6.37 70.89 5.70
C LYS A 358 -5.53 70.15 4.67
N ALA A 359 -5.08 68.93 5.00
CA ALA A 359 -4.25 68.12 4.13
C ALA A 359 -5.06 67.35 3.09
N LYS A 360 -6.40 67.35 3.15
CA LYS A 360 -7.20 66.65 2.15
C LYS A 360 -6.97 65.15 2.25
N ALA A 361 -6.90 64.67 3.51
CA ALA A 361 -6.53 63.29 3.80
C ALA A 361 -7.77 62.41 3.92
N LEU A 362 -8.94 63.00 4.19
CA LEU A 362 -10.16 62.22 4.41
C LEU A 362 -10.95 62.01 3.11
N ALA A 363 -11.77 60.95 3.09
CA ALA A 363 -12.78 60.80 2.07
C ALA A 363 -13.80 61.93 2.15
N LYS A 364 -14.39 62.21 0.98
CA LYS A 364 -15.24 63.37 0.75
C LYS A 364 -16.68 62.92 0.47
N ASP A 365 -17.63 63.85 0.60
CA ASP A 365 -18.97 63.68 0.04
C ASP A 365 -18.93 64.08 -1.44
N PRO A 366 -20.03 63.84 -2.22
CA PRO A 366 -20.04 64.18 -3.65
C PRO A 366 -19.90 65.68 -3.90
N GLN A 367 -20.30 66.48 -2.89
CA GLN A 367 -20.16 67.93 -2.83
C GLN A 367 -18.72 68.40 -2.61
N GLY A 368 -17.77 67.50 -2.26
CA GLY A 368 -16.33 67.82 -2.27
C GLY A 368 -15.74 68.13 -0.88
N GLN A 369 -16.58 68.01 0.16
CA GLN A 369 -16.19 68.28 1.53
C GLN A 369 -15.81 66.99 2.24
N PRO A 370 -15.03 67.06 3.36
CA PRO A 370 -14.80 65.90 4.23
C PRO A 370 -16.12 65.27 4.65
N LYS A 371 -16.29 63.98 4.36
CA LYS A 371 -17.46 63.24 4.79
C LYS A 371 -17.30 62.91 6.28
N ALA A 372 -18.32 63.28 7.07
CA ALA A 372 -18.37 63.02 8.49
C ALA A 372 -19.61 62.20 8.81
N PHE A 373 -19.50 61.25 9.74
CA PHE A 373 -20.60 60.36 10.08
C PHE A 373 -20.42 59.84 11.51
N GLU A 374 -21.52 59.35 12.10
CA GLU A 374 -21.58 59.08 13.53
C GLU A 374 -21.18 57.64 13.80
N LEU A 375 -19.97 57.44 14.31
CA LEU A 375 -19.52 56.10 14.69
C LEU A 375 -19.87 55.89 16.15
N TYR A 376 -19.66 54.67 16.64
CA TYR A 376 -19.71 54.43 18.07
C TYR A 376 -18.86 55.49 18.80
N PHE A 377 -17.65 55.76 18.27
CA PHE A 377 -16.65 56.57 18.96
C PHE A 377 -16.99 58.05 18.89
N GLY A 378 -17.80 58.41 17.88
CA GLY A 378 -18.34 59.76 17.77
C GLY A 378 -18.42 60.15 16.31
N ASN A 379 -18.55 61.44 16.04
CA ASN A 379 -18.71 61.94 14.69
C ASN A 379 -17.32 62.08 14.07
N GLY A 380 -17.09 61.52 12.88
CA GLY A 380 -15.77 61.59 12.30
C GLY A 380 -15.75 61.14 10.84
N GLY A 381 -14.58 61.32 10.24
CA GLY A 381 -14.30 60.95 8.86
C GLY A 381 -13.43 59.70 8.76
N ILE A 382 -13.12 59.31 7.54
CA ILE A 382 -12.27 58.16 7.30
C ILE A 382 -11.13 58.60 6.41
N ILE A 383 -9.90 58.22 6.81
CA ILE A 383 -8.69 58.53 6.07
C ILE A 383 -8.76 57.81 4.73
N ASP A 384 -8.46 58.54 3.66
CA ASP A 384 -8.58 57.97 2.34
C ASP A 384 -7.23 57.39 1.92
N VAL A 385 -7.05 56.10 2.20
CA VAL A 385 -5.83 55.40 1.87
C VAL A 385 -5.70 55.17 0.38
N PHE A 386 -6.80 55.36 -0.38
CA PHE A 386 -6.71 55.26 -1.84
C PHE A 386 -6.24 56.58 -2.46
N SER A 387 -6.01 57.66 -1.70
CA SER A 387 -5.53 58.89 -2.31
C SER A 387 -4.04 59.09 -2.04
N LYS A 388 -3.38 59.90 -2.87
CA LYS A 388 -2.00 60.33 -2.60
C LYS A 388 -1.97 61.05 -1.26
N GLU A 389 -2.88 62.00 -1.03
CA GLU A 389 -2.81 62.89 0.12
C GLU A 389 -3.10 62.13 1.42
N GLY A 390 -4.14 61.30 1.43
CA GLY A 390 -4.42 60.46 2.58
C GLY A 390 -3.25 59.54 2.92
N SER A 391 -2.67 58.88 1.91
CA SER A 391 -1.58 57.95 2.10
C SER A 391 -0.38 58.66 2.74
N ARG A 392 0.02 59.82 2.18
CA ARG A 392 1.17 60.55 2.67
C ARG A 392 0.88 61.03 4.10
N TRP A 393 -0.33 61.52 4.34
CA TRP A 393 -0.59 62.07 5.65
C TRP A 393 -0.51 60.95 6.71
N PHE A 394 -1.05 59.77 6.37
CA PHE A 394 -1.18 58.66 7.33
C PHE A 394 0.20 58.02 7.52
N SER A 395 0.88 57.73 6.41
CA SER A 395 2.24 57.21 6.39
C SER A 395 3.20 58.01 7.27
N SER A 396 3.12 59.34 7.17
CA SER A 396 3.97 60.22 7.94
C SER A 396 3.75 60.08 9.46
N ILE A 397 2.50 59.78 9.84
CA ILE A 397 2.18 59.58 11.24
C ILE A 397 2.82 58.25 11.70
N TYR A 398 2.68 57.19 10.90
CA TYR A 398 3.31 55.92 11.25
C TYR A 398 4.84 56.06 11.33
N LYS A 399 5.44 56.87 10.46
CA LYS A 399 6.88 57.10 10.47
C LYS A 399 7.32 57.72 11.80
N ASP A 400 6.64 58.76 12.24
CA ASP A 400 7.03 59.47 13.44
C ASP A 400 6.98 58.53 14.66
N LEU A 401 5.89 57.76 14.77
CA LEU A 401 5.68 56.90 15.93
C LEU A 401 6.67 55.75 15.88
N SER A 402 6.97 55.24 14.67
CA SER A 402 7.90 54.14 14.52
C SER A 402 9.30 54.58 14.95
N LYS A 403 9.63 55.85 14.68
CA LYS A 403 10.92 56.43 15.04
C LYS A 403 11.01 56.52 16.55
N GLN A 404 9.88 56.72 17.21
CA GLN A 404 9.86 56.85 18.64
C GLN A 404 10.16 55.53 19.37
N GLY A 405 10.00 54.38 18.69
CA GLY A 405 10.24 53.07 19.28
C GLY A 405 9.19 51.99 18.97
N VAL A 406 8.08 52.32 18.30
CA VAL A 406 7.04 51.33 18.01
C VAL A 406 7.56 50.30 17.01
N ALA A 407 7.43 48.99 17.34
CA ALA A 407 8.03 47.93 16.55
C ALA A 407 7.04 47.31 15.58
N GLY A 408 5.77 47.52 15.85
CA GLY A 408 4.75 46.78 15.13
C GLY A 408 3.41 47.48 15.23
N TRP A 409 2.48 47.07 14.36
CA TRP A 409 1.28 47.82 14.14
C TRP A 409 0.03 46.95 14.10
N TRP A 410 -0.98 47.49 14.77
CA TRP A 410 -2.30 46.90 14.82
C TRP A 410 -3.30 47.84 14.14
N GLY A 411 -4.03 47.35 13.14
CA GLY A 411 -5.04 48.16 12.48
C GLY A 411 -6.41 47.55 12.62
N ASP A 412 -7.24 48.19 13.45
CA ASP A 412 -8.56 47.74 13.83
C ASP A 412 -9.61 48.44 12.93
N LEU A 413 -10.81 47.85 12.73
CA LEU A 413 -11.96 48.53 12.14
C LEU A 413 -11.81 48.82 10.64
N GLY A 414 -11.01 48.01 9.93
CA GLY A 414 -10.73 48.28 8.53
C GLY A 414 -11.76 47.70 7.57
N GLU A 415 -12.94 47.32 8.06
CA GLU A 415 -13.94 46.67 7.20
C GLU A 415 -14.32 47.55 6.00
N PRO A 416 -14.35 48.91 6.07
CA PRO A 416 -14.36 49.69 7.30
C PRO A 416 -15.62 49.47 8.13
N GLU A 417 -15.50 49.57 9.45
CA GLU A 417 -16.59 49.16 10.32
C GLU A 417 -17.86 49.94 9.98
N MET A 418 -17.72 51.24 9.70
CA MET A 418 -18.83 52.04 9.20
C MET A 418 -18.34 52.74 7.96
N HIS A 419 -19.14 52.68 6.90
CA HIS A 419 -18.71 53.11 5.58
C HIS A 419 -19.94 53.55 4.77
N PRO A 420 -20.51 54.73 5.04
CA PRO A 420 -21.71 55.20 4.34
C PRO A 420 -21.53 55.21 2.82
N GLU A 421 -22.61 54.83 2.13
CA GLU A 421 -22.66 54.57 0.70
C GLU A 421 -22.14 55.75 -0.14
N ASP A 422 -22.38 56.95 0.33
CA ASP A 422 -22.05 58.13 -0.47
C ASP A 422 -20.70 58.72 -0.06
N THR A 423 -19.91 57.99 0.73
CA THR A 423 -18.53 58.38 0.97
C THR A 423 -17.78 58.22 -0.34
N GLN A 424 -16.91 59.19 -0.67
CA GLN A 424 -16.17 59.12 -1.93
C GLN A 424 -14.66 59.02 -1.69
N HIS A 425 -14.07 57.97 -2.26
CA HIS A 425 -12.63 57.74 -2.24
C HIS A 425 -12.05 58.16 -3.58
N ALA A 426 -10.75 58.44 -3.61
CA ALA A 426 -10.12 58.88 -4.84
C ALA A 426 -10.51 58.00 -6.03
N ILE A 427 -10.76 56.68 -5.86
CA ILE A 427 -10.92 55.79 -7.00
C ILE A 427 -12.35 55.26 -7.12
N GLY A 428 -13.24 55.65 -6.21
CA GLY A 428 -14.61 55.17 -6.30
C GLY A 428 -15.36 55.46 -5.03
N ASP A 429 -16.65 55.07 -5.02
CA ASP A 429 -17.46 55.27 -3.84
C ASP A 429 -17.24 54.12 -2.84
N ALA A 430 -17.72 54.31 -1.62
CA ALA A 430 -17.60 53.36 -0.53
C ALA A 430 -18.02 51.95 -0.94
N ASP A 431 -19.21 51.84 -1.53
CA ASP A 431 -19.74 50.55 -1.94
C ASP A 431 -18.91 49.91 -3.04
N THR A 432 -18.15 50.71 -3.80
CA THR A 432 -17.35 50.14 -4.87
C THR A 432 -16.01 49.60 -4.34
N VAL A 433 -15.41 50.27 -3.33
CA VAL A 433 -14.04 49.96 -2.88
C VAL A 433 -14.02 49.17 -1.56
N HIS A 434 -15.19 48.99 -0.93
CA HIS A 434 -15.33 48.58 0.45
C HIS A 434 -14.42 47.42 0.85
N ASN A 435 -14.42 46.36 0.07
CA ASN A 435 -13.78 45.12 0.46
C ASN A 435 -12.28 45.14 0.22
N ALA A 436 -11.74 46.30 -0.21
CA ALA A 436 -10.34 46.46 -0.53
C ALA A 436 -9.72 47.58 0.29
N TYR A 437 -10.52 48.23 1.14
CA TYR A 437 -10.01 49.32 1.97
C TYR A 437 -8.85 48.81 2.86
N GLY A 438 -9.10 47.77 3.68
CA GLY A 438 -8.11 47.26 4.62
C GLY A 438 -6.86 46.75 3.90
N HIS A 439 -7.09 46.16 2.72
CA HIS A 439 -6.06 45.66 1.84
C HIS A 439 -5.11 46.79 1.48
N ARG A 440 -5.66 47.92 1.02
CA ARG A 440 -4.81 49.03 0.61
C ARG A 440 -4.19 49.67 1.84
N TRP A 441 -4.92 49.67 2.96
CA TRP A 441 -4.35 50.15 4.21
C TRP A 441 -3.07 49.38 4.55
N ALA A 442 -3.12 48.05 4.38
CA ALA A 442 -1.98 47.19 4.67
C ALA A 442 -0.85 47.50 3.70
N GLU A 443 -1.19 47.61 2.41
CA GLU A 443 -0.18 47.83 1.39
C GLU A 443 0.58 49.10 1.73
N MET A 444 -0.16 50.12 2.16
CA MET A 444 0.35 51.44 2.44
C MET A 444 1.35 51.33 3.59
N LEU A 445 0.91 50.68 4.66
CA LEU A 445 1.68 50.59 5.90
C LEU A 445 2.91 49.71 5.67
N TYR A 446 2.72 48.63 4.90
CA TYR A 446 3.84 47.76 4.56
C TYR A 446 4.91 48.56 3.84
N GLN A 447 4.56 49.18 2.69
CA GLN A 447 5.50 49.96 1.90
C GLN A 447 6.21 50.96 2.80
N GLN A 448 5.45 51.63 3.67
CA GLN A 448 6.01 52.64 4.56
C GLN A 448 7.04 52.03 5.51
N GLN A 449 6.71 50.87 6.09
CA GLN A 449 7.60 50.24 7.06
C GLN A 449 8.86 49.73 6.35
N LEU A 450 8.72 49.22 5.12
CA LEU A 450 9.87 48.76 4.35
C LEU A 450 10.79 49.92 3.99
N ASP A 451 10.23 51.10 3.72
CA ASP A 451 11.02 52.24 3.34
C ASP A 451 11.71 52.80 4.59
N GLN A 452 11.02 52.81 5.74
CA GLN A 452 11.63 53.33 6.94
C GLN A 452 12.70 52.37 7.50
N PHE A 453 12.45 51.06 7.42
CA PHE A 453 13.28 50.03 8.05
C PHE A 453 13.48 48.89 7.06
N PRO A 454 14.31 49.09 6.02
CA PRO A 454 14.50 48.06 5.01
C PRO A 454 15.15 46.76 5.52
N GLU A 455 15.70 46.80 6.73
CA GLU A 455 16.41 45.63 7.24
C GLU A 455 15.55 44.93 8.30
N LEU A 456 14.27 45.29 8.37
CA LEU A 456 13.34 44.68 9.30
C LEU A 456 12.07 44.20 8.59
N ARG A 457 11.49 43.15 9.18
CA ARG A 457 10.24 42.57 8.71
C ARG A 457 9.06 43.27 9.38
N PRO A 458 8.12 43.86 8.60
CA PRO A 458 6.98 44.54 9.20
C PRO A 458 6.07 43.55 9.91
N PHE A 459 5.51 44.00 11.03
CA PHE A 459 4.39 43.34 11.70
C PHE A 459 3.13 44.20 11.55
N ILE A 460 2.17 43.68 10.78
CA ILE A 460 0.92 44.38 10.50
C ILE A 460 -0.26 43.46 10.86
N MET A 461 -0.98 43.80 11.92
CA MET A 461 -2.09 42.96 12.35
C MET A 461 -3.40 43.69 12.04
N MET A 462 -4.29 43.04 11.29
CA MET A 462 -5.50 43.70 10.81
C MET A 462 -6.68 42.73 10.79
N ARG A 463 -7.90 43.31 10.79
CA ARG A 463 -9.16 42.62 10.94
C ARG A 463 -9.84 42.34 9.60
N ALA A 464 -9.43 43.04 8.55
CA ALA A 464 -10.09 42.94 7.26
C ALA A 464 -9.14 43.24 6.13
N GLY A 465 -9.22 42.41 5.09
CA GLY A 465 -8.43 42.60 3.89
C GLY A 465 -9.18 42.05 2.68
N PHE A 466 -8.38 41.70 1.67
CA PHE A 466 -8.89 41.16 0.45
C PHE A 466 -7.99 39.99 0.07
N VAL A 467 -8.38 39.25 -0.97
CA VAL A 467 -7.51 38.24 -1.56
C VAL A 467 -6.19 38.92 -1.91
N GLY A 468 -5.09 38.30 -1.47
CA GLY A 468 -3.74 38.78 -1.73
C GLY A 468 -3.18 39.70 -0.65
N SER A 469 -3.96 40.01 0.39
CA SER A 469 -3.45 40.92 1.41
C SER A 469 -2.25 40.32 2.16
N GLN A 470 -2.06 39.00 2.05
CA GLN A 470 -0.93 38.32 2.66
C GLN A 470 0.41 38.84 2.09
N ARG A 471 0.40 39.36 0.86
CA ARG A 471 1.62 39.87 0.24
C ARG A 471 2.07 41.16 0.91
N TYR A 472 1.21 41.78 1.72
CA TYR A 472 1.59 42.95 2.48
C TYR A 472 1.84 42.56 3.94
N GLY A 473 2.05 41.27 4.23
CA GLY A 473 2.32 40.80 5.57
C GLY A 473 1.09 40.77 6.49
N MET A 474 -0.14 40.82 5.93
CA MET A 474 -1.29 40.96 6.80
C MET A 474 -1.39 39.75 7.74
N ILE A 475 -1.54 40.03 9.03
CA ILE A 475 -1.78 39.01 10.01
C ILE A 475 -3.18 39.23 10.58
N PRO A 476 -4.18 38.46 10.13
CA PRO A 476 -5.55 38.70 10.58
C PRO A 476 -5.90 37.92 11.84
N TRP A 477 -6.82 38.50 12.62
CA TRP A 477 -7.48 37.82 13.72
C TRP A 477 -9.00 37.86 13.52
N THR A 478 -9.73 36.94 14.18
CA THR A 478 -11.14 36.68 13.93
C THR A 478 -12.06 37.57 14.77
N GLY A 479 -11.67 38.81 15.03
CA GLY A 479 -12.54 39.81 15.59
C GLY A 479 -13.03 39.53 17.02
N ASP A 480 -14.17 40.15 17.35
CA ASP A 480 -14.64 40.30 18.69
C ASP A 480 -15.40 39.04 19.14
N VAL A 481 -14.70 37.90 19.16
CA VAL A 481 -15.36 36.65 19.55
C VAL A 481 -15.88 36.73 20.98
N SER A 482 -17.03 36.09 21.20
CA SER A 482 -17.62 36.06 22.54
C SER A 482 -16.77 35.17 23.47
N ARG A 483 -16.95 35.37 24.76
CA ARG A 483 -16.32 34.51 25.76
C ARG A 483 -17.20 33.28 26.06
N THR A 484 -17.44 32.47 25.04
CA THR A 484 -18.23 31.26 25.13
C THR A 484 -17.51 30.11 24.43
N TRP A 485 -17.88 28.89 24.84
CA TRP A 485 -17.42 27.69 24.17
C TRP A 485 -17.77 27.75 22.69
N GLY A 486 -18.92 28.30 22.32
CA GLY A 486 -19.25 28.37 20.91
C GLY A 486 -18.23 29.24 20.16
N GLY A 487 -17.85 30.37 20.76
CA GLY A 487 -16.76 31.19 20.24
C GLY A 487 -15.48 30.38 19.97
N LEU A 488 -15.09 29.52 20.93
CA LEU A 488 -13.90 28.70 20.74
C LEU A 488 -14.11 27.64 19.66
N ALA A 489 -15.30 27.01 19.72
CA ALA A 489 -15.63 25.89 18.85
C ALA A 489 -15.60 26.28 17.37
N SER A 490 -15.77 27.59 17.07
CA SER A 490 -15.79 28.06 15.70
C SER A 490 -14.41 28.42 15.18
N GLN A 491 -13.38 28.49 16.04
CA GLN A 491 -12.11 29.07 15.64
C GLN A 491 -11.36 28.24 14.61
N VAL A 492 -11.50 26.91 14.62
CA VAL A 492 -10.76 26.05 13.71
C VAL A 492 -11.36 26.24 12.33
N GLU A 493 -12.70 26.30 12.27
CA GLU A 493 -13.38 26.44 10.98
C GLU A 493 -12.89 27.74 10.32
N LEU A 494 -12.96 28.81 11.08
CA LEU A 494 -12.53 30.12 10.60
C LEU A 494 -11.05 30.09 10.19
N ALA A 495 -10.19 29.47 11.02
CA ALA A 495 -8.77 29.47 10.73
C ALA A 495 -8.52 28.71 9.46
N LEU A 496 -9.12 27.54 9.29
CA LEU A 496 -8.83 26.74 8.10
C LEU A 496 -9.35 27.42 6.83
N GLN A 497 -10.51 28.07 6.93
CA GLN A 497 -11.13 28.69 5.77
C GLN A 497 -10.22 29.81 5.28
N MET A 498 -9.65 30.58 6.23
CA MET A 498 -8.75 31.67 5.90
C MET A 498 -7.39 31.14 5.44
N SER A 499 -6.90 30.07 6.12
CA SER A 499 -5.62 29.46 5.81
C SER A 499 -5.58 28.95 4.39
N LEU A 500 -6.68 28.35 3.94
CA LEU A 500 -6.71 27.69 2.65
C LEU A 500 -6.61 28.69 1.49
N LEU A 501 -6.98 29.94 1.76
CA LEU A 501 -7.04 31.00 0.75
C LEU A 501 -6.10 32.16 1.09
N GLY A 502 -5.03 31.83 1.82
CA GLY A 502 -3.79 32.60 1.75
C GLY A 502 -3.30 33.15 3.09
N PHE A 503 -4.03 32.94 4.18
CA PHE A 503 -3.74 33.66 5.41
C PHE A 503 -3.22 32.70 6.49
N GLY A 504 -1.92 32.39 6.40
CA GLY A 504 -1.28 31.46 7.31
C GLY A 504 -1.35 31.88 8.78
N TYR A 505 -1.47 33.18 9.07
CA TYR A 505 -1.31 33.66 10.43
C TYR A 505 -2.63 34.08 11.05
N ILE A 506 -3.74 33.59 10.48
CA ILE A 506 -5.05 33.77 11.07
C ILE A 506 -5.05 33.16 12.47
N HIS A 507 -5.61 33.90 13.43
CA HIS A 507 -5.69 33.43 14.79
C HIS A 507 -6.88 34.08 15.48
N SER A 508 -7.08 33.73 16.76
CA SER A 508 -8.16 34.30 17.55
C SER A 508 -7.60 35.05 18.75
N ASP A 509 -8.43 35.94 19.29
CA ASP A 509 -8.30 36.46 20.63
C ASP A 509 -8.42 35.33 21.65
N LEU A 510 -7.25 34.86 22.12
CA LEU A 510 -7.21 33.70 23.00
C LEU A 510 -7.91 33.99 24.33
N GLY A 511 -8.76 33.04 24.73
CA GLY A 511 -9.58 33.19 25.93
C GLY A 511 -10.94 33.83 25.64
N GLY A 512 -11.05 34.45 24.47
CA GLY A 512 -12.24 35.21 24.12
C GLY A 512 -12.17 36.66 24.56
N PHE A 513 -12.93 37.48 23.83
CA PHE A 513 -12.85 38.94 23.86
C PHE A 513 -14.08 39.59 24.47
N ALA A 514 -15.30 39.28 23.96
CA ALA A 514 -16.49 40.09 24.22
C ALA A 514 -17.31 39.64 25.44
N ASP A 515 -17.71 40.64 26.24
CA ASP A 515 -18.71 40.57 27.30
C ASP A 515 -18.22 39.61 28.37
N GLY A 516 -19.14 38.80 28.92
CA GLY A 516 -18.85 38.00 30.10
C GLY A 516 -18.89 38.90 31.32
N GLU A 517 -19.16 38.33 32.48
CA GLU A 517 -19.07 39.08 33.72
C GLU A 517 -18.03 38.47 34.66
N THR A 518 -17.75 37.18 34.51
CA THR A 518 -16.74 36.52 35.33
C THR A 518 -16.06 35.48 34.45
N LEU A 519 -14.79 35.22 34.74
CA LEU A 519 -13.98 34.35 33.90
C LEU A 519 -14.60 32.96 33.90
N ASP A 520 -14.69 32.37 32.71
CA ASP A 520 -14.98 30.95 32.58
C ASP A 520 -13.65 30.22 32.50
N LYS A 521 -13.19 29.75 33.65
CA LYS A 521 -11.81 29.26 33.79
C LYS A 521 -11.53 28.11 32.83
N GLU A 522 -12.40 27.10 32.82
CA GLU A 522 -12.17 25.94 31.98
C GLU A 522 -12.10 26.30 30.50
N MET A 523 -12.97 27.22 30.07
CA MET A 523 -12.98 27.60 28.67
C MET A 523 -11.68 28.36 28.38
N TYR A 524 -11.29 29.26 29.29
CA TYR A 524 -10.05 30.03 29.14
C TYR A 524 -8.86 29.07 28.94
N ILE A 525 -8.73 28.09 29.83
CA ILE A 525 -7.60 27.16 29.77
C ILE A 525 -7.63 26.42 28.43
N ARG A 526 -8.80 25.91 28.04
CA ARG A 526 -8.89 25.18 26.80
C ARG A 526 -8.46 26.07 25.63
N TRP A 527 -8.82 27.35 25.70
CA TRP A 527 -8.57 28.26 24.59
C TRP A 527 -7.07 28.55 24.48
N LEU A 528 -6.42 28.78 25.63
CA LEU A 528 -4.99 29.03 25.63
C LEU A 528 -4.16 27.77 25.39
N GLN A 529 -4.75 26.56 25.55
CA GLN A 529 -4.07 25.32 25.17
C GLN A 529 -4.07 25.19 23.65
N TYR A 530 -5.26 25.39 23.04
CA TYR A 530 -5.35 25.41 21.61
C TYR A 530 -4.40 26.48 21.07
N GLY A 531 -4.34 27.63 21.73
CA GLY A 531 -3.47 28.72 21.32
C GLY A 531 -2.08 28.26 20.88
N VAL A 532 -1.48 27.35 21.66
CA VAL A 532 -0.12 26.90 21.42
C VAL A 532 0.01 26.33 20.03
N PHE A 533 -1.06 25.70 19.52
CA PHE A 533 -1.04 24.98 18.26
C PHE A 533 -1.84 25.72 17.18
N GLN A 534 -1.83 27.06 17.26
CA GLN A 534 -2.37 27.90 16.21
C GLN A 534 -1.44 29.11 16.03
N PRO A 535 -1.57 29.84 14.89
CA PRO A 535 -0.50 30.73 14.44
C PRO A 535 0.08 31.82 15.32
N VAL A 536 -0.73 32.50 16.12
CA VAL A 536 -0.26 33.67 16.83
C VAL A 536 -0.78 33.58 18.24
N TYR A 537 0.15 33.59 19.22
CA TYR A 537 -0.19 33.35 20.63
C TYR A 537 -0.55 34.70 21.29
N ARG A 538 -1.80 35.14 21.09
CA ARG A 538 -2.22 36.47 21.52
C ARG A 538 -3.55 36.43 22.28
N PRO A 539 -3.51 36.15 23.58
CA PRO A 539 -4.70 36.34 24.42
C PRO A 539 -5.05 37.81 24.52
N HIS A 540 -6.36 38.11 24.46
CA HIS A 540 -6.85 39.48 24.35
C HIS A 540 -8.35 39.52 24.69
N GLY A 541 -8.76 40.40 25.61
CA GLY A 541 -10.15 40.46 25.96
C GLY A 541 -10.47 41.79 26.61
N GLN A 542 -11.76 42.11 26.72
CA GLN A 542 -12.17 43.33 27.39
C GLN A 542 -11.74 43.23 28.85
N ASP A 543 -11.25 44.35 29.39
CA ASP A 543 -10.36 44.31 30.54
C ASP A 543 -11.15 44.18 31.86
N HIS A 544 -12.47 43.92 31.84
CA HIS A 544 -13.19 43.64 33.08
C HIS A 544 -12.91 42.19 33.53
N ILE A 545 -12.41 41.39 32.61
CA ILE A 545 -11.88 40.07 32.91
C ILE A 545 -10.48 39.98 32.31
N PRO A 546 -9.46 39.60 33.08
CA PRO A 546 -8.09 39.50 32.56
C PRO A 546 -7.93 38.53 31.41
N SER A 547 -7.30 39.00 30.33
CA SER A 547 -6.97 38.16 29.18
C SER A 547 -5.59 37.51 29.31
N GLU A 548 -4.67 38.14 30.03
CA GLU A 548 -3.27 37.66 30.01
C GLU A 548 -3.09 36.49 30.99
N PRO A 549 -2.32 35.44 30.63
CA PRO A 549 -2.21 34.25 31.48
C PRO A 549 -1.59 34.50 32.85
N VAL A 550 -0.82 35.58 32.98
CA VAL A 550 -0.07 35.92 34.18
C VAL A 550 -0.99 36.44 35.25
N PHE A 551 -2.24 36.81 34.89
CA PHE A 551 -3.18 37.34 35.86
C PHE A 551 -4.18 36.28 36.32
N GLN A 552 -3.90 34.98 36.10
CA GLN A 552 -4.87 33.94 36.39
C GLN A 552 -4.51 33.31 37.74
N ASP A 553 -5.36 32.40 38.23
CA ASP A 553 -5.15 31.80 39.54
C ASP A 553 -4.01 30.78 39.45
N GLU A 554 -3.60 30.26 40.61
CA GLU A 554 -2.45 29.37 40.70
C GLU A 554 -2.63 28.16 39.79
N GLU A 555 -3.79 27.53 39.83
CA GLU A 555 -3.97 26.32 39.05
C GLU A 555 -3.84 26.63 37.56
N THR A 556 -4.38 27.79 37.16
CA THR A 556 -4.42 28.14 35.74
C THR A 556 -2.99 28.35 35.26
N LYS A 557 -2.22 29.10 36.04
CA LYS A 557 -0.85 29.37 35.65
C LYS A 557 -0.03 28.08 35.65
N ALA A 558 -0.27 27.17 36.61
CA ALA A 558 0.51 25.93 36.68
C ALA A 558 0.21 25.08 35.45
N ILE A 559 -1.01 25.20 34.89
CA ILE A 559 -1.30 24.49 33.65
C ILE A 559 -0.67 25.21 32.43
N LEU A 560 -0.84 26.52 32.30
CA LEU A 560 -0.45 27.19 31.06
C LEU A 560 1.05 27.54 30.99
N ARG A 561 1.70 27.82 32.11
CA ARG A 561 3.11 28.21 32.10
C ARG A 561 3.95 27.23 31.28
N PRO A 562 3.92 25.91 31.51
CA PRO A 562 4.71 24.99 30.70
C PRO A 562 4.30 24.89 29.23
N LEU A 563 3.05 25.24 28.96
CA LEU A 563 2.57 25.18 27.58
C LEU A 563 3.05 26.42 26.81
N VAL A 564 3.06 27.57 27.46
CA VAL A 564 3.61 28.76 26.84
C VAL A 564 5.13 28.56 26.63
N LYS A 565 5.83 28.00 27.63
CA LYS A 565 7.24 27.66 27.44
C LYS A 565 7.38 26.68 26.29
N LEU A 566 6.45 25.72 26.20
CA LEU A 566 6.49 24.75 25.13
C LEU A 566 6.42 25.42 23.76
N ARG A 567 5.60 26.46 23.65
CA ARG A 567 5.47 27.18 22.40
C ARG A 567 6.85 27.72 22.00
N TYR A 568 7.61 28.26 22.96
CA TYR A 568 8.96 28.72 22.69
C TYR A 568 9.93 27.59 22.36
N ARG A 569 9.79 26.45 23.04
CA ARG A 569 10.67 25.32 22.82
C ARG A 569 10.45 24.78 21.41
N MET A 570 9.20 24.91 20.91
CA MET A 570 8.83 24.45 19.58
C MET A 570 9.11 25.48 18.46
N LEU A 571 9.62 26.68 18.78
CA LEU A 571 9.92 27.68 17.76
C LEU A 571 10.62 27.09 16.54
N PRO A 572 11.57 26.13 16.62
CA PRO A 572 12.10 25.52 15.40
C PRO A 572 11.04 24.90 14.50
N TYR A 573 10.04 24.26 15.11
CA TYR A 573 9.00 23.55 14.35
C TYR A 573 8.10 24.56 13.63
N ILE A 574 7.72 25.61 14.35
CA ILE A 574 6.73 26.58 13.92
C ILE A 574 7.37 27.46 12.85
N TYR A 575 8.57 27.95 13.16
CA TYR A 575 9.33 28.84 12.31
C TYR A 575 9.66 28.15 10.99
N THR A 576 9.88 26.84 11.01
CA THR A 576 10.11 26.10 9.77
C THR A 576 8.80 25.98 8.94
N ALA A 577 7.65 25.76 9.59
CA ALA A 577 6.35 25.80 8.92
C ALA A 577 6.08 27.18 8.32
N ALA A 578 6.47 28.24 9.05
CA ALA A 578 6.39 29.61 8.56
C ALA A 578 7.22 29.79 7.30
N TYR A 579 8.48 29.34 7.34
CA TYR A 579 9.33 29.34 6.17
C TYR A 579 8.65 28.64 4.98
N GLN A 580 8.04 27.47 5.22
CA GLN A 580 7.39 26.76 4.12
C GLN A 580 6.19 27.55 3.62
N ASN A 581 5.54 28.33 4.50
CA ASN A 581 4.40 29.16 4.12
C ASN A 581 4.87 30.29 3.20
N THR A 582 6.00 30.93 3.54
CA THR A 582 6.61 31.96 2.70
C THR A 582 7.00 31.33 1.35
N LEU A 583 7.50 30.09 1.37
CA LEU A 583 7.95 29.44 0.15
C LEU A 583 6.79 29.07 -0.78
N THR A 584 5.72 28.46 -0.24
CA THR A 584 4.76 27.72 -1.07
C THR A 584 3.31 28.07 -0.76
N GLY A 585 3.05 28.92 0.23
CA GLY A 585 1.68 29.15 0.67
C GLY A 585 1.18 28.10 1.67
N MET A 586 1.88 26.97 1.85
CA MET A 586 1.41 25.93 2.73
C MET A 586 1.02 26.55 4.06
N PRO A 587 -0.25 26.42 4.51
CA PRO A 587 -0.68 27.04 5.77
C PRO A 587 -0.06 26.28 6.94
N LEU A 588 0.04 26.94 8.09
CA LEU A 588 0.56 26.31 9.30
C LEU A 588 -0.47 25.28 9.79
N MET A 589 -1.74 25.71 9.87
CA MET A 589 -2.83 24.78 10.17
C MET A 589 -3.32 24.21 8.84
N ARG A 590 -3.39 22.88 8.76
CA ARG A 590 -3.92 22.21 7.58
C ARG A 590 -5.15 21.42 8.01
N PRO A 591 -6.17 21.36 7.12
CA PRO A 591 -7.38 20.58 7.42
C PRO A 591 -7.12 19.08 7.37
N LEU A 592 -7.95 18.31 8.10
CA LEU A 592 -7.92 16.85 8.06
C LEU A 592 -7.92 16.35 6.63
N PHE A 593 -8.60 17.04 5.71
CA PHE A 593 -8.87 16.46 4.40
C PHE A 593 -7.61 16.42 3.54
N PHE A 594 -6.55 17.15 3.92
CA PHE A 594 -5.28 17.01 3.23
C PHE A 594 -4.77 15.56 3.29
N SER A 595 -5.15 14.84 4.37
CA SER A 595 -4.65 13.50 4.65
C SER A 595 -5.16 12.47 3.63
N ASP A 596 -6.21 12.82 2.89
CA ASP A 596 -6.76 11.89 1.89
C ASP A 596 -7.63 12.70 0.93
N GLU A 597 -7.08 12.96 -0.27
CA GLU A 597 -7.68 13.85 -1.25
C GLU A 597 -8.80 13.13 -2.02
N LYS A 598 -8.85 11.79 -1.91
CA LYS A 598 -9.83 10.99 -2.62
C LYS A 598 -11.04 10.70 -1.72
N ASN A 599 -11.06 11.27 -0.50
CA ASN A 599 -12.17 11.09 0.44
C ASN A 599 -12.76 12.46 0.73
N PRO A 600 -13.76 12.90 -0.06
CA PRO A 600 -14.29 14.26 0.04
C PRO A 600 -15.02 14.48 1.37
N ALA A 601 -15.56 13.42 1.96
CA ALA A 601 -16.26 13.59 3.22
C ALA A 601 -15.37 14.15 4.34
N LEU A 602 -14.05 13.95 4.27
CA LEU A 602 -13.15 14.55 5.26
C LEU A 602 -13.23 16.07 5.23
N ILE A 603 -13.70 16.66 4.12
CA ILE A 603 -13.79 18.10 4.01
C ILE A 603 -14.66 18.70 5.11
N ASP A 604 -15.67 17.97 5.62
CA ASP A 604 -16.59 18.48 6.63
C ASP A 604 -15.93 18.66 7.99
N ASN A 605 -14.82 17.97 8.25
CA ASN A 605 -14.21 18.00 9.56
C ASN A 605 -13.69 19.40 9.91
N LYS A 606 -14.08 19.90 11.08
CA LYS A 606 -13.58 21.17 11.60
C LYS A 606 -13.27 21.06 13.10
N THR A 607 -12.92 19.85 13.58
CA THR A 607 -12.67 19.61 15.00
C THR A 607 -11.24 19.10 15.24
N SER A 608 -10.61 18.51 14.22
CA SER A 608 -9.22 18.07 14.23
C SER A 608 -8.48 18.68 13.04
N TYR A 609 -7.23 19.11 13.25
CA TYR A 609 -6.44 19.68 12.15
C TYR A 609 -4.95 19.39 12.41
N PHE A 610 -4.17 19.51 11.34
CA PHE A 610 -2.72 19.41 11.38
C PHE A 610 -2.08 20.76 11.69
N TRP A 611 -1.27 20.77 12.75
CA TRP A 611 -0.31 21.83 13.04
C TRP A 611 1.04 21.35 12.51
N GLY A 612 1.48 22.01 11.43
CA GLY A 612 2.57 21.54 10.60
C GLY A 612 2.29 20.16 10.03
N ASP A 613 3.34 19.47 9.55
CA ASP A 613 3.17 18.16 8.93
C ASP A 613 2.82 17.05 9.93
N SER A 614 3.12 17.19 11.24
CA SER A 614 3.35 16.02 12.09
C SER A 614 2.37 15.86 13.25
N LEU A 615 1.68 16.95 13.65
CA LEU A 615 0.81 16.97 14.80
C LEU A 615 -0.65 17.10 14.36
N LEU A 616 -1.45 16.08 14.74
CA LEU A 616 -2.90 16.10 14.60
C LEU A 616 -3.50 16.54 15.93
N VAL A 617 -4.06 17.75 15.95
CA VAL A 617 -4.57 18.36 17.16
C VAL A 617 -6.10 18.29 17.19
N THR A 618 -6.70 17.93 18.34
CA THR A 618 -8.16 17.99 18.51
C THR A 618 -8.51 18.88 19.69
N PRO A 619 -8.80 20.18 19.49
CA PRO A 619 -9.14 21.01 20.64
C PRO A 619 -10.41 20.53 21.33
N ILE A 620 -10.45 20.74 22.65
CA ILE A 620 -11.62 20.47 23.44
C ILE A 620 -12.40 21.77 23.47
N THR A 621 -13.66 21.69 23.01
CA THR A 621 -14.48 22.87 22.79
C THR A 621 -15.80 22.80 23.54
N GLN A 622 -15.88 21.95 24.58
CA GLN A 622 -16.99 22.00 25.52
C GLN A 622 -16.50 21.66 26.91
N ALA A 623 -17.28 22.06 27.90
CA ALA A 623 -16.96 21.83 29.30
C ALA A 623 -17.07 20.34 29.64
N GLY A 624 -16.16 19.87 30.49
CA GLY A 624 -16.24 18.57 31.14
C GLY A 624 -16.13 17.38 30.19
N VAL A 625 -15.65 17.57 28.96
CA VAL A 625 -15.49 16.44 28.06
C VAL A 625 -14.48 15.49 28.69
N GLU A 626 -14.82 14.19 28.74
CA GLU A 626 -14.05 13.19 29.46
C GLU A 626 -13.19 12.34 28.52
N SER A 627 -13.53 12.33 27.23
CA SER A 627 -12.76 11.64 26.21
C SER A 627 -13.14 12.18 24.83
N VAL A 628 -12.34 11.85 23.80
CA VAL A 628 -12.60 12.30 22.45
C VAL A 628 -12.36 11.14 21.50
N SER A 629 -13.06 11.19 20.38
CA SER A 629 -12.86 10.27 19.29
C SER A 629 -12.12 11.02 18.19
N ILE A 630 -10.88 10.57 17.87
CA ILE A 630 -10.01 11.26 16.93
C ILE A 630 -9.98 10.49 15.63
N PRO A 631 -10.45 11.11 14.51
CA PRO A 631 -10.47 10.46 13.21
C PRO A 631 -9.14 10.42 12.48
N ALA A 632 -8.17 9.78 13.14
CA ALA A 632 -6.79 9.73 12.70
C ALA A 632 -6.70 9.05 11.35
N PRO A 633 -5.98 9.64 10.38
CA PRO A 633 -5.66 8.92 9.15
C PRO A 633 -5.03 7.56 9.46
N LYS A 634 -5.28 6.59 8.57
CA LYS A 634 -4.65 5.28 8.60
C LYS A 634 -3.14 5.47 8.84
N GLY A 635 -2.58 4.73 9.80
CA GLY A 635 -1.15 4.72 10.00
C GLY A 635 -0.84 4.59 11.48
N VAL A 636 0.38 4.98 11.87
CA VAL A 636 0.79 4.87 13.25
C VAL A 636 0.91 6.28 13.80
N TRP A 637 0.49 6.43 15.06
CA TRP A 637 0.32 7.70 15.72
C TRP A 637 0.76 7.54 17.18
N PHE A 638 1.31 8.61 17.77
CA PHE A 638 1.73 8.55 19.15
C PHE A 638 1.05 9.67 19.93
N ASP A 639 0.69 9.40 21.19
CA ASP A 639 0.22 10.44 22.09
C ASP A 639 1.39 11.37 22.39
N PHE A 640 1.22 12.65 22.09
CA PHE A 640 2.32 13.59 22.17
C PHE A 640 2.77 13.71 23.62
N TRP A 641 1.84 13.51 24.55
CA TRP A 641 2.06 13.85 25.94
C TRP A 641 2.58 12.65 26.73
N LYS A 642 2.23 11.46 26.28
CA LYS A 642 2.29 10.23 27.06
C LYS A 642 3.09 9.17 26.33
N ASP A 643 3.29 9.34 25.01
CA ASP A 643 4.19 8.51 24.22
C ASP A 643 3.55 7.18 23.86
N THR A 644 2.25 6.99 24.18
CA THR A 644 1.52 5.78 23.81
C THR A 644 1.47 5.65 22.30
N ARG A 645 1.64 4.43 21.81
CA ARG A 645 1.65 4.14 20.39
C ARG A 645 0.29 3.60 20.01
N TYR A 646 -0.22 4.05 18.85
CA TYR A 646 -1.52 3.66 18.34
C TYR A 646 -1.31 3.35 16.87
N GLN A 647 -1.90 2.25 16.41
CA GLN A 647 -1.98 1.95 15.00
C GLN A 647 -3.47 1.89 14.66
N THR A 648 -3.85 2.36 13.46
CA THR A 648 -5.24 2.27 13.03
C THR A 648 -5.24 2.06 11.53
N ASP A 649 -6.19 1.23 11.07
CA ASP A 649 -6.42 1.01 9.64
C ASP A 649 -7.61 1.84 9.14
N GLY A 650 -8.09 2.80 9.94
CA GLY A 650 -9.16 3.71 9.54
C GLY A 650 -10.02 4.13 10.74
N ALA A 651 -10.34 3.16 11.59
CA ALA A 651 -11.18 3.41 12.74
C ALA A 651 -10.61 4.53 13.59
N PRO A 652 -11.45 5.41 14.15
CA PRO A 652 -10.97 6.46 15.06
C PRO A 652 -10.38 5.92 16.36
N LEU A 653 -9.72 6.82 17.10
CA LEU A 653 -9.02 6.48 18.32
C LEU A 653 -9.71 7.24 19.44
N THR A 654 -9.97 6.57 20.55
CA THR A 654 -10.52 7.23 21.70
C THR A 654 -9.38 7.59 22.62
N LEU A 655 -9.16 8.88 22.83
CA LEU A 655 -8.23 9.25 23.88
C LEU A 655 -9.01 9.87 25.01
N PRO A 656 -8.58 9.62 26.26
CA PRO A 656 -9.09 10.35 27.42
C PRO A 656 -8.56 11.78 27.42
N THR A 657 -9.22 12.65 28.21
CA THR A 657 -8.85 14.05 28.28
C THR A 657 -8.43 14.34 29.71
N ASP A 658 -7.64 15.38 29.89
CA ASP A 658 -7.28 15.88 31.21
C ASP A 658 -7.33 17.40 31.13
N LEU A 659 -7.28 18.09 32.25
CA LEU A 659 -7.38 19.54 32.23
C LEU A 659 -6.03 20.17 31.87
N HIS A 660 -4.93 19.38 31.91
CA HIS A 660 -3.60 19.96 31.78
C HIS A 660 -3.16 20.01 30.32
N THR A 661 -3.83 19.25 29.45
CA THR A 661 -3.47 19.20 28.03
C THR A 661 -4.73 19.12 27.15
N ILE A 662 -4.53 19.17 25.83
CA ILE A 662 -5.55 18.81 24.87
C ILE A 662 -4.98 17.74 23.96
N PRO A 663 -5.82 16.86 23.39
CA PRO A 663 -5.30 15.73 22.62
C PRO A 663 -4.53 16.09 21.34
N VAL A 664 -3.28 15.61 21.27
CA VAL A 664 -2.36 15.84 20.18
C VAL A 664 -1.68 14.52 19.86
N LEU A 665 -1.80 14.04 18.62
CA LEU A 665 -1.12 12.85 18.15
C LEU A 665 0.04 13.27 17.25
N VAL A 666 1.16 12.53 17.35
CA VAL A 666 2.30 12.71 16.47
C VAL A 666 2.34 11.58 15.46
N LYS A 667 2.58 11.95 14.20
CA LYS A 667 2.63 10.99 13.12
C LYS A 667 3.95 10.23 13.17
N ALA A 668 3.90 8.92 13.01
CA ALA A 668 5.11 8.14 12.88
C ALA A 668 5.94 8.75 11.74
N GLY A 669 7.23 8.88 12.03
CA GLY A 669 8.19 9.39 11.04
C GLY A 669 8.49 10.87 11.26
N ALA A 670 7.83 11.49 12.24
CA ALA A 670 8.03 12.89 12.55
C ALA A 670 9.42 13.12 13.17
N PHE A 671 10.03 14.25 12.82
CA PHE A 671 11.15 14.84 13.56
C PHE A 671 10.65 16.08 14.26
N MET A 672 10.53 16.03 15.59
CA MET A 672 10.09 17.17 16.37
C MET A 672 11.30 17.86 16.96
N PRO A 673 11.63 19.09 16.49
CA PRO A 673 12.80 19.82 16.98
C PRO A 673 12.47 20.80 18.08
N TYR A 674 13.35 20.87 19.09
CA TYR A 674 13.16 21.82 20.16
C TYR A 674 14.46 22.54 20.47
N VAL A 675 14.31 23.71 21.10
CA VAL A 675 15.43 24.41 21.66
C VAL A 675 15.02 24.71 23.09
N PRO A 676 15.97 25.09 23.96
CA PRO A 676 15.63 25.53 25.31
C PRO A 676 14.68 26.72 25.31
N ALA A 677 13.74 26.74 26.28
CA ALA A 677 12.79 27.83 26.41
C ALA A 677 13.57 29.08 26.74
N VAL A 678 13.17 30.23 26.17
CA VAL A 678 13.71 31.53 26.52
C VAL A 678 12.54 32.44 26.90
N SER A 679 12.82 33.56 27.57
CA SER A 679 11.81 34.53 27.94
C SER A 679 11.34 35.37 26.75
N THR A 680 12.17 35.45 25.68
CA THR A 680 11.93 36.34 24.54
C THR A 680 12.73 35.82 23.35
N THR A 681 12.20 35.98 22.14
CA THR A 681 12.89 35.48 20.96
C THR A 681 14.17 36.29 20.73
N GLU A 682 14.29 37.45 21.39
CA GLU A 682 15.51 38.25 21.28
C GLU A 682 16.71 37.46 21.80
N ASP A 683 16.45 36.48 22.70
CA ASP A 683 17.47 35.68 23.38
C ASP A 683 17.59 34.32 22.74
N TYR A 684 16.90 34.11 21.61
CA TYR A 684 16.83 32.80 21.01
C TYR A 684 18.24 32.29 20.69
N ARG A 685 18.47 30.99 20.88
CA ARG A 685 19.69 30.33 20.45
C ARG A 685 19.34 28.89 20.07
N SER A 686 20.02 28.38 19.04
CA SER A 686 19.93 27.00 18.63
C SER A 686 21.26 26.26 18.88
N ASP A 687 22.12 26.79 19.75
CA ASP A 687 23.37 26.10 20.07
C ASP A 687 23.11 24.68 20.56
N SER A 688 22.03 24.57 21.35
CA SER A 688 21.50 23.32 21.86
C SER A 688 20.20 22.93 21.14
N LEU A 689 20.24 21.78 20.46
CA LEU A 689 19.10 21.20 19.77
C LEU A 689 18.68 19.91 20.45
N GLU A 690 17.37 19.68 20.47
CA GLU A 690 16.81 18.42 20.93
C GLU A 690 15.73 18.00 19.96
N ILE A 691 15.94 16.83 19.36
CA ILE A 691 15.12 16.37 18.28
C ILE A 691 14.58 15.01 18.66
N HIS A 692 13.26 14.86 18.52
CA HIS A 692 12.59 13.61 18.84
C HIS A 692 12.02 13.04 17.56
N TYR A 693 12.44 11.80 17.28
CA TYR A 693 12.07 11.12 16.07
C TYR A 693 11.19 9.95 16.46
N TYR A 694 10.01 9.86 15.83
CA TYR A 694 9.03 8.83 16.16
C TYR A 694 9.18 7.68 15.18
N ALA A 695 9.92 6.62 15.56
CA ALA A 695 10.23 5.55 14.62
C ALA A 695 9.09 4.53 14.56
N ASP A 696 8.86 4.03 13.33
CA ASP A 696 8.03 2.88 13.14
C ASP A 696 8.41 2.27 11.81
N ALA A 697 8.47 0.93 11.77
CA ALA A 697 8.79 0.23 10.53
C ALA A 697 7.74 0.50 9.45
N SER A 698 6.57 1.01 9.83
CA SER A 698 5.58 1.34 8.81
C SER A 698 6.05 2.52 7.98
N VAL A 699 7.06 3.27 8.47
CA VAL A 699 7.59 4.42 7.76
C VAL A 699 9.05 4.17 7.40
N PRO A 700 9.34 3.56 6.23
CA PRO A 700 10.72 3.21 5.88
C PRO A 700 11.62 4.37 5.45
N LEU A 701 11.05 5.57 5.30
CA LEU A 701 11.77 6.74 4.85
C LEU A 701 11.06 7.96 5.41
N ALA A 702 11.80 8.85 6.06
CA ALA A 702 11.19 10.05 6.66
C ALA A 702 12.16 11.22 6.54
N GLN A 703 11.61 12.44 6.52
CA GLN A 703 12.44 13.62 6.38
C GLN A 703 11.92 14.68 7.31
N GLY A 704 12.85 15.51 7.76
CA GLY A 704 12.48 16.70 8.49
C GLY A 704 13.42 17.81 8.09
N GLU A 705 13.11 19.00 8.59
CA GLU A 705 13.79 20.20 8.19
C GLU A 705 13.68 21.18 9.34
N ILE A 706 14.80 21.87 9.59
CA ILE A 706 14.83 23.00 10.50
C ILE A 706 15.45 24.20 9.78
N PHE A 707 14.72 25.32 9.84
CA PHE A 707 15.07 26.53 9.13
C PHE A 707 15.57 27.54 10.15
N GLU A 708 16.87 27.90 10.07
CA GLU A 708 17.44 28.86 10.99
C GLU A 708 17.91 30.05 10.18
N ASP A 709 17.63 31.26 10.70
CA ASP A 709 18.23 32.47 10.16
C ASP A 709 18.35 33.43 11.33
N ASP A 710 18.56 34.72 11.08
CA ASP A 710 18.71 35.64 12.18
C ASP A 710 17.36 36.03 12.80
N GLY A 711 16.26 35.50 12.25
CA GLY A 711 14.93 35.77 12.78
C GLY A 711 14.41 37.19 12.50
N LYS A 712 15.16 38.01 11.73
CA LYS A 712 14.75 39.40 11.56
C LYS A 712 14.92 39.94 10.14
N ASP A 713 15.80 39.34 9.32
CA ASP A 713 16.18 39.93 8.05
C ASP A 713 15.17 39.59 6.97
N PRO A 714 14.50 40.57 6.32
CA PRO A 714 13.47 40.28 5.32
C PRO A 714 14.03 39.67 4.04
N ASN A 715 15.35 39.79 3.81
CA ASN A 715 15.98 39.26 2.62
C ASN A 715 16.66 37.91 2.86
N SER A 716 16.56 37.34 4.08
CA SER A 716 17.31 36.13 4.40
C SER A 716 17.07 35.03 3.37
N ILE A 717 15.81 34.75 3.01
CA ILE A 717 15.53 33.67 2.06
C ILE A 717 16.06 34.00 0.67
N LYS A 718 15.73 35.20 0.17
CA LYS A 718 16.13 35.65 -1.17
C LYS A 718 17.65 35.51 -1.32
N ARG A 719 18.41 36.00 -0.32
CA ARG A 719 19.86 36.07 -0.35
C ARG A 719 20.54 34.82 0.25
N ASN A 720 19.77 33.79 0.64
CA ASN A 720 20.28 32.54 1.21
C ASN A 720 21.10 32.76 2.48
N GLN A 721 20.82 33.82 3.23
CA GLN A 721 21.45 34.04 4.52
C GLN A 721 20.72 33.18 5.57
N PHE A 722 20.83 31.86 5.41
CA PHE A 722 20.19 30.96 6.35
C PHE A 722 20.96 29.64 6.41
N ASP A 723 20.53 28.86 7.41
CA ASP A 723 21.07 27.56 7.74
C ASP A 723 19.89 26.59 7.72
N LEU A 724 19.81 25.78 6.68
CA LEU A 724 18.73 24.82 6.53
C LEU A 724 19.23 23.43 6.88
N LEU A 725 18.83 22.94 8.07
CA LEU A 725 19.20 21.63 8.55
C LEU A 725 18.18 20.65 8.01
N THR A 726 18.65 19.54 7.40
CA THR A 726 17.79 18.46 6.97
C THR A 726 18.17 17.17 7.72
N LEU A 727 17.16 16.32 7.92
CA LEU A 727 17.33 15.01 8.54
C LEU A 727 16.57 13.98 7.73
N GLN A 728 17.23 12.89 7.36
CA GLN A 728 16.60 11.80 6.65
C GLN A 728 16.77 10.51 7.44
N ALA A 729 15.66 9.83 7.75
CA ALA A 729 15.68 8.54 8.41
C ALA A 729 15.40 7.44 7.39
N THR A 730 16.20 6.38 7.44
CA THR A 730 15.95 5.17 6.67
C THR A 730 15.79 4.01 7.64
N HIS A 731 14.62 3.36 7.61
CA HIS A 731 14.21 2.40 8.62
C HIS A 731 13.90 1.08 7.91
N THR A 732 14.79 0.10 8.08
CA THR A 732 14.61 -1.24 7.55
C THR A 732 14.48 -2.22 8.70
N ASP A 733 14.46 -3.52 8.40
CA ASP A 733 14.21 -4.54 9.40
C ASP A 733 15.36 -4.55 10.40
N ASN A 734 16.60 -4.38 9.92
CA ASN A 734 17.77 -4.53 10.77
C ASN A 734 18.53 -3.23 11.01
N GLN A 735 18.12 -2.12 10.40
CA GLN A 735 18.92 -0.92 10.51
C GLN A 735 18.04 0.31 10.65
N LEU A 736 18.57 1.34 11.31
CA LEU A 736 17.96 2.65 11.31
C LEU A 736 19.08 3.66 11.12
N HIS A 737 19.02 4.37 9.98
CA HIS A 737 20.08 5.21 9.45
C HIS A 737 19.58 6.66 9.41
N PHE A 738 20.32 7.60 9.98
CA PHE A 738 19.99 9.00 9.88
C PHE A 738 21.09 9.72 9.13
N GLN A 739 20.69 10.56 8.18
CA GLN A 739 21.58 11.43 7.42
C GLN A 739 21.25 12.87 7.74
N LEU A 740 22.24 13.59 8.27
CA LEU A 740 22.10 14.99 8.66
C LEU A 740 22.99 15.86 7.78
N ALA A 741 22.46 17.03 7.40
CA ALA A 741 23.15 17.94 6.50
C ALA A 741 22.69 19.37 6.76
N ARG A 742 23.49 20.35 6.32
CA ARG A 742 23.15 21.76 6.37
C ARG A 742 23.40 22.39 4.99
N THR A 743 22.52 23.30 4.56
CA THR A 743 22.70 24.08 3.36
C THR A 743 22.46 25.54 3.67
N GLY A 744 22.74 26.38 2.65
CA GLY A 744 22.64 27.82 2.77
C GLY A 744 23.96 28.42 3.21
N LYS A 745 24.05 29.74 3.16
CA LYS A 745 25.32 30.41 3.37
C LYS A 745 25.45 30.85 4.82
N GLY A 746 24.44 30.51 5.64
CA GLY A 746 24.45 30.88 7.04
C GLY A 746 24.21 32.37 7.20
N TYR A 747 24.56 32.88 8.38
CA TYR A 747 24.12 34.19 8.81
C TYR A 747 24.97 34.52 10.03
N ARG A 748 24.98 35.80 10.38
CA ARG A 748 25.80 36.30 11.46
C ARG A 748 25.28 35.72 12.77
N GLY A 749 26.19 35.10 13.56
CA GLY A 749 25.82 34.54 14.85
C GLY A 749 25.37 33.08 14.75
N MET A 750 25.32 32.52 13.54
CA MET A 750 24.98 31.13 13.34
C MET A 750 26.00 30.23 14.06
N PRO A 751 25.58 29.27 14.93
CA PRO A 751 26.55 28.35 15.52
C PRO A 751 27.17 27.41 14.50
N GLU A 752 28.51 27.36 14.48
CA GLU A 752 29.20 26.40 13.63
C GLU A 752 28.83 24.99 14.08
N ARG A 753 28.73 24.77 15.42
CA ARG A 753 28.51 23.44 15.96
C ARG A 753 27.37 23.45 16.98
N ARG A 754 26.36 22.59 16.75
CA ARG A 754 25.24 22.47 17.67
C ARG A 754 25.32 21.16 18.46
N ALA A 755 25.27 21.27 19.79
CA ALA A 755 25.05 20.12 20.65
C ALA A 755 23.63 19.60 20.42
N THR A 756 23.54 18.33 19.99
CA THR A 756 22.32 17.74 19.49
C THR A 756 22.02 16.47 20.30
N THR A 757 20.85 16.45 20.93
CA THR A 757 20.31 15.24 21.52
C THR A 757 19.19 14.72 20.63
N LEU A 758 19.39 13.51 20.06
CA LEU A 758 18.38 12.87 19.25
C LEU A 758 17.73 11.75 20.06
N VAL A 759 16.41 11.87 20.30
CA VAL A 759 15.68 10.88 21.09
C VAL A 759 14.80 10.12 20.15
N ILE A 760 15.03 8.80 20.03
CA ILE A 760 14.25 7.95 19.14
C ILE A 760 13.17 7.25 19.96
N HIS A 761 11.91 7.64 19.70
CA HIS A 761 10.75 7.03 20.33
C HIS A 761 10.44 5.74 19.57
N ASN A 762 9.85 4.79 20.31
CA ASN A 762 9.52 3.46 19.81
C ASN A 762 10.73 2.76 19.19
N ALA A 763 11.92 3.01 19.76
CA ALA A 763 13.14 2.39 19.28
C ALA A 763 13.15 0.89 19.58
N SER A 764 13.60 0.08 18.62
CA SER A 764 13.81 -1.34 18.82
C SER A 764 14.76 -1.60 19.99
N ASP A 765 14.57 -2.73 20.68
CA ASP A 765 15.46 -3.10 21.76
C ASP A 765 16.53 -4.06 21.22
N GLN A 766 16.68 -4.15 19.89
CA GLN A 766 17.59 -5.11 19.29
C GLN A 766 18.83 -4.44 18.72
N TYR A 767 19.03 -3.13 18.88
CA TYR A 767 20.15 -2.48 18.23
C TYR A 767 21.41 -2.81 19.04
N GLN A 768 22.40 -3.48 18.43
CA GLN A 768 23.66 -3.77 19.09
C GLN A 768 24.70 -2.66 18.86
N HIS A 769 24.66 -2.00 17.69
CA HIS A 769 25.77 -1.24 17.16
C HIS A 769 25.26 0.17 16.78
N LEU A 770 25.98 1.21 17.22
CA LEU A 770 25.91 2.52 16.61
C LEU A 770 27.24 2.87 15.94
N ASP A 771 27.19 3.41 14.72
CA ASP A 771 28.33 4.16 14.24
C ASP A 771 27.93 5.56 13.81
N ILE A 772 28.81 6.51 14.15
CA ILE A 772 28.70 7.90 13.73
C ILE A 772 29.85 8.14 12.76
N ASN A 773 29.53 8.35 11.47
CA ASN A 773 30.53 8.54 10.44
C ASN A 773 31.58 7.41 10.41
N GLY A 774 31.14 6.16 10.63
CA GLY A 774 31.95 4.97 10.47
C GLY A 774 32.64 4.53 11.77
N LYS A 775 32.61 5.39 12.80
CA LYS A 775 33.19 5.11 14.09
C LYS A 775 32.17 4.49 15.06
N THR A 776 32.49 3.28 15.52
CA THR A 776 31.61 2.46 16.33
C THR A 776 31.53 3.04 17.74
N ILE A 777 30.32 2.97 18.32
CA ILE A 777 30.06 3.48 19.65
C ILE A 777 29.09 2.50 20.31
N ALA A 778 29.44 2.08 21.52
CA ALA A 778 28.62 1.13 22.26
C ALA A 778 27.32 1.82 22.68
N ILE A 779 26.21 1.06 22.62
CA ILE A 779 24.94 1.56 23.13
C ILE A 779 24.78 1.05 24.56
N ALA A 780 24.75 1.96 25.53
CA ALA A 780 24.49 1.61 26.93
C ALA A 780 23.01 1.23 27.11
N GLN A 781 22.71 0.37 28.09
CA GLN A 781 21.35 -0.18 28.25
C GLN A 781 20.86 0.07 29.68
N ALA A 782 21.46 1.06 30.36
CA ALA A 782 21.07 1.40 31.73
C ALA A 782 21.43 2.85 31.99
N ASP A 783 20.74 3.48 32.96
CA ASP A 783 21.21 4.74 33.52
C ASP A 783 21.32 5.81 32.43
N CYS A 784 20.37 5.83 31.48
CA CYS A 784 20.47 6.73 30.32
C CYS A 784 20.30 8.17 30.78
N ALA A 785 19.36 8.35 31.71
CA ALA A 785 19.10 9.66 32.27
C ALA A 785 20.19 10.05 33.29
N SER A 786 21.12 9.14 33.63
CA SER A 786 22.00 9.42 34.76
C SER A 786 23.49 9.22 34.46
N THR A 787 23.89 9.05 33.18
CA THR A 787 25.29 9.18 32.78
C THR A 787 25.37 10.11 31.58
N PRO A 788 26.55 10.73 31.30
CA PRO A 788 26.79 11.49 30.06
C PRO A 788 27.05 10.59 28.85
N ALA A 789 26.22 9.54 28.74
CA ALA A 789 26.24 8.55 27.67
C ALA A 789 26.11 9.21 26.29
N LEU A 790 26.91 8.73 25.33
CA LEU A 790 26.78 9.19 23.97
C LEU A 790 25.58 8.49 23.33
N ALA A 791 25.36 7.19 23.65
CA ALA A 791 24.18 6.47 23.19
C ALA A 791 23.61 5.60 24.31
N CYS A 792 22.31 5.73 24.61
CA CYS A 792 21.73 4.96 25.70
C CYS A 792 20.28 4.61 25.39
N TYR A 793 19.96 3.32 25.59
CA TYR A 793 18.64 2.78 25.34
C TYR A 793 17.88 2.68 26.67
N ASP A 794 16.71 3.32 26.72
CA ASP A 794 15.85 3.27 27.88
C ASP A 794 14.79 2.20 27.62
N GLN A 795 14.95 1.02 28.24
CA GLN A 795 14.12 -0.15 27.95
C GLN A 795 12.67 0.05 28.42
N GLU A 796 12.50 0.77 29.52
CA GLU A 796 11.19 1.02 30.10
C GLU A 796 10.40 1.99 29.21
N ARG A 797 11.07 2.91 28.51
CA ARG A 797 10.38 3.93 27.72
C ARG A 797 10.47 3.63 26.22
N ARG A 798 11.23 2.59 25.83
CA ARG A 798 11.47 2.31 24.42
C ARG A 798 12.03 3.54 23.69
N GLN A 799 12.92 4.28 24.34
CA GLN A 799 13.58 5.43 23.75
C GLN A 799 15.10 5.22 23.69
N LEU A 800 15.69 5.46 22.52
CA LEU A 800 17.13 5.41 22.33
C LEU A 800 17.67 6.82 22.13
N GLN A 801 18.51 7.30 23.06
CA GLN A 801 19.02 8.67 23.07
C GLN A 801 20.46 8.70 22.54
N LEU A 802 20.73 9.56 21.54
CA LEU A 802 22.05 9.76 20.97
C LEU A 802 22.45 11.22 21.20
N VAL A 803 23.65 11.47 21.72
CA VAL A 803 24.10 12.84 21.94
C VAL A 803 25.38 13.01 21.13
N PHE A 804 25.46 14.12 20.36
CA PHE A 804 26.54 14.32 19.40
C PHE A 804 26.65 15.80 19.01
N THR A 805 27.61 16.06 18.10
CA THR A 805 27.97 17.40 17.70
C THR A 805 27.57 17.48 16.24
N TRP A 806 26.73 18.47 15.93
CA TRP A 806 26.28 18.68 14.57
C TRP A 806 26.97 19.95 14.06
N GLY A 807 28.03 19.74 13.26
CA GLY A 807 28.75 20.84 12.64
C GLY A 807 28.33 20.98 11.19
N ARG A 808 29.18 21.62 10.36
CA ARG A 808 28.73 22.00 9.03
C ARG A 808 28.85 20.83 8.08
N GLU A 809 29.68 19.84 8.39
CA GLU A 809 29.81 18.69 7.50
C GLU A 809 28.66 17.70 7.74
N ALA A 810 28.38 16.95 6.68
CA ALA A 810 27.38 15.91 6.73
C ALA A 810 27.74 14.89 7.82
N LEU A 811 26.69 14.26 8.36
CA LEU A 811 26.79 13.34 9.47
C LEU A 811 25.85 12.17 9.19
N ASN A 812 26.38 10.96 9.32
CA ASN A 812 25.57 9.77 9.27
C ASN A 812 25.62 9.05 10.62
N LEU A 813 24.45 8.72 11.16
CA LEU A 813 24.32 7.90 12.36
C LEU A 813 23.63 6.60 11.95
N ARG A 814 24.28 5.45 12.18
CA ARG A 814 23.72 4.17 11.75
C ARG A 814 23.57 3.24 12.95
N LEU A 815 22.33 2.82 13.21
CA LEU A 815 22.04 1.81 14.21
C LEU A 815 21.83 0.48 13.48
N HIS A 816 22.37 -0.62 14.01
CA HIS A 816 22.26 -1.92 13.38
C HIS A 816 22.03 -3.00 14.45
N LYS A 817 21.21 -3.98 14.09
CA LYS A 817 21.09 -5.18 14.89
C LYS A 817 22.29 -6.09 14.53
N ALA B 35 10.67 -41.94 -12.44
CA ALA B 35 9.61 -42.94 -12.71
C ALA B 35 9.71 -44.13 -11.73
N VAL B 36 8.70 -44.26 -10.87
CA VAL B 36 8.68 -45.32 -9.86
C VAL B 36 7.36 -46.06 -10.04
N PHE B 37 7.40 -47.40 -9.90
CA PHE B 37 6.21 -48.21 -10.09
C PHE B 37 6.35 -49.49 -9.27
N TYR B 38 5.18 -50.02 -8.88
CA TYR B 38 5.04 -51.27 -8.15
C TYR B 38 5.55 -52.43 -9.00
N LYS B 39 6.27 -53.37 -8.38
CA LYS B 39 6.65 -54.63 -9.04
C LYS B 39 6.05 -55.82 -8.30
N GLU B 40 6.39 -56.00 -7.02
CA GLU B 40 5.99 -57.17 -6.24
C GLU B 40 5.78 -56.76 -4.77
N HIS B 41 5.13 -57.64 -3.96
CA HIS B 41 5.01 -57.46 -2.52
C HIS B 41 4.93 -58.82 -1.79
N LYS B 42 5.64 -58.92 -0.65
CA LYS B 42 5.52 -60.04 0.28
C LYS B 42 4.98 -59.50 1.60
N LEU B 43 4.20 -60.32 2.30
CA LEU B 43 3.72 -60.01 3.65
C LEU B 43 4.47 -60.88 4.67
N ARG B 44 5.51 -60.34 5.34
CA ARG B 44 6.35 -61.12 6.25
C ARG B 44 6.27 -60.57 7.68
N ASN B 45 5.87 -61.43 8.63
CA ASN B 45 5.83 -61.12 10.07
C ASN B 45 5.01 -59.85 10.34
N ASP B 46 3.89 -59.70 9.60
CA ASP B 46 2.87 -58.68 9.83
C ASP B 46 3.18 -57.37 9.10
N GLY B 47 4.39 -57.22 8.56
CA GLY B 47 4.75 -56.06 7.76
C GLY B 47 4.62 -56.31 6.27
N LEU B 48 4.24 -55.28 5.50
CA LEU B 48 4.16 -55.35 4.05
C LEU B 48 5.47 -54.85 3.45
N VAL B 49 6.09 -55.72 2.64
CA VAL B 49 7.33 -55.37 1.96
C VAL B 49 7.00 -55.28 0.47
N ILE B 50 7.21 -54.08 -0.09
CA ILE B 50 6.91 -53.77 -1.47
C ILE B 50 8.24 -53.66 -2.23
N THR B 51 8.22 -54.09 -3.51
CA THR B 51 9.35 -53.90 -4.42
C THR B 51 8.89 -52.98 -5.54
N THR B 52 9.61 -51.87 -5.71
CA THR B 52 9.47 -51.06 -6.90
C THR B 52 10.67 -51.34 -7.79
N ASN B 53 10.75 -50.63 -8.91
CA ASN B 53 11.93 -50.63 -9.74
C ASN B 53 13.12 -49.99 -9.03
N GLN B 54 12.85 -49.22 -7.95
CA GLN B 54 13.90 -48.47 -7.29
C GLN B 54 14.38 -49.16 -6.01
N GLY B 55 13.59 -50.09 -5.48
CA GLY B 55 14.02 -50.91 -4.36
C GLY B 55 12.84 -51.34 -3.49
N ASN B 56 13.13 -51.54 -2.19
CA ASN B 56 12.18 -52.10 -1.25
C ASN B 56 11.70 -51.05 -0.25
N ILE B 57 10.42 -51.18 0.11
CA ILE B 57 9.71 -50.34 1.07
C ILE B 57 9.03 -51.24 2.12
N ARG B 58 9.26 -51.00 3.42
CA ARG B 58 8.68 -51.85 4.46
C ARG B 58 7.63 -51.06 5.26
N LEU B 59 6.39 -51.56 5.27
CA LEU B 59 5.31 -50.89 5.97
C LEU B 59 4.93 -51.70 7.21
N GLN B 60 5.09 -51.10 8.40
CA GLN B 60 4.67 -51.75 9.64
C GLN B 60 3.80 -50.82 10.49
N PHE B 61 2.58 -51.28 10.78
CA PHE B 61 1.71 -50.60 11.73
C PHE B 61 2.29 -50.78 13.12
N LYS B 62 2.54 -49.65 13.79
CA LYS B 62 3.06 -49.64 15.14
C LYS B 62 1.92 -49.59 16.17
N SER B 63 0.69 -49.40 15.68
CA SER B 63 -0.53 -49.44 16.46
C SER B 63 -1.68 -49.38 15.45
N GLU B 64 -2.94 -49.33 15.91
CA GLU B 64 -4.09 -49.31 15.02
C GLU B 64 -4.17 -47.98 14.25
N ALA B 65 -3.40 -46.96 14.71
CA ALA B 65 -3.47 -45.61 14.17
C ALA B 65 -2.11 -45.04 13.81
N ALA B 66 -1.06 -45.86 13.70
CA ALA B 66 0.29 -45.35 13.43
C ALA B 66 1.09 -46.33 12.58
N ILE B 67 1.78 -45.79 11.55
CA ILE B 67 2.47 -46.64 10.59
C ILE B 67 3.88 -46.12 10.35
N GLU B 68 4.84 -47.06 10.35
CA GLU B 68 6.21 -46.78 9.96
C GLU B 68 6.40 -47.20 8.50
N VAL B 69 6.89 -46.25 7.69
CA VAL B 69 7.20 -46.44 6.28
C VAL B 69 8.70 -46.25 6.05
N LEU B 70 9.40 -47.36 5.77
CA LEU B 70 10.85 -47.37 5.61
C LEU B 70 11.21 -47.64 4.14
N TYR B 71 11.83 -46.65 3.48
CA TYR B 71 12.33 -46.80 2.12
C TYR B 71 13.78 -47.24 2.23
N ARG B 72 14.30 -47.86 1.16
CA ARG B 72 15.59 -48.53 1.14
C ARG B 72 15.64 -49.58 2.25
N ALA B 73 14.55 -50.34 2.41
CA ALA B 73 14.44 -51.32 3.46
C ALA B 73 15.44 -52.44 3.23
N ASP B 74 15.80 -52.63 1.94
CA ASP B 74 16.92 -53.44 1.47
C ASP B 74 18.19 -53.17 2.30
N SER B 75 18.49 -51.89 2.56
CA SER B 75 19.84 -51.49 2.98
C SER B 75 19.96 -51.37 4.50
N LYS B 76 21.23 -51.28 4.94
CA LYS B 76 21.58 -51.05 6.33
C LYS B 76 21.57 -49.55 6.59
N GLN B 77 20.78 -49.12 7.58
CA GLN B 77 20.74 -47.72 7.95
C GLN B 77 20.57 -47.57 9.47
N LEU B 78 20.71 -46.33 9.94
CA LEU B 78 20.49 -46.02 11.34
C LEU B 78 19.15 -46.59 11.78
N PRO B 79 19.02 -47.09 13.02
CA PRO B 79 17.71 -47.48 13.57
C PRO B 79 16.78 -46.30 13.81
N SER B 80 15.50 -46.59 14.02
CA SER B 80 14.53 -45.58 14.42
C SER B 80 14.96 -44.93 15.74
N PHE B 81 14.76 -43.61 15.84
CA PHE B 81 14.97 -42.94 17.11
C PHE B 81 13.61 -42.53 17.70
N ALA B 82 12.60 -42.34 16.83
CA ALA B 82 11.34 -41.79 17.26
C ALA B 82 10.50 -42.82 18.02
N LEU B 83 10.64 -44.10 17.65
CA LEU B 83 9.75 -45.15 18.13
C LEU B 83 10.22 -45.70 19.49
N ALA B 84 9.26 -45.80 20.41
CA ALA B 84 9.46 -46.44 21.71
C ALA B 84 9.68 -47.95 21.55
N GLN B 85 8.94 -48.58 20.62
CA GLN B 85 9.11 -50.00 20.34
C GLN B 85 9.38 -50.19 18.86
N PRO B 86 10.62 -49.92 18.42
CA PRO B 86 10.93 -49.90 17.00
C PRO B 86 10.66 -51.24 16.32
N GLU B 87 10.85 -52.37 17.02
CA GLU B 87 10.74 -53.70 16.41
C GLU B 87 9.28 -54.13 16.26
N SER B 88 8.31 -53.41 16.84
CA SER B 88 6.92 -53.90 16.89
C SER B 88 6.21 -53.74 15.56
N ALA B 89 5.19 -54.58 15.34
CA ALA B 89 4.22 -54.46 14.25
C ALA B 89 3.00 -55.31 14.58
N ILE B 90 1.80 -54.85 14.20
CA ILE B 90 0.56 -55.47 14.65
C ILE B 90 -0.20 -56.02 13.44
N LYS B 91 -1.05 -57.03 13.68
CA LYS B 91 -1.85 -57.64 12.62
C LYS B 91 -2.61 -56.54 11.90
N ALA B 92 -2.40 -56.43 10.60
CA ALA B 92 -3.13 -55.50 9.75
C ALA B 92 -3.77 -56.31 8.63
N GLN B 93 -4.62 -55.67 7.82
CA GLN B 93 -5.27 -56.36 6.73
C GLN B 93 -4.75 -55.82 5.40
N LEU B 94 -4.58 -56.72 4.41
CA LEU B 94 -4.05 -56.40 3.10
C LEU B 94 -5.08 -56.81 2.03
N THR B 95 -5.46 -55.88 1.13
CA THR B 95 -6.31 -56.22 -0.01
C THR B 95 -5.76 -55.55 -1.27
N GLU B 96 -6.00 -56.17 -2.43
CA GLU B 96 -5.33 -55.87 -3.68
C GLU B 96 -6.36 -55.57 -4.76
N THR B 97 -6.01 -54.68 -5.71
CA THR B 97 -6.89 -54.35 -6.83
C THR B 97 -6.05 -54.08 -8.09
N GLU B 98 -6.73 -53.78 -9.19
CA GLU B 98 -6.05 -53.52 -10.44
C GLU B 98 -4.85 -52.62 -10.15
N ASN B 99 -5.09 -51.41 -9.63
CA ASN B 99 -4.01 -50.44 -9.53
C ASN B 99 -3.64 -50.09 -8.08
N HIS B 100 -4.24 -50.73 -7.05
CA HIS B 100 -3.97 -50.34 -5.68
C HIS B 100 -3.68 -51.54 -4.76
N LEU B 101 -2.86 -51.26 -3.73
CA LEU B 101 -2.76 -52.04 -2.52
C LEU B 101 -3.36 -51.22 -1.37
N GLN B 102 -3.97 -51.92 -0.39
CA GLN B 102 -4.51 -51.30 0.81
C GLN B 102 -4.06 -52.07 2.03
N PHE B 103 -3.39 -51.38 2.95
CA PHE B 103 -2.84 -51.98 4.16
C PHE B 103 -3.43 -51.24 5.36
N SER B 104 -4.30 -51.92 6.11
CA SER B 104 -5.21 -51.25 7.00
C SER B 104 -5.07 -51.80 8.42
N GLY B 105 -4.97 -50.88 9.38
CA GLY B 105 -5.15 -51.20 10.80
C GLY B 105 -6.53 -50.74 11.29
N GLY B 106 -6.72 -50.78 12.60
CA GLY B 106 -7.93 -50.24 13.23
C GLY B 106 -8.47 -49.00 12.50
N THR B 107 -7.77 -47.86 12.60
CA THR B 107 -8.35 -46.62 12.11
C THR B 107 -7.60 -46.11 10.88
N LEU B 108 -6.29 -46.41 10.79
CA LEU B 108 -5.40 -45.89 9.76
C LEU B 108 -5.22 -46.90 8.63
N THR B 109 -5.41 -46.41 7.39
CA THR B 109 -5.24 -47.16 6.16
C THR B 109 -4.22 -46.48 5.24
N ALA B 110 -3.23 -47.28 4.80
CA ALA B 110 -2.32 -46.85 3.75
C ALA B 110 -2.82 -47.31 2.39
N ARG B 111 -3.04 -46.37 1.47
CA ARG B 111 -3.49 -46.71 0.13
C ARG B 111 -2.31 -46.54 -0.82
N ILE B 112 -2.01 -47.61 -1.55
CA ILE B 112 -0.80 -47.69 -2.35
C ILE B 112 -1.16 -47.78 -3.82
N GLN B 113 -1.04 -46.66 -4.54
CA GLN B 113 -1.25 -46.60 -5.98
C GLN B 113 -0.01 -47.22 -6.65
N LYS B 114 -0.24 -48.08 -7.66
CA LYS B 114 0.82 -48.89 -8.25
C LYS B 114 1.56 -48.10 -9.33
N ARG B 115 0.80 -47.45 -10.23
CA ARG B 115 1.38 -46.76 -11.36
C ARG B 115 0.72 -45.42 -11.57
N PRO B 116 1.42 -44.28 -11.40
CA PRO B 116 2.72 -44.20 -10.74
C PRO B 116 2.67 -44.55 -9.26
N PHE B 117 3.83 -44.90 -8.70
CA PHE B 117 3.89 -45.35 -7.32
C PHE B 117 3.73 -44.15 -6.37
N ALA B 118 2.69 -44.20 -5.53
CA ALA B 118 2.45 -43.19 -4.52
C ALA B 118 1.61 -43.80 -3.40
N ILE B 119 1.98 -43.51 -2.14
CA ILE B 119 1.20 -43.94 -0.99
C ILE B 119 0.41 -42.73 -0.47
N SER B 120 -0.84 -42.98 -0.10
CA SER B 120 -1.59 -41.95 0.61
C SER B 120 -2.21 -42.57 1.88
N TYR B 121 -2.65 -41.72 2.81
CA TYR B 121 -3.09 -42.18 4.12
C TYR B 121 -4.52 -41.69 4.41
N TYR B 122 -5.31 -42.62 4.98
CA TYR B 122 -6.74 -42.43 5.24
C TYR B 122 -7.07 -42.79 6.69
N ARG B 123 -7.84 -41.92 7.33
N ARG B 123 -7.81 -41.89 7.33
CA ARG B 123 -8.56 -42.28 8.54
CA ARG B 123 -8.60 -42.17 8.52
C ARG B 123 -10.04 -42.30 8.17
C ARG B 123 -10.05 -42.32 8.07
N ASP B 124 -10.66 -43.48 8.36
CA ASP B 124 -11.92 -43.85 7.73
C ASP B 124 -11.69 -43.84 6.22
N SER B 125 -12.52 -43.05 5.52
CA SER B 125 -12.30 -42.73 4.14
C SER B 125 -12.02 -41.24 3.98
N GLU B 126 -11.43 -40.60 5.02
CA GLU B 126 -10.95 -39.23 4.87
C GLU B 126 -9.45 -39.25 4.58
N LEU B 127 -9.08 -38.53 3.53
CA LEU B 127 -7.69 -38.41 3.12
C LEU B 127 -6.95 -37.53 4.11
N LEU B 128 -5.89 -38.08 4.71
CA LEU B 128 -5.03 -37.31 5.57
C LEU B 128 -3.93 -36.65 4.76
N LEU B 129 -3.15 -37.49 4.07
CA LEU B 129 -1.88 -37.09 3.49
C LEU B 129 -1.55 -38.01 2.32
N ALA B 130 -1.27 -37.40 1.16
CA ALA B 130 -0.81 -38.07 -0.06
C ALA B 130 0.65 -37.71 -0.38
N GLU B 131 1.46 -38.76 -0.64
CA GLU B 131 2.74 -38.59 -1.30
C GLU B 131 2.56 -37.89 -2.64
N GLU B 132 3.53 -37.03 -2.99
CA GLU B 132 3.62 -36.48 -4.35
C GLU B 132 4.62 -37.39 -5.08
N SER B 133 5.87 -36.93 -5.22
CA SER B 133 6.93 -37.80 -5.70
C SER B 133 7.25 -38.84 -4.63
N GLY B 134 7.04 -38.47 -3.38
CA GLY B 134 7.39 -39.31 -2.25
C GLY B 134 8.89 -39.30 -2.02
N PHE B 135 9.45 -40.52 -1.94
CA PHE B 135 10.88 -40.72 -1.73
C PHE B 135 11.65 -40.47 -3.01
N GLN B 136 12.63 -39.57 -2.96
CA GLN B 136 13.64 -39.41 -4.02
C GLN B 136 15.03 -39.58 -3.38
N VAL B 137 15.95 -40.24 -4.11
CA VAL B 137 17.23 -40.68 -3.57
C VAL B 137 18.39 -39.98 -4.29
N ASN B 138 19.62 -40.53 -4.16
CA ASN B 138 20.78 -40.06 -4.88
C ASN B 138 21.50 -38.98 -4.07
N LYS B 141 21.34 -37.52 -1.31
CA LYS B 141 20.48 -36.86 -0.29
C LYS B 141 19.16 -37.63 -0.19
N ILE B 142 18.56 -37.60 1.00
CA ILE B 142 17.26 -38.19 1.30
C ILE B 142 16.22 -37.09 1.09
N ASN B 143 15.11 -37.43 0.45
CA ASN B 143 14.13 -36.44 0.14
C ASN B 143 12.74 -37.08 0.10
N PHE B 144 11.77 -36.49 0.83
CA PHE B 144 10.38 -36.92 0.77
C PHE B 144 9.49 -35.73 0.43
N ARG B 145 8.56 -35.93 -0.52
CA ARG B 145 7.64 -34.89 -0.96
C ARG B 145 6.21 -35.40 -0.86
N PHE B 146 5.33 -34.57 -0.30
CA PHE B 146 3.90 -34.86 -0.14
C PHE B 146 3.07 -33.67 -0.60
N TYR B 147 1.82 -33.94 -0.98
CA TYR B 147 0.86 -32.88 -1.24
C TYR B 147 0.32 -32.31 0.07
N LEU B 148 0.07 -31.00 0.06
CA LEU B 148 -0.73 -30.35 1.09
C LEU B 148 -2.10 -29.99 0.51
N SER B 149 -3.16 -30.19 1.29
CA SER B 149 -4.49 -29.81 0.88
C SER B 149 -4.61 -28.30 1.01
N PRO B 150 -5.47 -27.61 0.24
CA PRO B 150 -5.62 -26.17 0.38
C PRO B 150 -6.37 -25.95 1.70
N GLY B 151 -5.94 -24.93 2.43
CA GLY B 151 -6.57 -24.63 3.71
C GLY B 151 -5.95 -25.41 4.86
N GLU B 152 -5.20 -26.48 4.57
CA GLU B 152 -4.58 -27.26 5.63
C GLU B 152 -3.58 -26.39 6.40
N LYS B 153 -3.69 -26.37 7.75
CA LYS B 153 -2.78 -25.63 8.62
C LYS B 153 -1.76 -26.61 9.23
N ILE B 154 -0.50 -26.16 9.38
CA ILE B 154 0.56 -27.07 9.79
C ILE B 154 1.36 -26.48 10.94
N LEU B 155 1.15 -27.06 12.13
CA LEU B 155 2.01 -26.84 13.27
C LEU B 155 3.21 -27.76 13.16
N GLY B 156 4.32 -27.38 13.78
CA GLY B 156 5.44 -28.32 13.88
C GLY B 156 6.80 -27.66 13.82
N GLY B 157 7.84 -28.52 13.75
CA GLY B 157 9.22 -28.08 13.61
C GLY B 157 9.89 -27.89 14.95
N GLY B 158 9.11 -28.12 16.01
CA GLY B 158 9.63 -27.87 17.34
C GLY B 158 9.79 -26.38 17.59
N GLN B 159 10.93 -26.02 18.20
CA GLN B 159 11.15 -24.63 18.56
C GLN B 159 11.46 -23.81 17.32
N ARG B 160 10.49 -22.97 16.95
CA ARG B 160 10.65 -21.85 16.03
C ARG B 160 9.77 -20.70 16.52
N ILE B 161 10.14 -19.46 16.19
CA ILE B 161 9.24 -18.33 16.41
C ILE B 161 8.85 -17.74 15.04
N LEU B 162 7.77 -18.27 14.45
CA LEU B 162 7.40 -18.02 13.08
C LEU B 162 5.89 -17.83 12.91
N GLY B 163 5.13 -17.99 14.00
CA GLY B 163 3.69 -18.21 13.94
C GLY B 163 3.34 -19.69 14.12
N MET B 164 2.21 -19.92 14.80
CA MET B 164 1.80 -21.28 15.16
C MET B 164 1.63 -22.17 13.93
N ASP B 165 0.99 -21.65 12.87
CA ASP B 165 0.86 -22.35 11.59
C ASP B 165 2.14 -22.12 10.78
N ARG B 166 2.95 -23.17 10.58
CA ARG B 166 4.26 -22.98 9.96
C ARG B 166 4.20 -23.12 8.43
N ARG B 167 3.00 -23.31 7.87
CA ARG B 167 2.82 -23.41 6.43
C ARG B 167 3.29 -22.11 5.77
N GLY B 168 3.92 -22.25 4.60
CA GLY B 168 4.55 -21.12 3.95
C GLY B 168 5.96 -20.87 4.47
N GLN B 169 6.47 -21.74 5.37
CA GLN B 169 7.79 -21.57 5.94
C GLN B 169 8.68 -22.76 5.58
N ARG B 170 9.99 -22.47 5.53
CA ARG B 170 11.04 -23.42 5.20
C ARG B 170 12.14 -23.22 6.24
N PHE B 171 12.70 -24.32 6.77
CA PHE B 171 13.73 -24.16 7.78
C PHE B 171 14.53 -25.45 7.92
N PRO B 172 15.75 -25.35 8.47
CA PRO B 172 16.58 -26.53 8.73
C PRO B 172 16.12 -27.38 9.91
N LEU B 173 16.45 -28.66 9.78
CA LEU B 173 16.50 -29.62 10.88
C LEU B 173 17.95 -29.79 11.29
N TYR B 174 18.42 -28.86 12.12
CA TYR B 174 19.75 -28.91 12.67
C TYR B 174 19.72 -28.13 13.98
N ASN B 175 19.60 -28.88 15.09
CA ASN B 175 19.60 -28.28 16.41
C ASN B 175 20.77 -27.33 16.52
N ARG B 176 20.50 -26.12 17.02
CA ARG B 176 21.51 -25.09 17.09
C ARG B 176 21.09 -23.98 18.04
N ALA B 177 22.09 -23.42 18.71
CA ALA B 177 21.85 -22.32 19.63
C ALA B 177 21.31 -21.09 18.89
N HIS B 178 20.44 -20.33 19.57
CA HIS B 178 20.05 -19.01 19.14
C HIS B 178 20.11 -18.08 20.35
N TYR B 179 21.34 -17.74 20.73
CA TYR B 179 21.61 -16.92 21.90
C TYR B 179 20.87 -15.59 21.76
N GLY B 180 20.05 -15.25 22.77
CA GLY B 180 19.55 -13.89 22.91
C GLY B 180 18.39 -13.66 21.96
N TYR B 181 17.74 -14.73 21.53
CA TYR B 181 16.58 -14.60 20.69
C TYR B 181 15.49 -13.81 21.39
N SER B 182 14.53 -13.39 20.56
CA SER B 182 13.48 -12.46 20.96
C SER B 182 12.18 -12.90 20.32
N ASP B 183 11.82 -12.26 19.20
CA ASP B 183 10.50 -12.42 18.61
C ASP B 183 10.56 -13.13 17.26
N HIS B 184 11.71 -13.69 16.89
CA HIS B 184 11.82 -14.42 15.63
C HIS B 184 12.91 -15.50 15.69
N SER B 185 12.62 -16.66 15.11
CA SER B 185 13.63 -17.69 14.94
C SER B 185 13.17 -18.77 13.98
N GLY B 186 14.03 -19.05 12.99
CA GLY B 186 13.83 -20.19 12.11
C GLY B 186 14.62 -21.43 12.53
N GLN B 187 15.40 -21.32 13.60
CA GLN B 187 16.34 -22.38 13.95
C GLN B 187 16.83 -22.15 15.38
N MET B 188 16.53 -23.10 16.29
CA MET B 188 16.93 -22.96 17.68
C MET B 188 17.42 -24.31 18.23
N TYR B 189 17.55 -24.36 19.56
CA TYR B 189 18.06 -25.49 20.33
C TYR B 189 17.41 -26.83 19.99
N PHE B 190 16.08 -26.85 19.86
CA PHE B 190 15.38 -28.11 19.84
C PHE B 190 14.33 -28.07 18.73
N GLY B 191 14.78 -28.43 17.52
CA GLY B 191 13.84 -28.74 16.47
C GLY B 191 13.29 -30.14 16.67
N LEU B 192 12.12 -30.40 16.08
CA LEU B 192 11.57 -31.72 15.94
C LEU B 192 11.30 -31.95 14.44
N PRO B 193 11.68 -33.12 13.89
CA PRO B 193 11.33 -33.45 12.52
C PRO B 193 9.90 -33.95 12.44
N ALA B 194 8.95 -33.08 12.83
CA ALA B 194 7.57 -33.54 12.91
C ALA B 194 6.59 -32.39 12.68
N ILE B 195 5.40 -32.74 12.20
CA ILE B 195 4.34 -31.76 12.06
C ILE B 195 3.02 -32.34 12.57
N MET B 196 2.11 -31.42 12.93
CA MET B 196 0.74 -31.74 13.28
C MET B 196 -0.15 -30.92 12.36
N SER B 197 -1.04 -31.59 11.63
CA SER B 197 -1.92 -30.94 10.69
C SER B 197 -3.31 -30.74 11.28
N SER B 198 -4.03 -29.74 10.74
CA SER B 198 -5.43 -29.47 11.04
C SER B 198 -6.34 -30.59 10.56
N LYS B 199 -5.82 -31.52 9.75
CA LYS B 199 -6.55 -32.71 9.35
C LYS B 199 -6.40 -33.79 10.42
N GLN B 200 -5.67 -33.47 11.49
CA GLN B 200 -5.54 -34.30 12.68
C GLN B 200 -4.72 -35.55 12.37
N TYR B 201 -3.51 -35.32 11.84
CA TYR B 201 -2.47 -36.34 11.76
C TYR B 201 -1.18 -35.72 12.25
N ILE B 202 -0.28 -36.60 12.71
CA ILE B 202 1.10 -36.24 12.96
C ILE B 202 1.95 -37.04 11.97
N LEU B 203 2.92 -36.34 11.38
CA LEU B 203 3.91 -36.92 10.49
C LEU B 203 5.29 -36.74 11.12
N VAL B 204 6.02 -37.84 11.29
CA VAL B 204 7.39 -37.77 11.78
C VAL B 204 8.37 -38.17 10.66
N PHE B 205 9.40 -37.33 10.44
CA PHE B 205 10.57 -37.71 9.67
C PHE B 205 11.56 -38.37 10.62
N ASP B 206 11.63 -39.70 10.58
CA ASP B 206 12.35 -40.43 11.62
C ASP B 206 13.83 -40.49 11.28
N ASN B 207 14.49 -39.33 11.33
CA ASN B 207 15.79 -39.15 10.75
C ASN B 207 16.56 -38.17 11.62
N SER B 208 17.81 -38.51 11.89
CA SER B 208 18.60 -37.84 12.88
C SER B 208 19.54 -36.81 12.26
N ALA B 209 19.59 -36.73 10.92
CA ALA B 209 20.69 -36.04 10.25
C ALA B 209 20.36 -34.58 9.96
N SER B 210 21.42 -33.81 9.72
CA SER B 210 21.31 -32.45 9.17
C SER B 210 20.36 -32.46 7.97
N GLY B 211 19.30 -31.65 8.06
CA GLY B 211 18.19 -31.73 7.12
C GLY B 211 17.43 -30.41 7.01
N ALA B 212 16.23 -30.50 6.44
CA ALA B 212 15.41 -29.32 6.26
C ALA B 212 13.94 -29.72 6.07
N MET B 213 13.05 -28.78 6.38
CA MET B 213 11.64 -28.95 6.13
C MET B 213 11.14 -27.72 5.38
N ASP B 214 10.32 -27.96 4.35
CA ASP B 214 9.78 -26.91 3.51
C ASP B 214 8.26 -27.13 3.47
N ILE B 215 7.54 -26.32 4.24
CA ILE B 215 6.12 -26.56 4.46
C ILE B 215 5.33 -25.72 3.45
N GLY B 216 5.36 -26.14 2.18
CA GLY B 216 4.65 -25.41 1.15
C GLY B 216 5.17 -23.98 0.97
N LYS B 217 6.48 -23.74 1.19
CA LYS B 217 7.10 -22.47 0.85
C LYS B 217 7.52 -22.43 -0.63
N THR B 218 8.55 -23.22 -1.00
CA THR B 218 9.09 -23.25 -2.36
C THR B 218 7.96 -23.55 -3.33
N GLU B 219 7.23 -24.63 -3.04
CA GLU B 219 6.08 -25.00 -3.84
C GLU B 219 4.84 -24.97 -2.95
N SER B 220 3.82 -24.26 -3.45
CA SER B 220 2.61 -23.92 -2.74
C SER B 220 1.97 -25.14 -2.07
N ASP B 221 1.90 -26.23 -2.81
CA ASP B 221 1.11 -27.38 -2.40
C ASP B 221 2.04 -28.54 -2.04
N ILE B 222 3.30 -28.25 -1.69
CA ILE B 222 4.21 -29.35 -1.39
C ILE B 222 4.85 -29.16 -0.02
N LEU B 223 4.78 -30.24 0.76
CA LEU B 223 5.60 -30.43 1.93
C LEU B 223 6.79 -31.28 1.54
N GLN B 224 8.00 -30.77 1.75
CA GLN B 224 9.19 -31.55 1.48
C GLN B 224 10.04 -31.70 2.75
N LEU B 225 10.55 -32.92 2.94
CA LEU B 225 11.50 -33.27 4.00
C LEU B 225 12.81 -33.70 3.35
N GLU B 226 13.96 -33.28 3.91
CA GLU B 226 15.26 -33.53 3.31
C GLU B 226 16.29 -33.78 4.40
N ALA B 227 17.23 -34.70 4.14
CA ALA B 227 18.40 -34.88 4.97
C ALA B 227 19.62 -35.22 4.11
N LYS B 228 20.81 -34.86 4.60
CA LYS B 228 22.07 -35.19 3.96
C LYS B 228 22.35 -36.70 4.01
N SER B 229 21.74 -37.39 4.97
CA SER B 229 22.07 -38.78 5.26
C SER B 229 21.07 -39.32 6.29
N GLY B 230 21.41 -40.46 6.91
CA GLY B 230 20.57 -41.05 7.94
C GLY B 230 19.42 -41.85 7.35
N ARG B 231 18.47 -42.19 8.23
CA ARG B 231 17.43 -43.16 7.96
C ARG B 231 16.39 -42.55 7.03
N SER B 232 15.94 -43.34 6.05
CA SER B 232 14.94 -42.91 5.07
C SER B 232 13.57 -43.48 5.45
N ALA B 233 12.97 -42.89 6.49
CA ALA B 233 11.74 -43.40 7.09
C ALA B 233 10.86 -42.23 7.54
N TYR B 234 9.56 -42.43 7.46
CA TYR B 234 8.62 -41.55 8.10
C TYR B 234 7.54 -42.37 8.80
N ILE B 235 6.81 -41.69 9.72
CA ILE B 235 5.79 -42.30 10.54
C ILE B 235 4.58 -41.38 10.47
N LEU B 236 3.43 -41.96 10.09
CA LEU B 236 2.19 -41.23 10.15
C LEU B 236 1.33 -41.75 11.32
N VAL B 237 0.85 -40.82 12.16
CA VAL B 237 -0.04 -41.10 13.29
C VAL B 237 -1.34 -40.34 13.08
N ALA B 238 -2.49 -41.03 13.19
CA ALA B 238 -3.81 -40.41 13.06
C ALA B 238 -4.56 -40.37 14.40
N GLY B 239 -5.60 -39.55 14.43
CA GLY B 239 -6.46 -39.35 15.59
C GLY B 239 -7.81 -38.78 15.15
N ASN B 240 -8.86 -39.03 15.98
CA ASN B 240 -10.19 -38.49 15.75
C ASN B 240 -10.37 -37.15 16.45
N SER B 241 -9.38 -36.75 17.25
CA SER B 241 -9.39 -35.49 17.96
C SER B 241 -7.94 -35.16 18.26
N TYR B 242 -7.66 -33.91 18.63
CA TYR B 242 -6.28 -33.57 18.95
C TYR B 242 -5.82 -34.36 20.18
N PRO B 243 -6.62 -34.52 21.26
CA PRO B 243 -6.22 -35.34 22.41
C PRO B 243 -5.93 -36.79 22.01
N SER B 244 -6.81 -37.38 21.21
CA SER B 244 -6.64 -38.72 20.70
C SER B 244 -5.38 -38.86 19.85
N LEU B 245 -5.17 -37.89 18.95
CA LEU B 245 -3.98 -37.87 18.09
C LEU B 245 -2.74 -37.91 18.99
N ILE B 246 -2.78 -37.11 20.06
CA ILE B 246 -1.65 -36.99 20.96
C ILE B 246 -1.48 -38.26 21.82
N GLU B 247 -2.58 -38.93 22.14
CA GLU B 247 -2.53 -40.19 22.87
C GLU B 247 -1.85 -41.25 21.99
N ASN B 248 -2.28 -41.32 20.74
CA ASN B 248 -1.77 -42.26 19.75
C ASN B 248 -0.29 -42.03 19.46
N PHE B 249 0.10 -40.75 19.43
CA PHE B 249 1.47 -40.36 19.13
C PHE B 249 2.39 -40.75 20.27
N THR B 250 1.98 -40.45 21.53
CA THR B 250 2.82 -40.82 22.66
C THR B 250 2.76 -42.33 22.84
N GLN B 251 1.68 -42.99 22.43
CA GLN B 251 1.66 -44.43 22.50
C GLN B 251 2.89 -45.02 21.81
N VAL B 252 3.25 -44.50 20.62
CA VAL B 252 4.28 -45.16 19.81
C VAL B 252 5.63 -44.47 19.94
N THR B 253 5.68 -43.18 20.34
CA THR B 253 6.96 -42.51 20.49
C THR B 253 7.46 -42.55 21.93
N GLY B 254 6.55 -42.75 22.89
CA GLY B 254 6.90 -42.85 24.30
C GLY B 254 6.07 -41.90 25.17
N ARG B 255 5.70 -42.37 26.37
CA ARG B 255 5.01 -41.59 27.38
C ARG B 255 6.04 -41.09 28.39
N GLN B 256 5.92 -39.83 28.78
CA GLN B 256 6.79 -39.30 29.81
C GLN B 256 6.44 -39.98 31.14
N PRO B 257 7.45 -40.55 31.83
CA PRO B 257 7.24 -41.03 33.19
C PRO B 257 7.01 -39.86 34.14
N LEU B 258 6.11 -40.06 35.11
CA LEU B 258 5.75 -39.03 36.05
C LEU B 258 7.03 -38.51 36.69
N PRO B 259 7.37 -37.21 36.54
CA PRO B 259 8.53 -36.64 37.22
C PRO B 259 8.33 -36.73 38.72
N PRO B 260 9.38 -36.54 39.53
CA PRO B 260 9.20 -36.42 40.97
C PRO B 260 8.34 -35.17 41.21
N ARG B 261 7.52 -35.18 42.26
CA ARG B 261 6.66 -34.04 42.55
C ARG B 261 7.48 -32.76 42.74
N TRP B 262 8.68 -32.90 43.27
CA TRP B 262 9.52 -31.75 43.49
C TRP B 262 9.88 -30.98 42.21
N ALA B 263 9.72 -31.60 41.04
CA ALA B 263 10.02 -30.91 39.79
C ALA B 263 8.98 -29.82 39.55
N LEU B 264 7.83 -29.91 40.24
CA LEU B 264 6.77 -28.93 40.21
C LEU B 264 6.96 -27.81 41.22
N GLY B 265 8.05 -27.83 41.98
CA GLY B 265 8.30 -26.80 42.97
C GLY B 265 9.08 -25.61 42.42
N SER B 266 9.60 -24.83 43.38
CA SER B 266 10.36 -23.62 43.19
C SER B 266 11.84 -23.97 43.11
N PHE B 267 12.46 -23.53 42.01
CA PHE B 267 13.89 -23.64 41.81
C PHE B 267 14.57 -22.29 42.05
N ALA B 268 15.62 -22.34 42.84
CA ALA B 268 16.64 -21.31 42.86
C ALA B 268 17.68 -21.59 41.76
N SER B 269 17.78 -20.67 40.78
CA SER B 269 18.81 -20.82 39.75
C SER B 269 19.31 -19.46 39.29
N ARG B 270 20.59 -19.45 38.92
CA ARG B 270 21.25 -18.39 38.19
C ARG B 270 22.42 -19.00 37.40
N PHE B 271 23.01 -18.16 36.55
CA PHE B 271 24.30 -18.46 35.92
C PHE B 271 25.26 -17.42 36.43
N GLY B 272 25.94 -17.72 37.55
CA GLY B 272 25.78 -18.93 38.35
C GLY B 272 26.29 -18.71 39.78
N TYR B 273 25.87 -19.53 40.76
CA TYR B 273 26.48 -19.45 42.09
C TYR B 273 27.97 -19.68 41.95
N ARG B 274 28.80 -18.79 42.51
CA ARG B 274 30.24 -18.87 42.40
C ARG B 274 30.90 -19.69 43.52
N SER B 275 30.15 -20.07 44.56
CA SER B 275 30.73 -20.65 45.74
C SER B 275 29.67 -21.39 46.55
N GLU B 276 30.18 -22.23 47.46
CA GLU B 276 29.37 -22.95 48.41
C GLU B 276 28.69 -21.94 49.32
N ALA B 277 29.44 -20.95 49.78
CA ALA B 277 28.90 -19.87 50.61
C ALA B 277 27.70 -19.20 49.93
N GLU B 278 27.86 -18.93 48.63
CA GLU B 278 26.88 -18.18 47.89
C GLU B 278 25.65 -19.04 47.68
N THR B 279 25.85 -20.34 47.43
CA THR B 279 24.76 -21.26 47.27
C THR B 279 24.02 -21.40 48.60
N ARG B 280 24.76 -21.59 49.69
CA ARG B 280 24.12 -21.71 51.00
C ARG B 280 23.33 -20.42 51.30
N ALA B 281 23.94 -19.24 51.06
CA ALA B 281 23.28 -17.98 51.35
C ALA B 281 21.99 -17.81 50.53
N THR B 282 21.92 -18.43 49.34
CA THR B 282 20.72 -18.34 48.52
C THR B 282 19.63 -19.24 49.11
N VAL B 283 20.00 -20.42 49.63
CA VAL B 283 19.02 -21.28 50.27
C VAL B 283 18.51 -20.54 51.51
N GLN B 284 19.43 -19.90 52.25
CA GLN B 284 19.08 -19.12 53.42
C GLN B 284 18.12 -18.00 52.99
N LYS B 285 18.40 -17.39 51.84
CA LYS B 285 17.62 -16.24 51.41
C LYS B 285 16.17 -16.63 51.19
N TYR B 286 15.91 -17.81 50.64
CA TYR B 286 14.55 -18.27 50.45
C TYR B 286 13.85 -18.48 51.81
N LYS B 287 14.59 -18.99 52.81
CA LYS B 287 14.01 -19.26 54.12
C LYS B 287 13.74 -17.94 54.87
N THR B 288 14.69 -16.98 54.86
CA THR B 288 14.47 -15.72 55.54
C THR B 288 13.44 -14.84 54.80
N GLU B 289 13.22 -15.02 53.48
CA GLU B 289 12.27 -14.19 52.74
C GLU B 289 10.91 -14.87 52.62
N ASP B 290 10.81 -16.11 53.08
CA ASP B 290 9.54 -16.83 53.07
C ASP B 290 9.02 -17.04 51.66
N PHE B 291 9.92 -17.47 50.75
CA PHE B 291 9.52 -18.07 49.49
C PHE B 291 9.76 -19.57 49.51
N PRO B 292 8.79 -20.36 49.04
CA PRO B 292 8.99 -21.79 48.82
C PRO B 292 10.21 -22.10 47.95
N LEU B 293 10.91 -23.21 48.29
CA LEU B 293 12.12 -23.64 47.61
C LEU B 293 12.27 -25.14 47.71
N ASP B 294 12.30 -25.82 46.56
CA ASP B 294 12.54 -27.26 46.49
C ASP B 294 13.97 -27.61 46.09
N THR B 295 14.53 -26.82 45.14
CA THR B 295 15.75 -27.21 44.45
C THR B 295 16.60 -25.99 44.14
N ILE B 296 17.89 -26.13 44.44
CA ILE B 296 18.86 -25.14 43.97
C ILE B 296 19.66 -25.80 42.84
N VAL B 297 19.99 -24.98 41.81
CA VAL B 297 20.63 -25.46 40.59
C VAL B 297 22.01 -24.82 40.49
N LEU B 298 23.05 -25.65 40.25
CA LEU B 298 24.41 -25.17 40.20
C LEU B 298 24.89 -25.22 38.73
N ASP B 299 25.30 -24.05 38.25
CA ASP B 299 25.84 -23.86 36.91
C ASP B 299 27.36 -24.08 36.96
N LEU B 300 28.05 -23.69 35.89
CA LEU B 300 29.31 -24.34 35.54
C LEU B 300 30.42 -23.96 36.50
N TYR B 301 30.19 -23.02 37.43
CA TYR B 301 31.24 -22.66 38.37
C TYR B 301 31.48 -23.71 39.47
N TRP B 302 30.61 -24.74 39.52
CA TRP B 302 30.78 -25.82 40.48
C TRP B 302 32.02 -26.65 40.17
N PHE B 303 32.48 -26.63 38.90
CA PHE B 303 33.70 -27.38 38.56
C PHE B 303 34.86 -26.49 38.13
N GLY B 304 34.72 -25.15 38.22
CA GLY B 304 35.84 -24.25 38.02
C GLY B 304 35.47 -22.77 38.07
N LYS B 305 36.45 -21.93 38.39
CA LYS B 305 36.23 -20.53 38.75
C LYS B 305 36.03 -19.63 37.53
N ASP B 306 36.26 -20.15 36.31
CA ASP B 306 36.12 -19.37 35.08
C ASP B 306 35.12 -20.10 34.19
N ILE B 307 34.48 -19.33 33.30
CA ILE B 307 33.59 -19.91 32.30
C ILE B 307 34.41 -20.80 31.37
N LYS B 308 35.64 -20.39 31.07
CA LYS B 308 36.44 -21.13 30.10
C LYS B 308 37.50 -21.97 30.77
N GLY B 309 37.76 -23.15 30.20
CA GLY B 309 39.01 -23.84 30.43
C GLY B 309 38.87 -25.00 31.43
N HIS B 310 37.68 -25.14 32.06
CA HIS B 310 37.49 -26.13 33.12
C HIS B 310 36.51 -27.23 32.72
N MET B 311 35.68 -26.96 31.71
CA MET B 311 34.62 -27.88 31.31
C MET B 311 35.20 -29.26 31.02
N GLY B 312 34.61 -30.26 31.69
CA GLY B 312 35.00 -31.65 31.56
C GLY B 312 35.63 -32.15 32.86
N ASN B 313 35.97 -31.21 33.75
CA ASN B 313 36.41 -31.52 35.09
C ASN B 313 35.39 -32.45 35.78
N LEU B 314 34.11 -32.15 35.62
CA LEU B 314 33.02 -32.95 36.19
C LEU B 314 33.38 -33.36 37.63
N ASP B 315 33.78 -32.37 38.40
CA ASP B 315 34.15 -32.60 39.78
C ASP B 315 34.23 -31.24 40.44
N TRP B 316 34.13 -31.22 41.77
CA TRP B 316 34.00 -29.97 42.50
C TRP B 316 35.28 -29.17 42.45
N ASP B 317 35.13 -27.86 42.21
CA ASP B 317 36.21 -26.92 42.45
C ASP B 317 36.24 -26.59 43.94
N LYS B 318 37.21 -27.22 44.62
CA LYS B 318 37.23 -27.29 46.07
C LYS B 318 37.71 -25.96 46.67
N GLU B 319 38.36 -25.10 45.87
CA GLU B 319 38.76 -23.79 46.35
C GLU B 319 37.48 -22.99 46.67
N ASN B 320 36.38 -23.21 45.94
CA ASN B 320 35.15 -22.45 46.07
C ASN B 320 33.97 -23.26 46.60
N PHE B 321 34.03 -24.60 46.46
CA PHE B 321 33.07 -25.53 47.00
C PHE B 321 33.82 -26.52 47.88
N PRO B 322 34.28 -26.09 49.07
CA PRO B 322 35.18 -26.89 49.91
C PRO B 322 34.58 -28.12 50.58
N THR B 323 33.26 -28.14 50.83
CA THR B 323 32.63 -29.20 51.60
C THR B 323 31.28 -29.52 50.99
N PRO B 324 31.25 -30.04 49.76
CA PRO B 324 30.00 -30.23 49.05
C PRO B 324 29.07 -31.33 49.52
N LEU B 325 29.63 -32.43 50.06
CA LEU B 325 28.77 -33.49 50.58
C LEU B 325 27.94 -32.93 51.73
N ASP B 326 28.60 -32.16 52.57
CA ASP B 326 27.97 -31.49 53.69
C ASP B 326 26.94 -30.49 53.20
N MET B 327 27.33 -29.72 52.17
CA MET B 327 26.44 -28.73 51.59
C MET B 327 25.13 -29.41 51.18
N MET B 328 25.26 -30.48 50.42
CA MET B 328 24.09 -31.15 49.87
C MET B 328 23.26 -31.82 50.96
N ALA B 329 23.94 -32.40 51.96
CA ALA B 329 23.27 -33.01 53.11
C ALA B 329 22.51 -31.95 53.88
N ASP B 330 23.19 -30.83 54.16
CA ASP B 330 22.60 -29.68 54.87
C ASP B 330 21.34 -29.20 54.17
N PHE B 331 21.38 -29.09 52.83
CA PHE B 331 20.21 -28.73 52.04
C PHE B 331 19.12 -29.80 52.13
N LYS B 332 19.47 -31.08 52.06
CA LYS B 332 18.47 -32.11 52.13
C LYS B 332 17.72 -32.03 53.47
N GLN B 333 18.42 -31.68 54.54
CA GLN B 333 17.80 -31.50 55.86
C GLN B 333 16.78 -30.38 55.83
N GLN B 334 16.90 -29.44 54.88
CA GLN B 334 15.88 -28.41 54.74
C GLN B 334 14.95 -28.74 53.58
N GLY B 335 14.96 -29.99 53.10
CA GLY B 335 14.05 -30.42 52.05
C GLY B 335 14.39 -29.79 50.68
N VAL B 336 15.66 -29.41 50.50
CA VAL B 336 16.14 -28.81 49.25
C VAL B 336 17.10 -29.78 48.53
N LYS B 337 16.82 -30.03 47.25
CA LYS B 337 17.68 -30.85 46.40
C LYS B 337 18.75 -30.01 45.70
N THR B 338 19.86 -30.68 45.32
CA THR B 338 20.90 -30.08 44.49
C THR B 338 20.92 -30.70 43.08
N VAL B 339 21.02 -29.80 42.08
CA VAL B 339 21.08 -30.17 40.67
C VAL B 339 22.32 -29.51 40.09
N LEU B 340 23.07 -30.31 39.32
CA LEU B 340 24.33 -29.86 38.76
C LEU B 340 24.21 -29.90 37.24
N ILE B 341 24.85 -28.92 36.61
CA ILE B 341 24.94 -28.85 35.16
C ILE B 341 26.09 -29.76 34.71
N THR B 342 25.88 -30.41 33.58
CA THR B 342 26.96 -31.07 32.88
C THR B 342 26.83 -30.72 31.40
N GLU B 343 27.93 -30.95 30.66
CA GLU B 343 27.98 -30.70 29.24
C GLU B 343 28.66 -31.84 28.47
N PRO B 344 28.46 -31.92 27.14
CA PRO B 344 29.05 -32.99 26.34
C PRO B 344 30.55 -32.94 26.15
N PHE B 345 31.16 -31.76 26.39
CA PHE B 345 32.52 -31.48 25.96
C PHE B 345 33.50 -31.67 27.11
N VAL B 346 34.68 -32.21 26.76
CA VAL B 346 35.82 -32.31 27.66
C VAL B 346 36.98 -31.55 27.04
N LEU B 347 37.42 -30.50 27.70
CA LEU B 347 38.49 -29.64 27.23
C LEU B 347 39.83 -30.33 27.44
N THR B 348 40.79 -29.96 26.58
CA THR B 348 42.14 -30.49 26.69
C THR B 348 42.82 -29.90 27.92
N SER B 349 42.31 -28.75 28.38
CA SER B 349 42.82 -28.10 29.58
C SER B 349 42.17 -28.67 30.85
N SER B 350 41.17 -29.54 30.71
CA SER B 350 40.47 -30.11 31.84
C SER B 350 41.26 -31.28 32.43
N LYS B 351 40.97 -31.59 33.71
CA LYS B 351 41.69 -32.60 34.46
C LYS B 351 41.34 -33.99 33.94
N ARG B 352 40.25 -34.10 33.15
CA ARG B 352 39.80 -35.40 32.67
C ARG B 352 40.14 -35.67 31.19
N TRP B 353 40.89 -34.78 30.53
CA TRP B 353 41.29 -35.00 29.13
C TRP B 353 42.03 -36.34 28.93
N ASP B 354 43.18 -36.52 29.57
CA ASP B 354 44.02 -37.72 29.40
C ASP B 354 43.23 -39.00 29.68
N ASP B 355 42.36 -38.96 30.70
CA ASP B 355 41.59 -40.11 31.10
C ASP B 355 40.50 -40.45 30.09
N ALA B 356 39.85 -39.43 29.53
CA ALA B 356 38.81 -39.69 28.52
C ALA B 356 39.43 -40.24 27.23
N VAL B 357 40.59 -39.69 26.89
CA VAL B 357 41.36 -40.21 25.76
C VAL B 357 41.72 -41.67 26.01
N LYS B 358 42.30 -41.94 27.20
CA LYS B 358 42.71 -43.29 27.57
C LYS B 358 41.53 -44.26 27.51
N ALA B 359 40.36 -43.88 28.01
CA ALA B 359 39.18 -44.74 27.96
C ALA B 359 38.51 -44.75 26.59
N LYS B 360 39.00 -43.95 25.62
CA LYS B 360 38.37 -43.95 24.31
C LYS B 360 36.91 -43.51 24.44
N ALA B 361 36.69 -42.47 25.26
CA ALA B 361 35.34 -42.02 25.57
C ALA B 361 34.86 -40.96 24.58
N LEU B 362 35.81 -40.30 23.87
CA LEU B 362 35.49 -39.19 23.00
C LEU B 362 35.29 -39.63 21.54
N ALA B 363 34.49 -38.85 20.82
CA ALA B 363 34.40 -38.95 19.37
C ALA B 363 35.76 -38.71 18.72
N LYS B 364 35.95 -39.37 17.57
CA LYS B 364 37.23 -39.47 16.88
C LYS B 364 37.19 -38.71 15.54
N ASP B 365 38.37 -38.42 15.00
CA ASP B 365 38.51 -38.03 13.59
C ASP B 365 38.57 -39.30 12.73
N PRO B 366 38.51 -39.19 11.37
CA PRO B 366 38.52 -40.37 10.50
C PRO B 366 39.83 -41.14 10.59
N GLN B 367 40.90 -40.44 11.03
CA GLN B 367 42.22 -40.98 11.31
C GLN B 367 42.26 -41.78 12.63
N GLY B 368 41.24 -41.66 13.50
CA GLY B 368 41.10 -42.54 14.67
C GLY B 368 41.58 -41.93 16.00
N GLN B 369 42.07 -40.68 15.94
CA GLN B 369 42.44 -39.92 17.12
C GLN B 369 41.19 -39.28 17.72
N PRO B 370 41.21 -38.88 19.02
CA PRO B 370 40.20 -37.98 19.58
C PRO B 370 40.10 -36.70 18.77
N LYS B 371 38.87 -36.35 18.35
CA LYS B 371 38.60 -35.10 17.66
C LYS B 371 38.52 -33.96 18.67
N ALA B 372 39.39 -32.97 18.48
CA ALA B 372 39.42 -31.74 19.26
C ALA B 372 39.04 -30.55 18.39
N PHE B 373 38.31 -29.58 18.95
CA PHE B 373 37.91 -28.38 18.21
C PHE B 373 37.66 -27.22 19.18
N GLU B 374 37.61 -25.99 18.63
CA GLU B 374 37.65 -24.78 19.44
C GLU B 374 36.24 -24.32 19.76
N LEU B 375 35.80 -24.57 21.00
CA LEU B 375 34.50 -24.07 21.47
C LEU B 375 34.74 -22.72 22.11
N TYR B 376 33.65 -22.03 22.44
CA TYR B 376 33.74 -20.84 23.26
C TYR B 376 34.61 -21.13 24.50
N PHE B 377 34.42 -22.31 25.12
CA PHE B 377 35.04 -22.63 26.41
C PHE B 377 36.51 -22.97 26.26
N GLY B 378 36.91 -23.33 25.04
CA GLY B 378 38.29 -23.63 24.73
C GLY B 378 38.35 -24.81 23.78
N ASN B 379 39.52 -25.43 23.67
CA ASN B 379 39.77 -26.50 22.72
C ASN B 379 39.43 -27.82 23.42
N GLY B 380 38.56 -28.63 22.82
CA GLY B 380 38.14 -29.85 23.48
C GLY B 380 37.40 -30.80 22.55
N GLY B 381 37.10 -31.98 23.09
CA GLY B 381 36.41 -33.06 22.39
C GLY B 381 34.95 -33.21 22.87
N ILE B 382 34.24 -34.15 22.29
CA ILE B 382 32.87 -34.43 22.69
C ILE B 382 32.77 -35.89 23.08
N ILE B 383 32.15 -36.12 24.25
CA ILE B 383 31.93 -37.46 24.78
C ILE B 383 31.00 -38.16 23.82
N ASP B 384 31.34 -39.41 23.47
CA ASP B 384 30.57 -40.14 22.49
C ASP B 384 29.60 -41.04 23.21
N VAL B 385 28.38 -40.53 23.38
CA VAL B 385 27.32 -41.25 24.07
C VAL B 385 26.78 -42.36 23.20
N PHE B 386 27.14 -42.36 21.91
CA PHE B 386 26.70 -43.42 21.00
C PHE B 386 27.61 -44.65 21.12
N SER B 387 28.70 -44.58 21.91
CA SER B 387 29.60 -45.72 22.02
C SER B 387 29.42 -46.41 23.37
N LYS B 388 29.85 -47.69 23.46
CA LYS B 388 29.96 -48.39 24.73
C LYS B 388 30.91 -47.63 25.66
N GLU B 389 32.10 -47.25 25.17
CA GLU B 389 33.16 -46.71 26.00
C GLU B 389 32.79 -45.32 26.56
N GLY B 390 32.30 -44.42 25.71
CA GLY B 390 31.82 -43.12 26.16
C GLY B 390 30.66 -43.25 27.15
N SER B 391 29.68 -44.10 26.84
CA SER B 391 28.54 -44.28 27.71
C SER B 391 28.97 -44.74 29.11
N ARG B 392 29.88 -45.73 29.19
CA ARG B 392 30.32 -46.25 30.47
C ARG B 392 31.13 -45.19 31.20
N TRP B 393 32.03 -44.49 30.49
CA TRP B 393 32.87 -43.53 31.18
C TRP B 393 32.03 -42.39 31.78
N PHE B 394 31.02 -41.94 31.02
CA PHE B 394 30.20 -40.78 31.41
C PHE B 394 29.23 -41.20 32.52
N SER B 395 28.52 -42.30 32.31
CA SER B 395 27.64 -42.92 33.30
C SER B 395 28.30 -43.09 34.67
N SER B 396 29.56 -43.53 34.67
CA SER B 396 30.29 -43.75 35.90
C SER B 396 30.54 -42.44 36.67
N ILE B 397 30.71 -41.35 35.93
CA ILE B 397 30.89 -40.03 36.54
C ILE B 397 29.56 -39.61 37.17
N TYR B 398 28.43 -39.76 36.47
CA TYR B 398 27.14 -39.42 37.05
C TYR B 398 26.85 -40.27 38.29
N LYS B 399 27.25 -41.53 38.28
CA LYS B 399 27.06 -42.42 39.42
C LYS B 399 27.80 -41.90 40.66
N ASP B 400 29.05 -41.48 40.48
CA ASP B 400 29.85 -41.04 41.59
C ASP B 400 29.25 -39.79 42.25
N LEU B 401 28.87 -38.82 41.40
CA LEU B 401 28.34 -37.55 41.89
C LEU B 401 26.99 -37.77 42.56
N SER B 402 26.18 -38.67 42.00
CA SER B 402 24.86 -38.94 42.52
C SER B 402 24.95 -39.56 43.91
N LYS B 403 25.93 -40.46 44.09
CA LYS B 403 26.21 -41.09 45.39
C LYS B 403 26.60 -40.00 46.38
N GLN B 404 27.24 -38.96 45.92
CA GLN B 404 27.65 -37.89 46.80
C GLN B 404 26.46 -37.07 47.34
N GLY B 405 25.31 -37.07 46.65
CA GLY B 405 24.17 -36.28 47.12
C GLY B 405 23.34 -35.61 46.03
N VAL B 406 23.82 -35.60 44.77
CA VAL B 406 23.12 -34.91 43.69
C VAL B 406 21.81 -35.64 43.39
N ALA B 407 20.71 -34.87 43.37
CA ALA B 407 19.37 -35.41 43.26
C ALA B 407 18.86 -35.37 41.83
N GLY B 408 19.52 -34.54 41.02
CA GLY B 408 19.00 -34.19 39.72
C GLY B 408 20.08 -33.64 38.82
N TRP B 409 19.78 -33.64 37.51
CA TRP B 409 20.78 -33.40 36.48
C TRP B 409 20.31 -32.43 35.40
N TRP B 410 21.25 -31.56 35.09
CA TRP B 410 21.06 -30.56 34.07
C TRP B 410 22.08 -30.83 32.95
N GLY B 411 21.60 -30.94 31.71
CA GLY B 411 22.47 -31.22 30.58
C GLY B 411 22.32 -30.14 29.52
N ASP B 412 23.35 -29.30 29.44
CA ASP B 412 23.39 -28.10 28.63
C ASP B 412 24.17 -28.42 27.34
N LEU B 413 23.91 -27.70 26.23
CA LEU B 413 24.76 -27.68 25.03
C LEU B 413 24.66 -29.00 24.25
N GLY B 414 23.52 -29.69 24.36
CA GLY B 414 23.40 -31.01 23.75
C GLY B 414 22.98 -30.97 22.27
N GLU B 415 23.04 -29.81 21.62
CA GLU B 415 22.57 -29.69 20.24
C GLU B 415 23.27 -30.68 19.30
N PRO B 416 24.57 -31.04 19.45
CA PRO B 416 25.55 -30.38 20.29
C PRO B 416 25.89 -28.98 19.79
N GLU B 417 26.23 -28.10 20.71
CA GLU B 417 26.33 -26.69 20.39
C GLU B 417 27.37 -26.44 19.29
N MET B 418 28.50 -27.15 19.35
CA MET B 418 29.45 -27.20 18.26
C MET B 418 29.69 -28.67 17.96
N HIS B 419 29.67 -29.00 16.67
CA HIS B 419 29.69 -30.39 16.24
C HIS B 419 30.28 -30.47 14.83
N PRO B 420 31.61 -30.32 14.65
CA PRO B 420 32.20 -30.29 13.30
C PRO B 420 31.87 -31.53 12.50
N GLU B 421 31.69 -31.32 11.19
CA GLU B 421 31.11 -32.27 10.25
C GLU B 421 31.85 -33.61 10.21
N ASP B 422 33.16 -33.59 10.44
CA ASP B 422 33.95 -34.80 10.30
C ASP B 422 34.24 -35.45 11.66
N THR B 423 33.52 -35.04 12.71
CA THR B 423 33.57 -35.77 13.97
C THR B 423 32.91 -37.12 13.71
N GLN B 424 33.49 -38.20 14.26
CA GLN B 424 32.94 -39.54 14.02
C GLN B 424 32.41 -40.14 15.31
N HIS B 425 31.13 -40.56 15.31
CA HIS B 425 30.57 -41.27 16.46
C HIS B 425 30.53 -42.75 16.13
N ALA B 426 30.38 -43.61 17.14
CA ALA B 426 30.41 -45.04 16.90
C ALA B 426 29.46 -45.40 15.75
N ILE B 427 28.34 -44.69 15.54
CA ILE B 427 27.34 -45.16 14.60
C ILE B 427 27.22 -44.24 13.38
N GLY B 428 28.08 -43.24 13.24
CA GLY B 428 27.94 -42.33 12.11
C GLY B 428 28.66 -41.03 12.37
N ASP B 429 28.67 -40.17 11.35
CA ASP B 429 29.36 -38.89 11.45
C ASP B 429 28.43 -37.88 12.12
N ALA B 430 29.01 -36.73 12.50
CA ALA B 430 28.28 -35.69 13.23
C ALA B 430 26.99 -35.30 12.51
N ASP B 431 27.08 -35.02 11.21
CA ASP B 431 25.94 -34.59 10.42
C ASP B 431 24.88 -35.68 10.33
N THR B 432 25.27 -36.95 10.48
CA THR B 432 24.30 -38.03 10.41
C THR B 432 23.56 -38.20 11.75
N VAL B 433 24.23 -38.03 12.90
CA VAL B 433 23.64 -38.32 14.22
C VAL B 433 23.17 -37.04 14.97
N HIS B 434 23.51 -35.86 14.45
CA HIS B 434 23.42 -34.59 15.16
C HIS B 434 22.16 -34.43 16.03
N ASN B 435 20.99 -34.64 15.43
CA ASN B 435 19.73 -34.29 16.06
C ASN B 435 19.25 -35.33 17.06
N ALA B 436 20.06 -36.38 17.29
CA ALA B 436 19.71 -37.46 18.20
C ALA B 436 20.75 -37.54 19.31
N TYR B 437 21.78 -36.69 19.24
CA TYR B 437 22.82 -36.71 20.25
C TYR B 437 22.21 -36.52 21.64
N GLY B 438 21.46 -35.44 21.85
CA GLY B 438 20.91 -35.12 23.17
C GLY B 438 19.91 -36.17 23.64
N HIS B 439 19.17 -36.73 22.68
CA HIS B 439 18.25 -37.83 22.86
C HIS B 439 18.96 -39.01 23.49
N ARG B 440 20.07 -39.43 22.90
CA ARG B 440 20.79 -40.58 23.43
C ARG B 440 21.47 -40.22 24.74
N TRP B 441 21.87 -38.96 24.89
CA TRP B 441 22.48 -38.51 26.14
C TRP B 441 21.48 -38.69 27.30
N ALA B 442 20.23 -38.28 27.04
CA ALA B 442 19.15 -38.43 27.99
C ALA B 442 18.92 -39.91 28.28
N GLU B 443 18.84 -40.74 27.24
CA GLU B 443 18.56 -42.15 27.43
C GLU B 443 19.62 -42.76 28.35
N MET B 444 20.88 -42.41 28.08
CA MET B 444 22.01 -42.92 28.82
C MET B 444 21.87 -42.53 30.29
N LEU B 445 21.52 -41.26 30.53
CA LEU B 445 21.47 -40.74 31.87
C LEU B 445 20.24 -41.31 32.59
N TYR B 446 19.14 -41.47 31.88
CA TYR B 446 17.94 -42.05 32.45
C TYR B 446 18.19 -43.49 32.89
N GLN B 447 18.67 -44.35 31.98
CA GLN B 447 18.96 -45.75 32.28
C GLN B 447 19.89 -45.80 33.49
N GLN B 448 20.90 -44.94 33.51
CA GLN B 448 21.88 -44.92 34.59
C GLN B 448 21.25 -44.58 35.95
N GLN B 449 20.39 -43.55 35.98
CA GLN B 449 19.77 -43.11 37.22
C GLN B 449 18.80 -44.17 37.74
N LEU B 450 18.03 -44.79 36.83
CA LEU B 450 17.13 -45.89 37.18
C LEU B 450 17.90 -47.08 37.77
N ASP B 451 19.12 -47.32 37.32
CA ASP B 451 19.88 -48.45 37.81
C ASP B 451 20.51 -48.09 39.16
N GLN B 452 20.94 -46.84 39.34
CA GLN B 452 21.48 -46.45 40.62
C GLN B 452 20.37 -46.35 41.69
N PHE B 453 19.19 -45.86 41.30
CA PHE B 453 18.11 -45.51 42.21
C PHE B 453 16.78 -45.97 41.64
N PRO B 454 16.51 -47.29 41.62
CA PRO B 454 15.26 -47.78 41.03
C PRO B 454 13.98 -47.34 41.73
N GLU B 455 14.09 -46.73 42.91
CA GLU B 455 12.92 -46.37 43.69
C GLU B 455 12.69 -44.87 43.60
N LEU B 456 13.44 -44.22 42.69
CA LEU B 456 13.32 -42.78 42.49
C LEU B 456 13.09 -42.44 41.03
N ARG B 457 12.41 -41.30 40.82
CA ARG B 457 12.13 -40.74 39.51
C ARG B 457 13.27 -39.82 39.07
N PRO B 458 13.95 -40.10 37.94
CA PRO B 458 15.04 -39.24 37.50
C PRO B 458 14.52 -37.85 37.13
N PHE B 459 15.33 -36.84 37.44
CA PHE B 459 15.17 -35.49 36.96
C PHE B 459 16.28 -35.17 35.96
N ILE B 460 15.90 -34.96 34.70
CA ILE B 460 16.85 -34.73 33.61
C ILE B 460 16.39 -33.51 32.80
N MET B 461 17.14 -32.42 32.92
CA MET B 461 16.77 -31.19 32.25
C MET B 461 17.77 -30.93 31.12
N MET B 462 17.27 -30.78 29.89
CA MET B 462 18.16 -30.67 28.73
C MET B 462 17.56 -29.71 27.71
N ARG B 463 18.41 -29.27 26.77
CA ARG B 463 18.15 -28.18 25.83
C ARG B 463 17.81 -28.69 24.44
N ALA B 464 18.17 -29.94 24.17
CA ALA B 464 18.03 -30.52 22.84
C ALA B 464 17.80 -32.01 22.97
N GLY B 465 16.82 -32.47 22.19
CA GLY B 465 16.53 -33.89 22.10
C GLY B 465 15.97 -34.21 20.72
N PHE B 466 15.18 -35.29 20.66
CA PHE B 466 14.60 -35.75 19.43
C PHE B 466 13.15 -36.13 19.73
N VAL B 467 12.37 -36.41 18.68
CA VAL B 467 11.06 -37.01 18.87
C VAL B 467 11.25 -38.24 19.76
N GLY B 468 10.47 -38.30 20.85
CA GLY B 468 10.45 -39.43 21.75
C GLY B 468 11.37 -39.29 22.95
N SER B 469 12.10 -38.18 23.08
CA SER B 469 13.01 -38.00 24.20
C SER B 469 12.25 -37.94 25.53
N GLN B 470 10.92 -37.65 25.47
CA GLN B 470 10.08 -37.59 26.66
C GLN B 470 10.13 -38.91 27.42
N ARG B 471 10.31 -40.03 26.69
CA ARG B 471 10.33 -41.35 27.30
C ARG B 471 11.55 -41.53 28.19
N TYR B 472 12.57 -40.70 28.04
CA TYR B 472 13.71 -40.70 28.94
C TYR B 472 13.56 -39.60 29.99
N GLY B 473 12.36 -39.07 30.18
CA GLY B 473 12.11 -38.08 31.21
C GLY B 473 12.60 -36.67 30.86
N MET B 474 12.89 -36.38 29.58
CA MET B 474 13.54 -35.13 29.27
C MET B 474 12.63 -33.97 29.62
N ILE B 475 13.18 -33.01 30.36
CA ILE B 475 12.49 -31.78 30.70
C ILE B 475 13.22 -30.63 29.99
N PRO B 476 12.70 -30.16 28.84
CA PRO B 476 13.39 -29.12 28.07
C PRO B 476 13.01 -27.72 28.50
N TRP B 477 13.97 -26.81 28.31
CA TRP B 477 13.76 -25.38 28.43
C TRP B 477 14.21 -24.68 27.14
N THR B 478 13.73 -23.45 26.91
CA THR B 478 13.82 -22.77 25.62
C THR B 478 15.09 -21.94 25.49
N GLY B 479 16.20 -22.39 26.10
CA GLY B 479 17.50 -21.80 25.89
C GLY B 479 17.64 -20.36 26.36
N ASP B 480 18.59 -19.66 25.72
CA ASP B 480 19.19 -18.45 26.23
C ASP B 480 18.34 -17.25 25.84
N VAL B 481 17.04 -17.26 26.18
CA VAL B 481 16.12 -16.17 25.83
C VAL B 481 16.65 -14.83 26.32
N SER B 482 16.42 -13.78 25.53
CA SER B 482 16.85 -12.43 25.90
C SER B 482 15.99 -11.92 27.06
N ARG B 483 16.50 -10.89 27.75
CA ARG B 483 15.73 -10.21 28.76
C ARG B 483 14.87 -9.10 28.14
N THR B 484 13.96 -9.49 27.24
CA THR B 484 13.06 -8.55 26.57
C THR B 484 11.63 -9.07 26.57
N TRP B 485 10.70 -8.13 26.43
CA TRP B 485 9.29 -8.47 26.25
C TRP B 485 9.12 -9.46 25.10
N GLY B 486 9.91 -9.28 24.04
CA GLY B 486 9.76 -10.16 22.90
C GLY B 486 10.15 -11.58 23.30
N GLY B 487 11.24 -11.70 24.07
CA GLY B 487 11.59 -12.98 24.69
C GLY B 487 10.40 -13.64 25.40
N LEU B 488 9.69 -12.87 26.23
CA LEU B 488 8.53 -13.40 26.94
C LEU B 488 7.38 -13.72 25.99
N ALA B 489 7.17 -12.82 25.01
CA ALA B 489 6.03 -12.90 24.10
C ALA B 489 6.07 -14.16 23.25
N SER B 490 7.26 -14.75 23.08
CA SER B 490 7.43 -15.93 22.24
C SER B 490 7.26 -17.24 23.01
N GLN B 491 7.19 -17.18 24.35
CA GLN B 491 7.35 -18.40 25.14
C GLN B 491 6.14 -19.32 24.99
N VAL B 492 4.94 -18.77 24.79
CA VAL B 492 3.74 -19.58 24.69
C VAL B 492 3.78 -20.34 23.37
N GLU B 493 4.23 -19.65 22.31
CA GLU B 493 4.29 -20.31 21.01
C GLU B 493 5.25 -21.49 21.14
N LEU B 494 6.43 -21.23 21.69
CA LEU B 494 7.42 -22.28 21.88
C LEU B 494 6.89 -23.43 22.74
N ALA B 495 6.18 -23.11 23.84
CA ALA B 495 5.71 -24.15 24.74
C ALA B 495 4.67 -25.02 24.05
N LEU B 496 3.71 -24.40 23.38
CA LEU B 496 2.62 -25.16 22.77
C LEU B 496 3.16 -26.05 21.64
N GLN B 497 4.13 -25.52 20.88
CA GLN B 497 4.67 -26.27 19.73
C GLN B 497 5.34 -27.53 20.25
N MET B 498 6.08 -27.40 21.36
CA MET B 498 6.77 -28.54 21.96
C MET B 498 5.80 -29.47 22.69
N SER B 499 4.79 -28.88 23.37
CA SER B 499 3.79 -29.64 24.12
C SER B 499 2.99 -30.53 23.19
N LEU B 500 2.68 -30.00 22.01
CA LEU B 500 1.82 -30.74 21.09
C LEU B 500 2.51 -32.00 20.54
N LEU B 501 3.85 -32.03 20.56
CA LEU B 501 4.63 -33.14 20.01
C LEU B 501 5.50 -33.80 21.09
N GLY B 502 5.03 -33.77 22.33
CA GLY B 502 5.44 -34.76 23.32
C GLY B 502 6.07 -34.19 24.59
N PHE B 503 6.26 -32.89 24.69
CA PHE B 503 7.10 -32.36 25.75
C PHE B 503 6.27 -31.52 26.72
N GLY B 504 5.60 -32.20 27.65
CA GLY B 504 4.75 -31.54 28.64
C GLY B 504 5.47 -30.54 29.53
N TYR B 505 6.78 -30.71 29.76
CA TYR B 505 7.47 -29.94 30.78
C TYR B 505 8.37 -28.87 30.15
N ILE B 506 8.10 -28.52 28.89
CA ILE B 506 8.76 -27.40 28.23
C ILE B 506 8.49 -26.16 29.07
N HIS B 507 9.54 -25.37 29.33
CA HIS B 507 9.41 -24.14 30.07
C HIS B 507 10.50 -23.17 29.65
N SER B 508 10.50 -21.97 30.23
CA SER B 508 11.50 -20.96 29.94
C SER B 508 12.27 -20.60 31.20
N ASP B 509 13.43 -20.00 30.97
CA ASP B 509 14.16 -19.26 31.98
C ASP B 509 13.37 -18.04 32.43
N LEU B 510 12.67 -18.18 33.58
CA LEU B 510 11.75 -17.16 34.05
C LEU B 510 12.49 -15.86 34.35
N GLY B 511 11.94 -14.76 33.83
CA GLY B 511 12.56 -13.45 33.96
C GLY B 511 13.51 -13.11 32.82
N GLY B 512 13.89 -14.14 32.03
CA GLY B 512 14.82 -13.97 30.94
C GLY B 512 16.26 -14.15 31.40
N PHE B 513 17.13 -14.53 30.44
CA PHE B 513 18.45 -15.06 30.69
C PHE B 513 19.55 -14.15 30.19
N ALA B 514 19.50 -13.76 28.90
CA ALA B 514 20.66 -13.16 28.21
C ALA B 514 20.74 -11.64 28.34
N ASP B 515 21.97 -11.17 28.66
CA ASP B 515 22.41 -9.79 28.50
C ASP B 515 21.59 -8.91 29.43
N GLY B 516 21.21 -7.71 28.96
CA GLY B 516 20.62 -6.72 29.83
C GLY B 516 21.72 -6.10 30.68
N GLU B 517 21.49 -4.88 31.15
CA GLU B 517 22.43 -4.26 32.08
C GLU B 517 21.71 -3.91 33.39
N THR B 518 20.39 -3.76 33.37
CA THR B 518 19.65 -3.46 34.59
C THR B 518 18.30 -4.15 34.48
N LEU B 519 17.80 -4.60 35.63
CA LEU B 519 16.55 -5.35 35.67
C LEU B 519 15.43 -4.55 35.01
N ASP B 520 14.65 -5.20 34.17
CA ASP B 520 13.39 -4.66 33.70
C ASP B 520 12.31 -5.21 34.62
N LYS B 521 11.93 -4.43 35.62
CA LYS B 521 11.16 -4.94 36.74
C LYS B 521 9.78 -5.42 36.26
N GLU B 522 9.08 -4.61 35.47
CA GLU B 522 7.75 -4.99 35.02
C GLU B 522 7.77 -6.27 34.21
N MET B 523 8.79 -6.42 33.36
CA MET B 523 8.87 -7.59 32.49
C MET B 523 9.13 -8.82 33.37
N TYR B 524 10.02 -8.66 34.35
CA TYR B 524 10.37 -9.74 35.28
C TYR B 524 9.10 -10.23 35.98
N ILE B 525 8.36 -9.28 36.58
CA ILE B 525 7.15 -9.61 37.31
C ILE B 525 6.20 -10.35 36.37
N ARG B 526 5.95 -9.80 35.17
CA ARG B 526 5.04 -10.47 34.26
C ARG B 526 5.53 -11.89 33.96
N TRP B 527 6.84 -12.04 33.80
CA TRP B 527 7.40 -13.33 33.39
C TRP B 527 7.23 -14.34 34.53
N LEU B 528 7.49 -13.92 35.77
CA LEU B 528 7.34 -14.82 36.90
C LEU B 528 5.87 -15.07 37.28
N GLN B 529 4.94 -14.18 36.86
CA GLN B 529 3.51 -14.44 37.01
C GLN B 529 3.07 -15.55 36.05
N TYR B 530 3.43 -15.40 34.76
CA TYR B 530 3.18 -16.43 33.78
C TYR B 530 3.79 -17.77 34.28
N GLY B 531 4.97 -17.70 34.86
CA GLY B 531 5.67 -18.87 35.35
C GLY B 531 4.75 -19.82 36.12
N VAL B 532 3.87 -19.25 36.96
CA VAL B 532 3.06 -20.03 37.88
C VAL B 532 2.19 -21.01 37.10
N PHE B 533 1.79 -20.58 35.89
CA PHE B 533 0.87 -21.32 35.04
C PHE B 533 1.58 -21.90 33.80
N GLN B 534 2.84 -22.28 33.97
CA GLN B 534 3.56 -23.02 32.94
C GLN B 534 4.37 -24.11 33.65
N PRO B 535 4.85 -25.14 32.91
CA PRO B 535 5.26 -26.39 33.54
C PRO B 535 6.29 -26.44 34.65
N VAL B 536 7.33 -25.61 34.60
CA VAL B 536 8.44 -25.74 35.54
C VAL B 536 8.81 -24.35 36.03
N TYR B 537 8.82 -24.15 37.37
CA TYR B 537 8.96 -22.81 37.94
C TYR B 537 10.45 -22.54 38.23
N ARG B 538 11.19 -22.07 37.21
CA ARG B 538 12.64 -21.98 37.28
C ARG B 538 13.14 -20.66 36.70
N PRO B 539 13.12 -19.58 37.49
CA PRO B 539 13.80 -18.35 37.13
C PRO B 539 15.29 -18.61 37.03
N HIS B 540 15.93 -18.03 36.00
CA HIS B 540 17.33 -18.29 35.68
C HIS B 540 17.86 -17.20 34.75
N GLY B 541 19.00 -16.59 35.07
CA GLY B 541 19.55 -15.56 34.21
C GLY B 541 21.02 -15.33 34.54
N GLN B 542 21.72 -14.67 33.64
CA GLN B 542 23.12 -14.32 33.89
C GLN B 542 23.18 -13.43 35.12
N ASP B 543 24.17 -13.68 35.97
CA ASP B 543 24.14 -13.29 37.36
C ASP B 543 24.51 -11.82 37.56
N HIS B 544 24.65 -11.02 36.48
CA HIS B 544 24.84 -9.58 36.65
C HIS B 544 23.50 -8.92 37.01
N ILE B 545 22.41 -9.61 36.72
CA ILE B 545 21.09 -9.25 37.21
C ILE B 545 20.49 -10.46 37.92
N PRO B 546 19.97 -10.32 39.15
CA PRO B 546 19.42 -11.46 39.87
C PRO B 546 18.20 -12.09 39.22
N SER B 547 18.24 -13.42 39.04
CA SER B 547 17.12 -14.16 38.49
C SER B 547 16.16 -14.63 39.60
N GLU B 548 16.64 -14.81 40.84
CA GLU B 548 15.81 -15.44 41.86
C GLU B 548 14.86 -14.39 42.49
N PRO B 549 13.57 -14.72 42.70
CA PRO B 549 12.59 -13.76 43.22
C PRO B 549 12.95 -13.18 44.57
N VAL B 550 13.74 -13.92 45.35
CA VAL B 550 14.06 -13.55 46.73
C VAL B 550 15.01 -12.37 46.75
N PHE B 551 15.67 -12.09 45.61
CA PHE B 551 16.66 -11.03 45.55
C PHE B 551 16.05 -9.73 44.97
N GLN B 552 14.72 -9.60 44.96
CA GLN B 552 14.10 -8.48 44.27
C GLN B 552 13.72 -7.41 45.30
N ASP B 553 13.20 -6.27 44.84
CA ASP B 553 12.78 -5.21 45.75
C ASP B 553 11.47 -5.61 46.43
N GLU B 554 11.08 -4.80 47.44
CA GLU B 554 9.98 -5.11 48.33
C GLU B 554 8.70 -5.27 47.53
N GLU B 555 8.45 -4.35 46.59
CA GLU B 555 7.22 -4.42 45.82
C GLU B 555 7.16 -5.70 45.00
N THR B 556 8.32 -6.06 44.42
CA THR B 556 8.38 -7.23 43.57
C THR B 556 8.09 -8.47 44.42
N LYS B 557 8.70 -8.52 45.61
CA LYS B 557 8.51 -9.69 46.47
C LYS B 557 7.07 -9.76 46.98
N ALA B 558 6.46 -8.60 47.31
CA ALA B 558 5.08 -8.61 47.81
C ALA B 558 4.13 -9.06 46.72
N ILE B 559 4.48 -8.84 45.43
CA ILE B 559 3.65 -9.36 44.35
C ILE B 559 3.87 -10.87 44.14
N LEU B 560 5.13 -11.32 44.08
CA LEU B 560 5.41 -12.69 43.67
C LEU B 560 5.29 -13.72 44.82
N ARG B 561 5.62 -13.34 46.05
CA ARG B 561 5.58 -14.28 47.17
C ARG B 561 4.26 -15.04 47.21
N PRO B 562 3.07 -14.41 47.17
CA PRO B 562 1.83 -15.18 47.19
C PRO B 562 1.50 -15.98 45.94
N LEU B 563 2.13 -15.61 44.82
CA LEU B 563 1.92 -16.38 43.61
C LEU B 563 2.78 -17.64 43.64
N VAL B 564 4.01 -17.52 44.16
CA VAL B 564 4.84 -18.69 44.32
C VAL B 564 4.19 -19.61 45.35
N LYS B 565 3.63 -19.05 46.44
CA LYS B 565 2.86 -19.87 47.38
C LYS B 565 1.67 -20.50 46.67
N LEU B 566 1.00 -19.74 45.81
CA LEU B 566 -0.14 -20.26 45.07
C LEU B 566 0.22 -21.48 44.21
N ARG B 567 1.39 -21.43 43.60
CA ARG B 567 1.88 -22.56 42.83
C ARG B 567 1.94 -23.81 43.72
N TYR B 568 2.43 -23.66 44.95
CA TYR B 568 2.41 -24.80 45.89
C TYR B 568 0.99 -25.21 46.29
N ARG B 569 0.10 -24.23 46.47
CA ARG B 569 -1.25 -24.52 46.92
C ARG B 569 -1.97 -25.29 45.82
N MET B 570 -1.55 -25.04 44.58
CA MET B 570 -2.17 -25.64 43.41
C MET B 570 -1.53 -26.98 43.01
N LEU B 571 -0.48 -27.45 43.71
CA LEU B 571 0.15 -28.73 43.42
C LEU B 571 -0.87 -29.82 43.14
N PRO B 572 -2.01 -29.96 43.85
CA PRO B 572 -2.99 -30.98 43.46
C PRO B 572 -3.44 -30.87 42.01
N TYR B 573 -3.67 -29.63 41.56
CA TYR B 573 -4.18 -29.38 40.20
C TYR B 573 -3.09 -29.72 39.17
N ILE B 574 -1.85 -29.31 39.46
CA ILE B 574 -0.75 -29.42 38.51
C ILE B 574 -0.32 -30.89 38.42
N TYR B 575 -0.14 -31.51 39.59
CA TYR B 575 0.30 -32.88 39.70
C TYR B 575 -0.71 -33.83 39.07
N THR B 576 -2.00 -33.50 39.14
CA THR B 576 -3.00 -34.29 38.45
C THR B 576 -2.92 -34.13 36.92
N ALA B 577 -2.64 -32.92 36.43
CA ALA B 577 -2.35 -32.71 35.02
C ALA B 577 -1.09 -33.49 34.60
N ALA B 578 -0.07 -33.53 35.47
CA ALA B 578 1.11 -34.35 35.22
C ALA B 578 0.76 -35.83 35.07
N TYR B 579 -0.02 -36.36 36.02
CA TYR B 579 -0.56 -37.70 35.92
C TYR B 579 -1.23 -37.93 34.56
N GLN B 580 -2.11 -37.02 34.11
CA GLN B 580 -2.83 -37.25 32.87
C GLN B 580 -1.86 -37.25 31.67
N ASN B 581 -0.78 -36.46 31.76
CA ASN B 581 0.27 -36.43 30.75
C ASN B 581 1.01 -37.77 30.69
N THR B 582 1.37 -38.33 31.85
CA THR B 582 1.99 -39.64 31.88
C THR B 582 1.03 -40.67 31.27
N LEU B 583 -0.28 -40.53 31.53
CA LEU B 583 -1.26 -41.49 31.06
C LEU B 583 -1.49 -41.39 29.56
N THR B 584 -1.65 -40.17 29.03
CA THR B 584 -2.24 -40.00 27.69
C THR B 584 -1.41 -39.07 26.81
N GLY B 585 -0.31 -38.51 27.32
CA GLY B 585 0.41 -37.48 26.59
C GLY B 585 -0.26 -36.10 26.66
N MET B 586 -1.48 -36.00 27.22
CA MET B 586 -2.18 -34.71 27.27
C MET B 586 -1.24 -33.67 27.85
N PRO B 587 -0.89 -32.58 27.11
CA PRO B 587 0.05 -31.59 27.64
C PRO B 587 -0.58 -30.82 28.80
N LEU B 588 0.27 -30.20 29.64
CA LEU B 588 -0.20 -29.36 30.73
C LEU B 588 -0.76 -28.05 30.16
N MET B 589 0.02 -27.42 29.27
CA MET B 589 -0.46 -26.29 28.49
C MET B 589 -1.13 -26.84 27.24
N ARG B 590 -2.38 -26.43 27.00
CA ARG B 590 -3.10 -26.79 25.79
C ARG B 590 -3.42 -25.51 25.03
N PRO B 591 -3.38 -25.56 23.69
CA PRO B 591 -3.70 -24.37 22.90
C PRO B 591 -5.19 -24.06 22.89
N LEU B 592 -5.52 -22.78 22.65
CA LEU B 592 -6.89 -22.32 22.49
C LEU B 592 -7.67 -23.23 21.56
N PHE B 593 -7.01 -23.74 20.51
CA PHE B 593 -7.73 -24.42 19.44
C PHE B 593 -8.28 -25.78 19.87
N PHE B 594 -7.85 -26.33 21.01
CA PHE B 594 -8.49 -27.53 21.54
C PHE B 594 -9.97 -27.27 21.81
N SER B 595 -10.31 -26.01 22.13
CA SER B 595 -11.64 -25.61 22.57
C SER B 595 -12.68 -25.75 21.46
N ASP B 596 -12.24 -25.81 20.20
CA ASP B 596 -13.16 -25.98 19.09
C ASP B 596 -12.37 -26.49 17.88
N GLU B 597 -12.53 -27.79 17.58
CA GLU B 597 -11.74 -28.47 16.58
C GLU B 597 -12.24 -28.15 15.18
N LYS B 598 -13.45 -27.60 15.06
CA LYS B 598 -14.03 -27.32 13.76
C LYS B 598 -13.78 -25.87 13.35
N ASN B 599 -13.01 -25.12 14.15
CA ASN B 599 -12.67 -23.73 13.87
C ASN B 599 -11.15 -23.65 13.70
N PRO B 600 -10.64 -23.84 12.46
CA PRO B 600 -9.20 -23.92 12.26
C PRO B 600 -8.51 -22.58 12.53
N ALA B 601 -9.23 -21.47 12.37
CA ALA B 601 -8.64 -20.16 12.64
C ALA B 601 -8.10 -20.04 14.07
N LEU B 602 -8.65 -20.80 15.04
CA LEU B 602 -8.11 -20.75 16.41
C LEU B 602 -6.66 -21.23 16.47
N ILE B 603 -6.21 -22.03 15.50
CA ILE B 603 -4.84 -22.52 15.53
C ILE B 603 -3.81 -21.38 15.59
N ASP B 604 -4.11 -20.20 15.02
CA ASP B 604 -3.19 -19.07 14.99
C ASP B 604 -2.92 -18.49 16.38
N ASN B 605 -3.84 -18.71 17.33
CA ASN B 605 -3.72 -18.08 18.64
C ASN B 605 -2.48 -18.57 19.40
N LYS B 606 -1.65 -17.62 19.87
CA LYS B 606 -0.49 -17.91 20.68
C LYS B 606 -0.38 -16.94 21.87
N THR B 607 -1.51 -16.37 22.32
CA THR B 607 -1.51 -15.38 23.40
C THR B 607 -2.35 -15.83 24.61
N SER B 608 -3.31 -16.75 24.39
CA SER B 608 -4.12 -17.37 25.44
C SER B 608 -3.98 -18.88 25.34
N TYR B 609 -3.86 -19.59 26.47
CA TYR B 609 -3.79 -21.05 26.48
C TYR B 609 -4.48 -21.62 27.74
N PHE B 610 -4.78 -22.91 27.69
CA PHE B 610 -5.31 -23.66 28.83
C PHE B 610 -4.16 -24.23 29.66
N TRP B 611 -4.18 -23.91 30.96
CA TRP B 611 -3.38 -24.57 31.98
C TRP B 611 -4.29 -25.58 32.66
N GLY B 612 -4.02 -26.86 32.37
CA GLY B 612 -4.96 -27.92 32.69
C GLY B 612 -6.28 -27.74 31.93
N ASP B 613 -7.33 -28.45 32.39
CA ASP B 613 -8.66 -28.37 31.79
C ASP B 613 -9.35 -27.02 32.03
N SER B 614 -9.03 -26.28 33.10
CA SER B 614 -10.05 -25.39 33.67
C SER B 614 -9.69 -23.90 33.60
N LEU B 615 -8.39 -23.57 33.46
CA LEU B 615 -7.89 -22.21 33.49
C LEU B 615 -7.46 -21.76 32.08
N LEU B 616 -8.09 -20.69 31.60
CA LEU B 616 -7.66 -19.98 30.40
C LEU B 616 -6.79 -18.79 30.82
N VAL B 617 -5.50 -18.84 30.49
CA VAL B 617 -4.53 -17.85 30.90
C VAL B 617 -4.16 -16.98 29.71
N THR B 618 -4.08 -15.65 29.93
CA THR B 618 -3.61 -14.71 28.92
C THR B 618 -2.43 -13.92 29.48
N PRO B 619 -1.17 -14.36 29.26
CA PRO B 619 -0.04 -13.59 29.78
C PRO B 619 -0.01 -12.19 29.21
N ILE B 620 0.51 -11.25 30.00
CA ILE B 620 0.72 -9.89 29.58
C ILE B 620 2.16 -9.86 29.08
N THR B 621 2.33 -9.47 27.80
CA THR B 621 3.64 -9.59 27.16
C THR B 621 4.11 -8.26 26.60
N GLN B 622 3.54 -7.15 27.09
CA GLN B 622 4.09 -5.82 26.83
C GLN B 622 3.94 -4.95 28.05
N ALA B 623 4.73 -3.89 28.09
CA ALA B 623 4.70 -2.96 29.20
C ALA B 623 3.42 -2.11 29.18
N GLY B 624 2.91 -1.83 30.38
CA GLY B 624 1.87 -0.84 30.60
C GLY B 624 0.51 -1.20 30.01
N VAL B 625 0.30 -2.46 29.59
CA VAL B 625 -1.00 -2.85 29.08
C VAL B 625 -2.04 -2.60 30.16
N GLU B 626 -3.14 -1.93 29.81
CA GLU B 626 -4.16 -1.50 30.76
C GLU B 626 -5.37 -2.41 30.76
N SER B 627 -5.58 -3.17 29.68
CA SER B 627 -6.66 -4.14 29.59
C SER B 627 -6.33 -5.13 28.48
N VAL B 628 -7.11 -6.23 28.39
CA VAL B 628 -6.88 -7.28 27.39
C VAL B 628 -8.23 -7.76 26.91
N SER B 629 -8.23 -8.19 25.65
CA SER B 629 -9.36 -8.86 25.05
C SER B 629 -9.06 -10.35 25.02
N ILE B 630 -9.93 -11.15 25.67
CA ILE B 630 -9.72 -12.58 25.82
C ILE B 630 -10.73 -13.33 24.97
N PRO B 631 -10.25 -14.13 23.99
CA PRO B 631 -11.12 -14.89 23.10
C PRO B 631 -11.64 -16.19 23.69
N ALA B 632 -12.41 -16.03 24.78
CA ALA B 632 -12.89 -17.13 25.55
C ALA B 632 -13.85 -17.95 24.72
N PRO B 633 -13.75 -19.29 24.72
CA PRO B 633 -14.78 -20.11 24.10
C PRO B 633 -16.17 -19.75 24.64
N LYS B 634 -17.19 -19.95 23.80
CA LYS B 634 -18.60 -19.89 24.18
C LYS B 634 -18.76 -20.61 25.52
N GLY B 635 -19.42 -19.95 26.48
CA GLY B 635 -19.83 -20.60 27.73
C GLY B 635 -19.72 -19.62 28.88
N VAL B 636 -19.59 -20.14 30.10
CA VAL B 636 -19.52 -19.31 31.28
C VAL B 636 -18.12 -19.43 31.86
N TRP B 637 -17.61 -18.28 32.33
CA TRP B 637 -16.23 -18.14 32.75
C TRP B 637 -16.21 -17.25 33.98
N PHE B 638 -15.25 -17.46 34.88
CA PHE B 638 -15.14 -16.63 36.06
C PHE B 638 -13.76 -16.01 36.13
N ASP B 639 -13.67 -14.77 36.63
CA ASP B 639 -12.37 -14.16 36.92
C ASP B 639 -11.77 -14.90 38.11
N PHE B 640 -10.61 -15.51 37.88
CA PHE B 640 -9.99 -16.37 38.87
C PHE B 640 -9.74 -15.58 40.14
N TRP B 641 -9.42 -14.28 39.99
CA TRP B 641 -8.89 -13.49 41.09
C TRP B 641 -10.00 -12.76 41.82
N LYS B 642 -11.09 -12.46 41.11
CA LYS B 642 -12.10 -11.52 41.58
C LYS B 642 -13.45 -12.20 41.69
N ASP B 643 -13.63 -13.37 41.05
CA ASP B 643 -14.83 -14.18 41.17
C ASP B 643 -15.96 -13.66 40.29
N THR B 644 -15.72 -12.62 39.47
CA THR B 644 -16.71 -12.08 38.54
C THR B 644 -17.10 -13.13 37.53
N ARG B 645 -18.39 -13.17 37.20
CA ARG B 645 -18.97 -14.16 36.31
C ARG B 645 -19.19 -13.50 34.97
N TYR B 646 -18.86 -14.23 33.89
CA TYR B 646 -18.95 -13.72 32.53
C TYR B 646 -19.62 -14.84 31.75
N GLN B 647 -20.60 -14.49 30.92
CA GLN B 647 -21.11 -15.43 29.93
C GLN B 647 -20.78 -14.83 28.57
N THR B 648 -20.48 -15.67 27.56
CA THR B 648 -20.25 -15.21 26.20
C THR B 648 -20.78 -16.25 25.25
N ASP B 649 -21.36 -15.78 24.14
CA ASP B 649 -21.81 -16.63 23.05
C ASP B 649 -20.82 -16.60 21.88
N GLY B 650 -19.62 -16.05 22.10
CA GLY B 650 -18.57 -16.04 21.08
C GLY B 650 -17.69 -14.81 21.21
N ALA B 651 -18.32 -13.67 21.47
CA ALA B 651 -17.57 -12.43 21.54
C ALA B 651 -16.50 -12.52 22.63
N PRO B 652 -15.31 -11.95 22.40
CA PRO B 652 -14.29 -11.90 23.45
C PRO B 652 -14.70 -11.08 24.67
N LEU B 653 -13.90 -11.17 25.72
CA LEU B 653 -14.16 -10.52 26.99
C LEU B 653 -13.03 -9.55 27.23
N THR B 654 -13.37 -8.32 27.63
CA THR B 654 -12.36 -7.36 27.99
C THR B 654 -12.20 -7.44 29.50
N LEU B 655 -11.01 -7.82 29.95
CA LEU B 655 -10.70 -7.68 31.35
C LEU B 655 -9.65 -6.61 31.50
N PRO B 656 -9.72 -5.81 32.58
CA PRO B 656 -8.63 -4.90 32.94
C PRO B 656 -7.46 -5.68 33.53
N THR B 657 -6.30 -5.03 33.65
CA THR B 657 -5.07 -5.66 34.11
C THR B 657 -4.63 -4.94 35.38
N ASP B 658 -3.83 -5.60 36.21
CA ASP B 658 -3.20 -4.93 37.34
C ASP B 658 -1.78 -5.46 37.41
N LEU B 659 -0.91 -4.88 38.24
CA LEU B 659 0.46 -5.35 38.31
C LEU B 659 0.57 -6.60 39.20
N HIS B 660 -0.47 -6.91 39.99
N HIS B 660 -0.49 -6.89 39.97
CA HIS B 660 -0.36 -7.96 41.00
CA HIS B 660 -0.47 -7.91 41.00
C HIS B 660 -0.73 -9.32 40.40
C HIS B 660 -0.71 -9.29 40.39
N THR B 661 -1.44 -9.33 39.27
CA THR B 661 -1.87 -10.57 38.63
C THR B 661 -1.74 -10.49 37.10
N ILE B 662 -2.02 -11.62 36.43
CA ILE B 662 -2.25 -11.67 35.00
C ILE B 662 -3.61 -12.30 34.79
N PRO B 663 -4.31 -12.01 33.68
CA PRO B 663 -5.67 -12.51 33.50
C PRO B 663 -5.83 -14.02 33.34
N VAL B 664 -6.65 -14.59 34.24
CA VAL B 664 -6.96 -16.00 34.28
C VAL B 664 -8.47 -16.14 34.43
N LEU B 665 -9.11 -16.86 33.52
CA LEU B 665 -10.51 -17.21 33.65
C LEU B 665 -10.62 -18.68 34.04
N VAL B 666 -11.59 -18.99 34.90
CA VAL B 666 -11.93 -20.36 35.25
C VAL B 666 -13.19 -20.74 34.50
N LYS B 667 -13.21 -21.95 33.93
CA LYS B 667 -14.35 -22.46 33.22
C LYS B 667 -15.43 -22.93 34.19
N ALA B 668 -16.69 -22.59 33.91
CA ALA B 668 -17.79 -23.11 34.70
C ALA B 668 -17.68 -24.63 34.71
N GLY B 669 -17.91 -25.20 35.89
CA GLY B 669 -17.87 -26.64 36.08
C GLY B 669 -16.51 -27.13 36.59
N ALA B 670 -15.54 -26.22 36.75
CA ALA B 670 -14.22 -26.55 37.23
C ALA B 670 -14.28 -26.97 38.70
N PHE B 671 -13.47 -27.98 39.06
CA PHE B 671 -13.10 -28.27 40.44
C PHE B 671 -11.65 -27.87 40.64
N MET B 672 -11.40 -26.81 41.41
CA MET B 672 -10.05 -26.33 41.65
C MET B 672 -9.58 -26.80 43.02
N PRO B 673 -8.65 -27.77 43.07
CA PRO B 673 -8.19 -28.31 44.35
C PRO B 673 -6.95 -27.63 44.88
N TYR B 674 -6.93 -27.38 46.19
CA TYR B 674 -5.77 -26.79 46.82
C TYR B 674 -5.40 -27.53 48.09
N VAL B 675 -4.13 -27.39 48.50
CA VAL B 675 -3.69 -27.79 49.82
C VAL B 675 -3.01 -26.57 50.42
N PRO B 676 -2.75 -26.57 51.74
CA PRO B 676 -1.96 -25.50 52.32
C PRO B 676 -0.56 -25.40 51.72
N ALA B 677 -0.08 -24.14 51.57
CA ALA B 677 1.24 -23.87 51.05
C ALA B 677 2.26 -24.47 52.01
N VAL B 678 3.32 -25.09 51.47
CA VAL B 678 4.45 -25.56 52.24
C VAL B 678 5.70 -24.90 51.66
N SER B 679 6.81 -24.99 52.38
CA SER B 679 8.08 -24.44 51.91
C SER B 679 8.76 -25.34 50.88
N THR B 680 8.39 -26.64 50.85
CA THR B 680 9.08 -27.67 50.06
C THR B 680 8.12 -28.84 49.90
N THR B 681 8.17 -29.52 48.75
CA THR B 681 7.26 -30.61 48.51
C THR B 681 7.63 -31.78 49.42
N GLU B 682 8.79 -31.74 50.06
CA GLU B 682 9.16 -32.79 50.99
C GLU B 682 8.16 -32.82 52.15
N ASP B 683 7.45 -31.69 52.38
CA ASP B 683 6.56 -31.49 53.52
C ASP B 683 5.12 -31.58 53.08
N TYR B 684 4.89 -31.94 51.81
CA TYR B 684 3.56 -31.95 51.26
C TYR B 684 2.65 -32.81 52.13
N ARG B 685 1.43 -32.32 52.41
CA ARG B 685 0.38 -33.13 52.99
C ARG B 685 -0.94 -32.72 52.33
N SER B 686 -1.82 -33.70 52.14
CA SER B 686 -3.17 -33.49 51.67
C SER B 686 -4.18 -33.81 52.76
N ASP B 687 -3.76 -33.81 54.02
CA ASP B 687 -4.70 -34.03 55.14
C ASP B 687 -5.85 -33.01 55.11
N SER B 688 -5.49 -31.78 54.74
CA SER B 688 -6.39 -30.67 54.52
C SER B 688 -6.52 -30.35 53.04
N LEU B 689 -7.74 -30.53 52.49
CA LEU B 689 -8.09 -30.20 51.12
C LEU B 689 -9.04 -29.01 51.13
N GLU B 690 -8.86 -28.14 50.12
CA GLU B 690 -9.82 -27.08 49.86
C GLU B 690 -10.12 -27.10 48.37
N ILE B 691 -11.39 -27.30 48.03
CA ILE B 691 -11.81 -27.48 46.66
C ILE B 691 -12.86 -26.42 46.35
N HIS B 692 -12.67 -25.72 45.23
CA HIS B 692 -13.59 -24.68 44.80
C HIS B 692 -14.23 -25.13 43.50
N TYR B 693 -15.57 -25.22 43.54
CA TYR B 693 -16.36 -25.65 42.41
C TYR B 693 -17.09 -24.45 41.85
N TYR B 694 -16.98 -24.24 40.53
CA TYR B 694 -17.59 -23.09 39.87
C TYR B 694 -18.92 -23.51 39.26
N ALA B 695 -20.04 -23.31 39.97
CA ALA B 695 -21.32 -23.83 39.52
C ALA B 695 -21.97 -22.91 38.49
N ASP B 696 -22.61 -23.53 37.49
CA ASP B 696 -23.48 -22.79 36.62
C ASP B 696 -24.46 -23.78 36.00
N ALA B 697 -25.73 -23.39 35.95
CA ALA B 697 -26.75 -24.24 35.33
C ALA B 697 -26.39 -24.61 33.89
N SER B 698 -25.51 -23.85 33.27
CA SER B 698 -25.11 -24.16 31.90
C SER B 698 -24.30 -25.46 31.85
N VAL B 699 -23.75 -25.90 33.00
CA VAL B 699 -23.00 -27.15 33.08
C VAL B 699 -23.75 -28.13 33.98
N PRO B 700 -24.63 -28.98 33.41
CA PRO B 700 -25.46 -29.87 34.20
C PRO B 700 -24.75 -31.10 34.74
N LEU B 701 -23.50 -31.32 34.29
CA LEU B 701 -22.71 -32.47 34.71
C LEU B 701 -21.25 -32.08 34.62
N ALA B 702 -20.46 -32.29 35.68
CA ALA B 702 -19.06 -31.92 35.70
C ALA B 702 -18.24 -32.91 36.53
N GLN B 703 -16.95 -33.00 36.23
CA GLN B 703 -16.10 -33.99 36.87
C GLN B 703 -14.74 -33.36 37.11
N GLY B 704 -14.12 -33.83 38.19
CA GLY B 704 -12.76 -33.45 38.47
C GLY B 704 -12.05 -34.65 39.07
N GLU B 705 -10.76 -34.49 39.28
CA GLU B 705 -9.94 -35.58 39.73
C GLU B 705 -8.75 -34.99 40.45
N ILE B 706 -8.34 -35.69 41.52
CA ILE B 706 -7.11 -35.41 42.22
C ILE B 706 -6.32 -36.70 42.36
N PHE B 707 -5.05 -36.65 41.92
CA PHE B 707 -4.17 -37.79 41.91
C PHE B 707 -3.18 -37.61 43.04
N GLU B 708 -3.22 -38.51 44.03
CA GLU B 708 -2.29 -38.45 45.14
C GLU B 708 -1.44 -39.71 45.14
N ASP B 709 -0.12 -39.56 45.34
CA ASP B 709 0.69 -40.74 45.59
C ASP B 709 1.79 -40.26 46.52
N ASP B 710 2.89 -41.03 46.65
CA ASP B 710 3.95 -40.56 47.54
C ASP B 710 4.80 -39.45 46.91
N GLY B 711 4.52 -39.05 45.66
CA GLY B 711 5.30 -38.00 45.02
C GLY B 711 6.72 -38.40 44.60
N LYS B 712 7.11 -39.68 44.74
CA LYS B 712 8.48 -40.10 44.46
C LYS B 712 8.60 -41.46 43.76
N ASP B 713 7.59 -42.32 43.81
CA ASP B 713 7.75 -43.71 43.39
C ASP B 713 7.54 -43.84 41.88
N PRO B 714 8.56 -44.27 41.08
CA PRO B 714 8.36 -44.39 39.63
C PRO B 714 7.34 -45.46 39.24
N ASN B 715 7.04 -46.40 40.16
CA ASN B 715 6.12 -47.48 39.84
C ASN B 715 4.72 -47.22 40.39
N SER B 716 4.47 -46.05 40.99
CA SER B 716 3.20 -45.82 41.66
C SER B 716 2.03 -46.07 40.71
N ILE B 717 2.07 -45.57 39.46
CA ILE B 717 0.94 -45.75 38.54
C ILE B 717 0.79 -47.21 38.10
N LYS B 718 1.90 -47.81 37.64
CA LYS B 718 1.92 -49.19 37.16
C LYS B 718 1.33 -50.11 38.23
N ARG B 719 1.76 -49.96 39.50
CA ARG B 719 1.35 -50.81 40.61
C ARG B 719 0.11 -50.32 41.37
N ASN B 720 -0.55 -49.24 40.93
CA ASN B 720 -1.74 -48.68 41.57
C ASN B 720 -1.49 -48.27 43.02
N GLN B 721 -0.26 -47.89 43.35
CA GLN B 721 0.05 -47.36 44.67
C GLN B 721 -0.31 -45.86 44.69
N PHE B 722 -1.61 -45.60 44.52
CA PHE B 722 -2.10 -44.23 44.52
C PHE B 722 -3.52 -44.16 45.08
N ASP B 723 -3.92 -42.90 45.30
CA ASP B 723 -5.21 -42.50 45.81
C ASP B 723 -5.78 -41.52 44.79
N LEU B 724 -6.70 -41.98 43.97
CA LEU B 724 -7.34 -41.15 42.97
C LEU B 724 -8.71 -40.70 43.47
N LEU B 725 -8.80 -39.42 43.87
CA LEU B 725 -10.04 -38.82 44.32
C LEU B 725 -10.82 -38.39 43.08
N THR B 726 -12.10 -38.73 42.99
CA THR B 726 -12.96 -38.22 41.92
C THR B 726 -14.10 -37.41 42.52
N LEU B 727 -14.57 -36.42 41.76
CA LEU B 727 -15.70 -35.58 42.16
C LEU B 727 -16.62 -35.41 40.97
N GLN B 728 -17.91 -35.66 41.17
CA GLN B 728 -18.90 -35.48 40.12
C GLN B 728 -20.01 -34.56 40.62
N ALA B 729 -20.26 -33.48 39.88
CA ALA B 729 -21.34 -32.55 40.17
C ALA B 729 -22.50 -32.78 39.21
N THR B 730 -23.71 -32.85 39.75
CA THR B 730 -24.91 -32.86 38.96
C THR B 730 -25.76 -31.65 39.33
N HIS B 731 -26.07 -30.81 38.33
CA HIS B 731 -26.63 -29.50 38.55
C HIS B 731 -27.93 -29.40 37.75
N THR B 732 -29.07 -29.49 38.44
CA THR B 732 -30.37 -29.36 37.81
C THR B 732 -31.02 -28.08 38.34
N ASP B 733 -32.29 -27.85 37.97
CA ASP B 733 -32.99 -26.63 38.32
C ASP B 733 -33.13 -26.53 39.83
N ASN B 734 -33.39 -27.64 40.51
CA ASN B 734 -33.68 -27.56 41.94
C ASN B 734 -32.66 -28.28 42.81
N GLN B 735 -31.60 -28.85 42.24
CA GLN B 735 -30.67 -29.61 43.07
C GLN B 735 -29.25 -29.41 42.58
N LEU B 736 -28.28 -29.58 43.48
CA LEU B 736 -26.88 -29.65 43.13
C LEU B 736 -26.28 -30.78 43.95
N HIS B 737 -25.87 -31.84 43.26
CA HIS B 737 -25.51 -33.11 43.84
C HIS B 737 -24.05 -33.36 43.55
N PHE B 738 -23.27 -33.66 44.58
CA PHE B 738 -21.87 -34.03 44.46
C PHE B 738 -21.67 -35.48 44.92
N GLN B 739 -20.93 -36.23 44.11
CA GLN B 739 -20.55 -37.61 44.37
C GLN B 739 -19.03 -37.66 44.46
N LEU B 740 -18.53 -38.06 45.64
CA LEU B 740 -17.11 -38.17 45.92
C LEU B 740 -16.73 -39.63 46.15
N ALA B 741 -15.55 -40.01 45.64
CA ALA B 741 -15.05 -41.38 45.71
C ALA B 741 -13.53 -41.40 45.64
N ARG B 742 -12.92 -42.49 46.14
CA ARG B 742 -11.50 -42.76 46.01
C ARG B 742 -11.30 -44.15 45.39
N THR B 743 -10.27 -44.28 44.53
CA THR B 743 -9.85 -45.56 44.01
C THR B 743 -8.35 -45.67 44.16
N GLY B 744 -7.84 -46.86 43.81
CA GLY B 744 -6.43 -47.17 43.96
C GLY B 744 -6.21 -47.84 45.31
N LYS B 745 -4.98 -48.30 45.53
CA LYS B 745 -4.66 -49.11 46.69
C LYS B 745 -3.98 -48.26 47.76
N GLY B 746 -3.84 -46.95 47.50
CA GLY B 746 -3.19 -46.06 48.42
C GLY B 746 -1.68 -46.31 48.47
N TYR B 747 -1.03 -45.79 49.51
CA TYR B 747 0.40 -45.65 49.54
C TYR B 747 0.77 -45.38 50.99
N ARG B 748 2.04 -45.58 51.31
CA ARG B 748 2.52 -45.33 52.65
C ARG B 748 2.37 -43.85 52.97
N GLY B 749 1.63 -43.54 54.04
CA GLY B 749 1.47 -42.17 54.48
C GLY B 749 0.19 -41.50 53.98
N MET B 750 -0.59 -42.20 53.17
CA MET B 750 -1.84 -41.69 52.66
C MET B 750 -2.81 -41.43 53.81
N PRO B 751 -3.41 -40.23 53.95
CA PRO B 751 -4.41 -39.99 55.00
C PRO B 751 -5.67 -40.79 54.73
N GLU B 752 -6.12 -41.53 55.77
CA GLU B 752 -7.39 -42.23 55.70
C GLU B 752 -8.51 -41.20 55.55
N ARG B 753 -8.43 -40.07 56.28
CA ARG B 753 -9.51 -39.10 56.29
C ARG B 753 -8.95 -37.70 56.03
N ARG B 754 -9.52 -37.01 55.05
CA ARG B 754 -9.16 -35.65 54.69
C ARG B 754 -10.23 -34.66 55.13
N ALA B 755 -9.85 -33.69 55.95
CA ALA B 755 -10.70 -32.54 56.20
C ALA B 755 -10.83 -31.72 54.92
N THR B 756 -12.07 -31.62 54.44
CA THR B 756 -12.36 -31.05 53.13
C THR B 756 -13.28 -29.84 53.31
N THR B 757 -12.85 -28.72 52.72
CA THR B 757 -13.70 -27.55 52.58
C THR B 757 -14.07 -27.42 51.12
N LEU B 758 -15.37 -27.54 50.81
CA LEU B 758 -15.82 -27.38 49.44
C LEU B 758 -16.50 -26.02 49.33
N VAL B 759 -16.00 -25.16 48.42
CA VAL B 759 -16.54 -23.82 48.25
C VAL B 759 -17.22 -23.75 46.90
N ILE B 760 -18.52 -23.54 46.91
CA ILE B 760 -19.30 -23.47 45.68
C ILE B 760 -19.47 -22.00 45.31
N HIS B 761 -18.82 -21.61 44.20
CA HIS B 761 -18.92 -20.28 43.65
C HIS B 761 -20.17 -20.23 42.79
N ASN B 762 -20.76 -19.03 42.71
CA ASN B 762 -22.00 -18.78 41.99
C ASN B 762 -23.11 -19.70 42.47
N ALA B 763 -23.10 -20.05 43.78
CA ALA B 763 -24.14 -20.85 44.40
C ALA B 763 -25.47 -20.10 44.42
N SER B 764 -26.54 -20.82 44.09
CA SER B 764 -27.89 -20.31 44.23
C SER B 764 -28.17 -19.88 45.68
N ASP B 765 -29.03 -18.88 45.83
CA ASP B 765 -29.45 -18.42 47.15
C ASP B 765 -30.76 -19.12 47.54
N GLN B 766 -31.16 -20.17 46.83
CA GLN B 766 -32.43 -20.81 47.07
C GLN B 766 -32.27 -22.18 47.75
N TYR B 767 -31.05 -22.61 48.13
CA TYR B 767 -30.90 -23.96 48.67
C TYR B 767 -31.38 -23.94 50.13
N GLN B 768 -32.42 -24.71 50.47
CA GLN B 768 -32.88 -24.79 51.85
C GLN B 768 -32.20 -25.94 52.62
N HIS B 769 -31.82 -27.00 51.91
CA HIS B 769 -31.56 -28.31 52.49
C HIS B 769 -30.19 -28.79 52.00
N LEU B 770 -29.33 -29.23 52.94
CA LEU B 770 -28.18 -30.07 52.66
C LEU B 770 -28.38 -31.44 53.29
N ASP B 771 -28.09 -32.51 52.52
CA ASP B 771 -27.84 -33.78 53.18
C ASP B 771 -26.50 -34.37 52.73
N ILE B 772 -25.80 -34.97 53.71
CA ILE B 772 -24.56 -35.69 53.51
C ILE B 772 -24.86 -37.15 53.81
N ASN B 773 -24.84 -38.00 52.78
CA ASN B 773 -25.15 -39.42 52.92
C ASN B 773 -26.51 -39.67 53.59
N GLY B 774 -27.52 -38.84 53.24
CA GLY B 774 -28.89 -39.01 53.68
C GLY B 774 -29.22 -38.28 54.98
N LYS B 775 -28.21 -37.73 55.66
CA LYS B 775 -28.37 -37.00 56.89
C LYS B 775 -28.45 -35.49 56.67
N THR B 776 -29.57 -34.91 57.11
CA THR B 776 -29.95 -33.54 56.85
C THR B 776 -29.13 -32.61 57.72
N ILE B 777 -28.62 -31.52 57.12
CA ILE B 777 -27.84 -30.54 57.82
C ILE B 777 -28.34 -29.16 57.40
N ALA B 778 -28.49 -28.28 58.38
CA ALA B 778 -29.04 -26.96 58.11
C ALA B 778 -27.96 -26.11 57.44
N ILE B 779 -28.39 -25.28 56.48
CA ILE B 779 -27.49 -24.32 55.86
C ILE B 779 -27.63 -22.97 56.58
N ALA B 780 -26.58 -22.52 57.27
CA ALA B 780 -26.53 -21.19 57.86
C ALA B 780 -26.46 -20.12 56.77
N GLN B 781 -26.93 -18.89 57.07
CA GLN B 781 -27.02 -17.83 56.06
C GLN B 781 -26.37 -16.55 56.60
N ALA B 782 -25.48 -16.71 57.60
CA ALA B 782 -24.76 -15.59 58.18
C ALA B 782 -23.46 -16.12 58.77
N ASP B 783 -22.46 -15.22 58.89
CA ASP B 783 -21.30 -15.49 59.74
C ASP B 783 -20.56 -16.73 59.26
N CYS B 784 -20.49 -16.93 57.94
CA CYS B 784 -19.92 -18.16 57.38
C CYS B 784 -18.43 -18.20 57.68
N ALA B 785 -17.81 -17.02 57.54
CA ALA B 785 -16.39 -16.88 57.82
C ALA B 785 -16.12 -16.89 59.34
N SER B 786 -17.15 -16.79 60.19
CA SER B 786 -16.92 -16.52 61.60
C SER B 786 -17.56 -17.55 62.55
N THR B 787 -18.06 -18.68 62.03
CA THR B 787 -18.48 -19.81 62.85
C THR B 787 -17.88 -21.09 62.27
N PRO B 788 -17.70 -22.17 63.09
CA PRO B 788 -17.27 -23.49 62.60
C PRO B 788 -18.42 -24.24 61.93
N ALA B 789 -19.13 -23.52 61.06
CA ALA B 789 -20.31 -23.98 60.35
C ALA B 789 -19.98 -25.16 59.43
N LEU B 790 -20.90 -26.14 59.41
CA LEU B 790 -20.76 -27.27 58.52
C LEU B 790 -21.18 -26.87 57.10
N ALA B 791 -22.30 -26.12 56.96
CA ALA B 791 -22.70 -25.51 55.71
C ALA B 791 -23.08 -24.04 55.92
N CYS B 792 -22.50 -23.12 55.15
CA CYS B 792 -22.85 -21.72 55.29
C CYS B 792 -22.85 -21.03 53.93
N TYR B 793 -23.92 -20.27 53.69
CA TYR B 793 -24.09 -19.53 52.45
C TYR B 793 -23.73 -18.07 52.70
N ASP B 794 -22.77 -17.58 51.93
CA ASP B 794 -22.34 -16.19 51.99
C ASP B 794 -23.07 -15.43 50.90
N GLN B 795 -24.10 -14.66 51.26
CA GLN B 795 -25.01 -14.00 50.32
C GLN B 795 -24.30 -12.91 49.51
N GLU B 796 -23.34 -12.22 50.11
CA GLU B 796 -22.63 -11.14 49.46
C GLU B 796 -21.70 -11.67 48.38
N ARG B 797 -21.18 -12.90 48.51
CA ARG B 797 -20.21 -13.45 47.58
C ARG B 797 -20.83 -14.52 46.70
N ARG B 798 -22.06 -14.93 46.99
CA ARG B 798 -22.70 -16.03 46.28
C ARG B 798 -21.86 -17.32 46.37
N GLN B 799 -21.25 -17.57 47.53
CA GLN B 799 -20.50 -18.80 47.78
C GLN B 799 -21.13 -19.60 48.92
N LEU B 800 -21.34 -20.90 48.66
CA LEU B 800 -21.80 -21.83 49.67
C LEU B 800 -20.66 -22.77 50.07
N GLN B 801 -20.28 -22.70 51.34
CA GLN B 801 -19.15 -23.46 51.89
C GLN B 801 -19.65 -24.66 52.68
N LEU B 802 -19.09 -25.85 52.38
CA LEU B 802 -19.39 -27.09 53.07
C LEU B 802 -18.10 -27.65 53.63
N VAL B 803 -18.09 -28.00 54.93
CA VAL B 803 -16.92 -28.56 55.57
C VAL B 803 -17.31 -29.97 56.04
N PHE B 804 -16.44 -30.95 55.78
CA PHE B 804 -16.75 -32.35 56.03
C PHE B 804 -15.48 -33.20 56.03
N THR B 805 -15.69 -34.50 56.26
CA THR B 805 -14.62 -35.45 56.40
C THR B 805 -14.72 -36.36 55.19
N TRP B 806 -13.64 -36.46 54.43
CA TRP B 806 -13.61 -37.28 53.24
C TRP B 806 -12.73 -38.49 53.54
N GLY B 807 -13.37 -39.62 53.82
CA GLY B 807 -12.65 -40.86 54.06
C GLY B 807 -12.77 -41.77 52.85
N ARG B 808 -12.62 -43.08 53.07
CA ARG B 808 -12.38 -43.98 51.95
C ARG B 808 -13.69 -44.40 51.32
N GLU B 809 -14.78 -44.33 52.08
CA GLU B 809 -16.08 -44.66 51.51
C GLU B 809 -16.61 -43.50 50.67
N ALA B 810 -17.50 -43.86 49.75
CA ALA B 810 -18.12 -42.88 48.90
C ALA B 810 -18.96 -41.92 49.75
N LEU B 811 -19.15 -40.71 49.23
CA LEU B 811 -19.82 -39.63 49.89
C LEU B 811 -20.70 -38.91 48.87
N ASN B 812 -21.97 -38.73 49.22
CA ASN B 812 -22.85 -37.86 48.47
C ASN B 812 -23.23 -36.64 49.29
N LEU B 813 -23.13 -35.47 48.64
CA LEU B 813 -23.62 -34.22 49.20
C LEU B 813 -24.75 -33.74 48.30
N ARG B 814 -25.96 -33.57 48.82
CA ARG B 814 -27.10 -33.13 48.02
C ARG B 814 -27.65 -31.82 48.57
N LEU B 815 -27.63 -30.77 47.73
CA LEU B 815 -28.28 -29.52 48.05
C LEU B 815 -29.61 -29.48 47.30
N HIS B 816 -30.69 -29.03 47.94
CA HIS B 816 -32.01 -29.03 47.32
C HIS B 816 -32.70 -27.70 47.64
N LYS B 817 -33.46 -27.19 46.68
CA LYS B 817 -34.33 -26.06 46.95
C LYS B 817 -35.61 -26.62 47.59
N ALA C 35 25.88 -2.28 -6.40
CA ALA C 35 25.88 -0.94 -5.75
C ALA C 35 26.15 0.15 -6.80
N VAL C 36 25.15 1.00 -7.05
CA VAL C 36 25.23 2.04 -8.08
C VAL C 36 24.89 3.35 -7.40
N PHE C 37 25.58 4.42 -7.79
CA PHE C 37 25.36 5.73 -7.17
C PHE C 37 25.75 6.83 -8.15
N TYR C 38 25.08 7.98 -7.94
CA TYR C 38 25.27 9.20 -8.72
C TYR C 38 26.67 9.74 -8.47
N LYS C 39 27.37 10.18 -9.54
CA LYS C 39 28.65 10.85 -9.41
C LYS C 39 28.59 12.28 -9.94
N GLU C 40 28.18 12.49 -11.19
CA GLU C 40 28.03 13.83 -11.75
C GLU C 40 27.05 13.81 -12.93
N HIS C 41 26.68 15.02 -13.41
CA HIS C 41 25.84 15.20 -14.58
C HIS C 41 26.21 16.47 -15.34
N LYS C 42 26.06 16.44 -16.68
CA LYS C 42 26.06 17.63 -17.51
C LYS C 42 24.76 17.68 -18.32
N LEU C 43 24.23 18.89 -18.52
CA LEU C 43 23.18 19.14 -19.50
C LEU C 43 23.83 19.43 -20.85
N ARG C 44 23.59 18.57 -21.87
CA ARG C 44 24.22 18.72 -23.17
C ARG C 44 23.18 18.61 -24.29
N ASN C 45 22.89 19.72 -24.98
CA ASN C 45 21.91 19.79 -26.07
C ASN C 45 20.52 19.36 -25.64
N ASP C 46 20.08 19.79 -24.45
CA ASP C 46 18.74 19.54 -23.94
C ASP C 46 18.63 18.15 -23.32
N GLY C 47 19.67 17.32 -23.47
CA GLY C 47 19.72 16.00 -22.85
C GLY C 47 20.52 16.04 -21.55
N LEU C 48 20.08 15.24 -20.57
CA LEU C 48 20.80 15.08 -19.31
C LEU C 48 21.69 13.85 -19.38
N VAL C 49 23.00 14.08 -19.22
CA VAL C 49 23.97 13.00 -19.17
C VAL C 49 24.42 12.88 -17.71
N ILE C 50 24.17 11.71 -17.12
CA ILE C 50 24.52 11.38 -15.75
C ILE C 50 25.72 10.43 -15.78
N THR C 51 26.61 10.55 -14.78
CA THR C 51 27.67 9.59 -14.57
C THR C 51 27.43 8.90 -13.23
N THR C 52 27.33 7.57 -13.26
CA THR C 52 27.42 6.80 -12.03
C THR C 52 28.82 6.21 -11.94
N ASN C 53 29.03 5.34 -10.94
CA ASN C 53 30.22 4.52 -10.87
C ASN C 53 30.23 3.43 -11.93
N GLN C 54 29.08 3.11 -12.55
CA GLN C 54 29.03 2.01 -13.51
C GLN C 54 29.11 2.52 -14.94
N GLY C 55 28.86 3.82 -15.13
CA GLY C 55 29.03 4.46 -16.43
C GLY C 55 28.08 5.65 -16.62
N ASN C 56 27.70 5.87 -17.88
CA ASN C 56 26.94 7.05 -18.29
C ASN C 56 25.52 6.67 -18.72
N ILE C 57 24.58 7.59 -18.46
CA ILE C 57 23.15 7.47 -18.73
C ILE C 57 22.67 8.74 -19.43
N ARG C 58 22.03 8.63 -20.61
CA ARG C 58 21.56 9.80 -21.35
C ARG C 58 20.04 9.85 -21.34
N LEU C 59 19.49 10.94 -20.78
CA LEU C 59 18.05 11.15 -20.72
C LEU C 59 17.65 12.24 -21.71
N GLN C 60 16.83 11.88 -22.71
CA GLN C 60 16.29 12.85 -23.66
C GLN C 60 14.76 12.73 -23.77
N PHE C 61 14.06 13.83 -23.49
CA PHE C 61 12.63 13.93 -23.73
C PHE C 61 12.41 13.97 -25.24
N LYS C 62 11.59 13.03 -25.74
CA LYS C 62 11.26 12.96 -27.16
C LYS C 62 9.98 13.75 -27.47
N SER C 63 9.31 14.19 -26.39
CA SER C 63 8.12 15.01 -26.42
C SER C 63 7.86 15.41 -24.96
N GLU C 64 6.77 16.14 -24.70
CA GLU C 64 6.46 16.69 -23.39
C GLU C 64 6.03 15.58 -22.41
N ALA C 65 5.72 14.38 -22.96
CA ALA C 65 5.21 13.26 -22.18
C ALA C 65 5.91 11.95 -22.52
N ALA C 66 7.16 12.00 -23.01
CA ALA C 66 7.88 10.80 -23.40
C ALA C 66 9.39 11.00 -23.32
N ILE C 67 10.08 10.02 -22.72
CA ILE C 67 11.50 10.14 -22.40
C ILE C 67 12.24 8.88 -22.83
N GLU C 68 13.41 9.08 -23.49
CA GLU C 68 14.34 8.01 -23.78
C GLU C 68 15.42 7.99 -22.70
N VAL C 69 15.65 6.80 -22.13
CA VAL C 69 16.66 6.57 -21.10
C VAL C 69 17.67 5.54 -21.63
N LEU C 70 18.87 6.02 -21.97
CA LEU C 70 19.88 5.17 -22.60
C LEU C 70 21.03 4.93 -21.61
N TYR C 71 21.21 3.66 -21.20
CA TYR C 71 22.32 3.28 -20.34
C TYR C 71 23.47 2.86 -21.25
N ARG C 72 24.69 2.86 -20.69
CA ARG C 72 25.92 2.67 -21.44
C ARG C 72 25.99 3.71 -22.57
N ALA C 73 25.59 4.94 -22.28
CA ALA C 73 25.52 5.98 -23.29
C ALA C 73 26.92 6.29 -23.80
N ASP C 74 27.92 5.99 -22.97
CA ASP C 74 29.33 6.05 -23.32
C ASP C 74 29.62 5.20 -24.58
N SER C 75 29.01 4.01 -24.70
CA SER C 75 29.43 3.01 -25.67
C SER C 75 28.68 3.11 -26.99
N LYS C 76 29.21 2.40 -28.00
CA LYS C 76 28.61 2.29 -29.31
C LYS C 76 27.63 1.12 -29.31
N GLN C 77 26.36 1.39 -29.64
CA GLN C 77 25.35 0.35 -29.69
C GLN C 77 24.38 0.61 -30.85
N LEU C 78 23.60 -0.42 -31.19
CA LEU C 78 22.54 -0.30 -32.17
C LEU C 78 21.74 0.98 -31.90
N PRO C 79 21.25 1.66 -32.95
CA PRO C 79 20.37 2.82 -32.77
C PRO C 79 18.97 2.41 -32.33
N SER C 80 18.17 3.39 -31.90
CA SER C 80 16.77 3.17 -31.62
C SER C 80 16.04 2.62 -32.85
N PHE C 81 15.14 1.68 -32.62
CA PHE C 81 14.26 1.22 -33.68
C PHE C 81 12.85 1.76 -33.41
N ALA C 82 12.51 1.96 -32.13
CA ALA C 82 11.16 2.33 -31.73
C ALA C 82 10.82 3.77 -32.12
N LEU C 83 11.81 4.66 -32.14
CA LEU C 83 11.54 6.10 -32.22
C LEU C 83 11.46 6.55 -33.68
N ALA C 84 10.42 7.36 -33.97
CA ALA C 84 10.26 7.98 -35.28
C ALA C 84 11.33 9.06 -35.52
N GLN C 85 11.66 9.83 -34.48
CA GLN C 85 12.71 10.84 -34.60
C GLN C 85 13.75 10.57 -33.50
N PRO C 86 14.63 9.58 -33.72
CA PRO C 86 15.56 9.14 -32.68
C PRO C 86 16.47 10.26 -32.18
N GLU C 87 16.86 11.21 -33.06
CA GLU C 87 17.87 12.18 -32.69
C GLU C 87 17.27 13.39 -31.96
N SER C 88 15.93 13.46 -31.81
CA SER C 88 15.29 14.64 -31.23
C SER C 88 15.39 14.67 -29.71
N ALA C 89 15.29 15.87 -29.14
CA ALA C 89 15.19 16.09 -27.70
C ALA C 89 14.69 17.52 -27.45
N ILE C 90 13.69 17.68 -26.59
CA ILE C 90 13.03 18.97 -26.42
C ILE C 90 13.48 19.61 -25.12
N LYS C 91 13.36 20.95 -25.05
CA LYS C 91 13.73 21.72 -23.87
C LYS C 91 12.99 21.17 -22.65
N ALA C 92 13.74 20.82 -21.61
CA ALA C 92 13.18 20.34 -20.35
C ALA C 92 13.79 21.16 -19.22
N GLN C 93 13.23 21.00 -18.02
CA GLN C 93 13.73 21.71 -16.86
C GLN C 93 14.51 20.72 -15.99
N LEU C 94 15.61 21.20 -15.38
CA LEU C 94 16.46 20.42 -14.49
C LEU C 94 16.59 21.13 -13.14
N THR C 95 16.30 20.43 -12.03
CA THR C 95 16.52 20.98 -10.69
C THR C 95 17.18 19.93 -9.80
N GLU C 96 18.05 20.41 -8.89
CA GLU C 96 18.91 19.55 -8.09
C GLU C 96 18.53 19.71 -6.61
N THR C 97 18.65 18.63 -5.85
CA THR C 97 18.53 18.67 -4.39
C THR C 97 19.61 17.76 -3.80
N GLU C 98 19.59 17.63 -2.47
CA GLU C 98 20.59 16.82 -1.78
C GLU C 98 20.60 15.43 -2.40
N ASN C 99 19.44 14.75 -2.38
CA ASN C 99 19.40 13.33 -2.67
C ASN C 99 18.87 13.04 -4.09
N HIS C 100 18.42 14.08 -4.83
CA HIS C 100 17.67 13.86 -6.07
C HIS C 100 18.02 14.86 -7.18
N LEU C 101 17.91 14.36 -8.42
CA LEU C 101 17.78 15.17 -9.63
C LEU C 101 16.35 15.05 -10.17
N GLN C 102 15.87 16.11 -10.85
CA GLN C 102 14.53 16.14 -11.42
C GLN C 102 14.58 16.71 -12.84
N PHE C 103 14.23 15.89 -13.83
CA PHE C 103 14.28 16.28 -15.23
C PHE C 103 12.88 16.18 -15.80
N SER C 104 12.35 17.32 -16.28
CA SER C 104 10.91 17.47 -16.40
C SER C 104 10.53 18.14 -17.72
N GLY C 105 9.64 17.47 -18.48
CA GLY C 105 8.94 18.10 -19.59
C GLY C 105 7.54 18.56 -19.17
N GLY C 106 6.69 18.87 -20.15
CA GLY C 106 5.33 19.33 -19.88
C GLY C 106 4.61 18.50 -18.82
N THR C 107 4.41 17.21 -19.07
CA THR C 107 3.57 16.41 -18.20
C THR C 107 4.39 15.35 -17.46
N LEU C 108 5.47 14.86 -18.10
CA LEU C 108 6.29 13.77 -17.57
C LEU C 108 7.55 14.31 -16.88
N THR C 109 7.78 13.82 -15.65
CA THR C 109 8.96 14.10 -14.84
C THR C 109 9.73 12.81 -14.50
N ALA C 110 11.05 12.86 -14.68
CA ALA C 110 11.94 11.81 -14.21
C ALA C 110 12.60 12.23 -12.90
N ARG C 111 12.31 11.51 -11.80
CA ARG C 111 12.94 11.76 -10.52
C ARG C 111 14.08 10.76 -10.36
N ILE C 112 15.29 11.32 -10.18
CA ILE C 112 16.53 10.56 -10.13
C ILE C 112 17.08 10.57 -8.71
N GLN C 113 16.97 9.44 -8.00
CA GLN C 113 17.52 9.29 -6.66
C GLN C 113 19.01 9.01 -6.78
N LYS C 114 19.83 9.66 -5.94
CA LYS C 114 21.27 9.67 -6.12
C LYS C 114 21.92 8.42 -5.51
N ARG C 115 21.53 8.10 -4.27
CA ARG C 115 22.15 7.01 -3.53
C ARG C 115 21.06 6.26 -2.78
N PRO C 116 20.75 4.97 -3.09
CA PRO C 116 21.23 4.28 -4.29
C PRO C 116 20.62 4.86 -5.56
N PHE C 117 21.31 4.65 -6.68
CA PHE C 117 20.84 5.19 -7.94
C PHE C 117 19.56 4.47 -8.38
N ALA C 118 18.49 5.25 -8.59
CA ALA C 118 17.25 4.71 -9.14
C ALA C 118 16.46 5.86 -9.75
N ILE C 119 15.90 5.65 -10.94
CA ILE C 119 15.02 6.65 -11.56
C ILE C 119 13.58 6.20 -11.36
N SER C 120 12.72 7.15 -11.01
CA SER C 120 11.29 6.89 -11.09
C SER C 120 10.60 7.95 -11.96
N TYR C 121 9.33 7.68 -12.34
CA TYR C 121 8.64 8.51 -13.32
C TYR C 121 7.29 8.97 -12.75
N TYR C 122 6.99 10.26 -12.99
CA TYR C 122 5.80 10.92 -12.46
C TYR C 122 5.05 11.67 -13.57
N ARG C 123 3.73 11.45 -13.63
N ARG C 123 3.73 11.43 -13.63
CA ARG C 123 2.82 12.34 -14.32
CA ARG C 123 2.79 12.31 -14.30
C ARG C 123 2.09 13.15 -13.26
C ARG C 123 2.11 13.16 -13.22
N ASP C 124 2.25 14.48 -13.33
CA ASP C 124 1.92 15.39 -12.23
C ASP C 124 2.81 15.02 -11.05
N SER C 125 2.17 14.78 -9.91
CA SER C 125 2.81 14.23 -8.73
C SER C 125 2.36 12.79 -8.51
N GLU C 126 1.86 12.10 -9.56
CA GLU C 126 1.47 10.71 -9.41
C GLU C 126 2.59 9.82 -9.95
N LEU C 127 2.95 8.82 -9.13
CA LEU C 127 3.99 7.87 -9.47
C LEU C 127 3.46 6.92 -10.54
N LEU C 128 4.16 6.88 -11.68
CA LEU C 128 3.87 5.92 -12.72
C LEU C 128 4.64 4.64 -12.48
N LEU C 129 5.98 4.77 -12.50
CA LEU C 129 6.87 3.63 -12.57
C LEU C 129 8.19 3.98 -11.87
N ALA C 130 8.64 3.09 -10.97
CA ALA C 130 9.92 3.17 -10.29
C ALA C 130 10.83 2.00 -10.69
N GLU C 131 12.08 2.34 -11.02
CA GLU C 131 13.18 1.39 -11.06
C GLU C 131 13.33 0.69 -9.70
N GLU C 132 13.69 -0.60 -9.75
CA GLU C 132 14.16 -1.32 -8.56
C GLU C 132 15.68 -1.27 -8.64
N SER C 133 16.30 -2.38 -9.08
CA SER C 133 17.73 -2.42 -9.38
C SER C 133 18.00 -1.58 -10.62
N GLY C 134 16.98 -1.44 -11.48
CA GLY C 134 17.13 -0.74 -12.76
C GLY C 134 17.96 -1.56 -13.73
N PHE C 135 19.00 -0.90 -14.28
CA PHE C 135 19.92 -1.50 -15.23
C PHE C 135 20.95 -2.39 -14.52
N GLN C 136 21.00 -3.68 -14.83
CA GLN C 136 22.11 -4.55 -14.42
C GLN C 136 22.83 -5.04 -15.69
N VAL C 137 24.16 -5.14 -15.66
CA VAL C 137 24.95 -5.35 -16.87
C VAL C 137 25.81 -6.63 -16.80
N ASN C 138 25.20 -7.74 -16.36
CA ASN C 138 25.84 -9.06 -16.35
C ASN C 138 27.16 -9.03 -17.13
N LYS C 141 24.77 -9.79 -20.64
CA LYS C 141 23.28 -9.73 -20.76
C LYS C 141 22.81 -8.36 -20.26
N ILE C 142 21.82 -7.80 -20.97
CA ILE C 142 21.15 -6.56 -20.64
C ILE C 142 19.96 -6.94 -19.77
N ASN C 143 19.72 -6.14 -18.74
CA ASN C 143 18.66 -6.46 -17.80
C ASN C 143 18.14 -5.17 -17.20
N PHE C 144 16.80 -5.02 -17.13
CA PHE C 144 16.17 -3.90 -16.46
C PHE C 144 15.10 -4.43 -15.52
N ARG C 145 15.07 -3.86 -14.30
CA ARG C 145 14.15 -4.26 -13.25
C ARG C 145 13.43 -3.03 -12.71
N PHE C 146 12.11 -3.13 -12.59
CA PHE C 146 11.24 -2.08 -12.06
C PHE C 146 10.24 -2.70 -11.07
N TYR C 147 9.78 -1.86 -10.14
CA TYR C 147 8.68 -2.22 -9.27
C TYR C 147 7.34 -2.14 -10.01
N LEU C 148 6.43 -3.05 -9.64
CA LEU C 148 5.02 -2.94 -9.97
C LEU C 148 4.23 -2.59 -8.72
N SER C 149 3.27 -1.67 -8.84
CA SER C 149 2.41 -1.32 -7.73
C SER C 149 1.42 -2.46 -7.51
N PRO C 150 0.85 -2.65 -6.30
CA PRO C 150 -0.11 -3.73 -6.10
C PRO C 150 -1.36 -3.30 -6.85
N GLY C 151 -2.02 -4.27 -7.46
CA GLY C 151 -3.24 -4.01 -8.21
C GLY C 151 -2.98 -3.46 -9.62
N GLU C 152 -1.75 -3.03 -9.93
CA GLU C 152 -1.45 -2.55 -11.28
C GLU C 152 -1.70 -3.66 -12.29
N LYS C 153 -2.44 -3.36 -13.38
CA LYS C 153 -2.72 -4.33 -14.44
C LYS C 153 -1.81 -4.01 -15.63
N ILE C 154 -1.33 -5.04 -16.34
CA ILE C 154 -0.33 -4.84 -17.37
C ILE C 154 -0.71 -5.56 -18.66
N LEU C 155 -1.10 -4.75 -19.66
CA LEU C 155 -1.25 -5.23 -21.01
C LEU C 155 0.10 -5.17 -21.69
N GLY C 156 0.27 -5.95 -22.75
CA GLY C 156 1.46 -5.79 -23.57
C GLY C 156 2.03 -7.11 -24.07
N GLY C 157 3.21 -6.98 -24.69
CA GLY C 157 3.95 -8.12 -25.19
C GLY C 157 3.58 -8.46 -26.62
N GLY C 158 2.65 -7.67 -27.18
CA GLY C 158 2.20 -7.94 -28.53
C GLY C 158 1.38 -9.22 -28.56
N GLN C 159 1.60 -10.04 -29.59
CA GLN C 159 0.78 -11.22 -29.79
C GLN C 159 1.14 -12.28 -28.74
N ARG C 160 0.20 -12.49 -27.81
CA ARG C 160 0.16 -13.63 -26.91
C ARG C 160 -1.30 -14.00 -26.68
N ILE C 161 -1.58 -15.28 -26.39
CA ILE C 161 -2.92 -15.63 -25.93
C ILE C 161 -2.82 -16.10 -24.48
N LEU C 162 -2.86 -15.14 -23.54
CA LEU C 162 -2.58 -15.38 -22.12
C LEU C 162 -3.60 -14.72 -21.18
N GLY C 163 -4.55 -13.96 -21.73
CA GLY C 163 -5.33 -13.02 -20.96
C GLY C 163 -4.84 -11.59 -21.20
N MET C 164 -5.78 -10.66 -21.22
CA MET C 164 -5.48 -9.27 -21.53
C MET C 164 -4.49 -8.68 -20.54
N ASP C 165 -4.67 -8.98 -19.24
CA ASP C 165 -3.72 -8.57 -18.20
C ASP C 165 -2.59 -9.58 -18.17
N ARG C 166 -1.37 -9.21 -18.60
CA ARG C 166 -0.29 -10.18 -18.70
C ARG C 166 0.53 -10.29 -17.42
N ARG C 167 0.12 -9.60 -16.35
CA ARG C 167 0.82 -9.66 -15.07
C ARG C 167 0.70 -11.07 -14.51
N GLY C 168 1.78 -11.54 -13.86
CA GLY C 168 1.89 -12.93 -13.46
C GLY C 168 2.45 -13.82 -14.58
N GLN C 169 2.81 -13.24 -15.74
CA GLN C 169 3.29 -14.03 -16.87
C GLN C 169 4.72 -13.62 -17.23
N ARG C 170 5.45 -14.58 -17.81
CA ARG C 170 6.82 -14.40 -18.25
C ARG C 170 6.92 -15.01 -19.66
N PHE C 171 7.58 -14.32 -20.58
CA PHE C 171 7.64 -14.84 -21.93
C PHE C 171 8.83 -14.24 -22.67
N PRO C 172 9.31 -14.94 -23.71
CA PRO C 172 10.39 -14.43 -24.55
C PRO C 172 9.97 -13.29 -25.48
N LEU C 173 10.98 -12.45 -25.77
CA LEU C 173 10.98 -11.50 -26.86
C LEU C 173 11.80 -12.10 -28.01
N TYR C 174 11.13 -12.94 -28.78
CA TYR C 174 11.76 -13.57 -29.92
C TYR C 174 10.65 -13.96 -30.88
N ASN C 175 10.38 -13.07 -31.86
CA ASN C 175 9.40 -13.34 -32.90
C ASN C 175 9.62 -14.75 -33.45
N ARG C 176 8.52 -15.50 -33.52
CA ARG C 176 8.57 -16.89 -33.93
C ARG C 176 7.18 -17.40 -34.31
N ALA C 177 7.14 -18.31 -35.28
CA ALA C 177 5.88 -18.89 -35.73
C ALA C 177 5.25 -19.73 -34.65
N HIS C 178 3.90 -19.77 -34.65
CA HIS C 178 3.13 -20.67 -33.83
C HIS C 178 2.03 -21.27 -34.71
N TYR C 179 2.47 -22.15 -35.61
CA TYR C 179 1.58 -22.73 -36.58
C TYR C 179 0.40 -23.39 -35.86
N GLY C 180 -0.83 -23.06 -36.27
CA GLY C 180 -2.00 -23.84 -35.88
C GLY C 180 -2.35 -23.58 -34.42
N TYR C 181 -1.96 -22.41 -33.91
CA TYR C 181 -2.36 -22.02 -32.59
C TYR C 181 -3.87 -21.95 -32.48
N SER C 182 -4.32 -21.91 -31.23
CA SER C 182 -5.72 -21.99 -30.90
C SER C 182 -6.01 -21.01 -29.77
N ASP C 183 -6.10 -21.53 -28.55
CA ASP C 183 -6.55 -20.76 -27.41
C ASP C 183 -5.41 -20.45 -26.43
N HIS C 184 -4.15 -20.70 -26.81
CA HIS C 184 -3.02 -20.38 -25.93
C HIS C 184 -1.73 -20.12 -26.70
N SER C 185 -0.97 -19.11 -26.24
CA SER C 185 0.35 -18.85 -26.79
C SER C 185 1.11 -17.86 -25.93
N GLY C 186 2.34 -18.27 -25.60
CA GLY C 186 3.30 -17.37 -24.96
C GLY C 186 4.32 -16.80 -25.94
N GLN C 187 4.22 -17.17 -27.21
CA GLN C 187 5.25 -16.80 -28.16
C GLN C 187 4.71 -16.98 -29.58
N MET C 188 4.59 -15.86 -30.32
CA MET C 188 4.05 -15.91 -31.67
C MET C 188 4.87 -15.03 -32.63
N TYR C 189 4.31 -14.85 -33.83
CA TYR C 189 4.87 -14.10 -34.94
C TYR C 189 5.35 -12.72 -34.54
N PHE C 190 4.57 -11.98 -33.76
CA PHE C 190 4.85 -10.57 -33.61
C PHE C 190 4.69 -10.20 -32.14
N GLY C 191 5.80 -10.33 -31.40
CA GLY C 191 5.86 -9.73 -30.10
C GLY C 191 6.22 -8.25 -30.20
N LEU C 192 5.91 -7.51 -29.16
CA LEU C 192 6.34 -6.14 -28.98
C LEU C 192 7.05 -6.07 -27.63
N PRO C 193 8.26 -5.46 -27.55
CA PRO C 193 8.92 -5.23 -26.27
C PRO C 193 8.30 -4.03 -25.58
N ALA C 194 6.99 -4.13 -25.31
CA ALA C 194 6.30 -2.99 -24.74
C ALA C 194 5.11 -3.43 -23.89
N ILE C 195 4.77 -2.58 -22.93
CA ILE C 195 3.60 -2.80 -22.10
C ILE C 195 2.81 -1.51 -21.96
N MET C 196 1.52 -1.70 -21.65
CA MET C 196 0.64 -0.59 -21.29
C MET C 196 0.07 -0.91 -19.92
N SER C 197 0.22 0.04 -18.99
CA SER C 197 -0.24 -0.16 -17.63
C SER C 197 -1.57 0.54 -17.38
N SER C 198 -2.30 0.05 -16.36
CA SER C 198 -3.51 0.66 -15.83
C SER C 198 -3.23 1.99 -15.13
N LYS C 199 -1.95 2.34 -14.90
CA LYS C 199 -1.57 3.67 -14.44
C LYS C 199 -1.40 4.62 -15.62
N GLN C 200 -1.65 4.12 -16.84
CA GLN C 200 -1.70 4.96 -18.03
C GLN C 200 -0.30 5.46 -18.37
N TYR C 201 0.65 4.51 -18.45
CA TYR C 201 1.91 4.73 -19.13
C TYR C 201 2.12 3.58 -20.12
N ILE C 202 2.96 3.85 -21.12
CA ILE C 202 3.54 2.82 -21.95
C ILE C 202 5.04 2.82 -21.72
N LEU C 203 5.59 1.61 -21.63
CA LEU C 203 7.02 1.37 -21.45
C LEU C 203 7.51 0.57 -22.64
N VAL C 204 8.54 1.08 -23.32
CA VAL C 204 9.16 0.36 -24.43
C VAL C 204 10.58 -0.07 -24.05
N PHE C 205 10.90 -1.34 -24.30
CA PHE C 205 12.28 -1.82 -24.29
C PHE C 205 12.80 -1.70 -25.73
N ASP C 206 13.62 -0.66 -25.95
CA ASP C 206 14.00 -0.27 -27.29
C ASP C 206 15.18 -1.12 -27.78
N ASN C 207 14.91 -2.41 -27.95
CA ASN C 207 15.93 -3.42 -28.07
C ASN C 207 15.43 -4.48 -29.03
N SER C 208 16.29 -4.84 -29.98
CA SER C 208 15.93 -5.68 -31.09
C SER C 208 16.29 -7.15 -30.87
N ALA C 209 16.93 -7.46 -29.72
CA ALA C 209 17.57 -8.77 -29.60
C ALA C 209 16.70 -9.80 -28.92
N SER C 210 17.09 -11.05 -29.12
CA SER C 210 16.56 -12.18 -28.36
C SER C 210 16.57 -11.84 -26.87
N GLY C 211 15.39 -11.85 -26.26
CA GLY C 211 15.21 -11.35 -24.91
C GLY C 211 14.02 -12.00 -24.21
N ALA C 212 13.54 -11.36 -23.16
CA ALA C 212 12.44 -11.93 -22.40
C ALA C 212 11.78 -10.83 -21.58
N MET C 213 10.51 -11.07 -21.22
CA MET C 213 9.82 -10.18 -20.31
C MET C 213 9.17 -11.04 -19.23
N ASP C 214 9.25 -10.57 -17.99
CA ASP C 214 8.77 -11.27 -16.81
C ASP C 214 7.95 -10.23 -16.04
N ILE C 215 6.62 -10.35 -16.15
CA ILE C 215 5.73 -9.30 -15.65
C ILE C 215 5.24 -9.70 -14.26
N GLY C 216 6.13 -9.61 -13.28
CA GLY C 216 5.80 -9.97 -11.91
C GLY C 216 5.46 -11.45 -11.76
N LYS C 217 6.09 -12.32 -12.57
CA LYS C 217 5.94 -13.75 -12.41
C LYS C 217 6.92 -14.29 -11.35
N THR C 218 8.23 -14.23 -11.67
CA THR C 218 9.28 -14.75 -10.81
C THR C 218 9.20 -14.07 -9.45
N GLU C 219 9.19 -12.73 -9.48
CA GLU C 219 9.02 -11.91 -8.28
C GLU C 219 7.76 -11.07 -8.42
N SER C 220 6.91 -11.17 -7.40
CA SER C 220 5.54 -10.68 -7.42
C SER C 220 5.49 -9.20 -7.83
N ASP C 221 6.46 -8.42 -7.37
CA ASP C 221 6.40 -6.99 -7.45
C ASP C 221 7.49 -6.50 -8.41
N ILE C 222 7.96 -7.37 -9.30
CA ILE C 222 9.06 -6.97 -10.17
C ILE C 222 8.69 -7.22 -11.64
N LEU C 223 8.86 -6.16 -12.42
CA LEU C 223 8.86 -6.27 -13.85
C LEU C 223 10.30 -6.28 -14.32
N GLN C 224 10.69 -7.33 -15.05
CA GLN C 224 12.05 -7.43 -15.53
C GLN C 224 12.07 -7.59 -17.05
N LEU C 225 12.98 -6.85 -17.70
CA LEU C 225 13.25 -6.90 -19.12
C LEU C 225 14.68 -7.38 -19.36
N GLU C 226 14.89 -8.31 -20.31
CA GLU C 226 16.18 -8.96 -20.50
C GLU C 226 16.46 -9.10 -21.99
N ALA C 227 17.73 -8.96 -22.38
CA ALA C 227 18.18 -9.32 -23.72
C ALA C 227 19.61 -9.86 -23.68
N LYS C 228 19.95 -10.71 -24.65
CA LYS C 228 21.28 -11.26 -24.82
C LYS C 228 22.27 -10.18 -25.27
N SER C 229 21.77 -9.16 -25.94
CA SER C 229 22.60 -8.13 -26.52
C SER C 229 21.73 -6.97 -27.01
N GLY C 230 22.29 -6.10 -27.84
CA GLY C 230 21.56 -5.00 -28.41
C GLY C 230 21.54 -3.78 -27.49
N ARG C 231 20.63 -2.84 -27.82
CA ARG C 231 20.61 -1.52 -27.24
C ARG C 231 20.10 -1.59 -25.81
N SER C 232 20.75 -0.87 -24.90
CA SER C 232 20.36 -0.84 -23.51
C SER C 232 19.62 0.45 -23.24
N ALA C 233 18.34 0.50 -23.69
CA ALA C 233 17.51 1.70 -23.61
C ALA C 233 16.05 1.33 -23.33
N TYR C 234 15.36 2.20 -22.61
CA TYR C 234 13.92 2.13 -22.55
C TYR C 234 13.32 3.51 -22.77
N ILE C 235 12.02 3.53 -23.10
CA ILE C 235 11.26 4.73 -23.36
C ILE C 235 10.00 4.65 -22.51
N LEU C 236 9.76 5.69 -21.69
CA LEU C 236 8.51 5.81 -20.96
C LEU C 236 7.64 6.91 -21.60
N VAL C 237 6.36 6.58 -21.88
CA VAL C 237 5.37 7.53 -22.39
C VAL C 237 4.20 7.60 -21.41
N ALA C 238 3.81 8.82 -21.02
CA ALA C 238 2.61 9.03 -20.19
C ALA C 238 1.44 9.64 -20.98
N GLY C 239 0.27 9.56 -20.36
CA GLY C 239 -0.98 10.13 -20.87
C GLY C 239 -1.99 10.30 -19.73
N ASN C 240 -2.97 11.20 -19.95
CA ASN C 240 -4.00 11.50 -18.96
C ASN C 240 -5.22 10.61 -19.18
N SER C 241 -5.23 9.86 -20.29
CA SER C 241 -6.31 8.96 -20.64
C SER C 241 -5.72 7.94 -21.60
N TYR C 242 -6.40 6.82 -21.84
CA TYR C 242 -5.84 5.84 -22.76
C TYR C 242 -5.72 6.43 -24.16
N PRO C 243 -6.70 7.22 -24.67
CA PRO C 243 -6.55 7.86 -25.98
C PRO C 243 -5.34 8.80 -26.06
N SER C 244 -5.20 9.65 -25.04
CA SER C 244 -4.07 10.56 -24.94
C SER C 244 -2.75 9.78 -24.94
N LEU C 245 -2.71 8.70 -24.13
CA LEU C 245 -1.52 7.89 -23.99
C LEU C 245 -1.12 7.37 -25.36
N ILE C 246 -2.13 6.89 -26.11
CA ILE C 246 -1.89 6.33 -27.43
C ILE C 246 -1.50 7.42 -28.43
N GLU C 247 -2.01 8.64 -28.25
CA GLU C 247 -1.62 9.76 -29.10
C GLU C 247 -0.15 10.11 -28.88
N ASN C 248 0.23 10.16 -27.60
CA ASN C 248 1.60 10.46 -27.19
C ASN C 248 2.56 9.40 -27.69
N PHE C 249 2.12 8.14 -27.68
CA PHE C 249 2.95 7.02 -28.05
C PHE C 249 3.18 7.04 -29.55
N THR C 250 2.11 7.23 -30.32
CA THR C 250 2.26 7.26 -31.76
C THR C 250 2.97 8.56 -32.15
N GLN C 251 2.85 9.61 -31.34
CA GLN C 251 3.62 10.81 -31.63
C GLN C 251 5.09 10.46 -31.81
N VAL C 252 5.69 9.72 -30.87
CA VAL C 252 7.13 9.54 -30.85
C VAL C 252 7.57 8.23 -31.52
N THR C 253 6.67 7.23 -31.67
CA THR C 253 7.04 5.98 -32.31
C THR C 253 6.67 5.98 -33.79
N GLY C 254 5.68 6.78 -34.20
CA GLY C 254 5.23 6.83 -35.60
C GLY C 254 3.71 6.75 -35.72
N ARG C 255 3.15 7.57 -36.62
CA ARG C 255 1.74 7.50 -37.01
C ARG C 255 1.65 6.68 -38.29
N GLN C 256 0.68 5.79 -38.36
CA GLN C 256 0.43 5.06 -39.59
C GLN C 256 -0.09 6.02 -40.65
N PRO C 257 0.53 6.05 -41.85
CA PRO C 257 -0.02 6.82 -42.95
C PRO C 257 -1.32 6.16 -43.40
N LEU C 258 -2.30 7.00 -43.78
CA LEU C 258 -3.60 6.52 -44.21
C LEU C 258 -3.39 5.48 -45.31
N PRO C 259 -3.81 4.21 -45.12
CA PRO C 259 -3.70 3.24 -46.20
C PRO C 259 -4.61 3.67 -47.34
N PRO C 260 -4.45 3.08 -48.54
CA PRO C 260 -5.36 3.32 -49.64
C PRO C 260 -6.74 2.76 -49.24
N ARG C 261 -7.82 3.44 -49.68
CA ARG C 261 -9.15 3.02 -49.28
C ARG C 261 -9.40 1.56 -49.66
N TRP C 262 -8.78 1.10 -50.74
CA TRP C 262 -9.01 -0.25 -51.18
C TRP C 262 -8.54 -1.30 -50.16
N ALA C 263 -7.70 -0.92 -49.18
CA ALA C 263 -7.27 -1.83 -48.15
C ALA C 263 -8.43 -2.19 -47.21
N LEU C 264 -9.48 -1.35 -47.23
CA LEU C 264 -10.72 -1.55 -46.49
C LEU C 264 -11.74 -2.39 -47.26
N GLY C 265 -11.37 -2.87 -48.43
CA GLY C 265 -12.29 -3.67 -49.23
C GLY C 265 -12.18 -5.17 -48.99
N SER C 266 -12.80 -5.89 -49.92
CA SER C 266 -12.86 -7.34 -49.95
C SER C 266 -11.66 -7.90 -50.70
N PHE C 267 -10.98 -8.85 -50.03
CA PHE C 267 -9.86 -9.57 -50.62
C PHE C 267 -10.27 -11.00 -50.91
N ALA C 268 -9.93 -11.44 -52.12
CA ALA C 268 -9.88 -12.83 -52.49
C ALA C 268 -8.48 -13.38 -52.16
N SER C 269 -8.41 -14.39 -51.30
CA SER C 269 -7.13 -14.97 -50.94
C SER C 269 -7.33 -16.44 -50.55
N ARG C 270 -6.34 -17.24 -50.94
CA ARG C 270 -6.10 -18.58 -50.47
C ARG C 270 -4.59 -18.85 -50.46
N PHE C 271 -4.24 -19.98 -49.86
CA PHE C 271 -2.92 -20.57 -50.02
C PHE C 271 -3.13 -21.85 -50.80
N GLY C 272 -3.09 -21.75 -52.14
CA GLY C 272 -2.93 -20.52 -52.93
C GLY C 272 -3.41 -20.77 -54.35
N TYR C 273 -3.71 -19.72 -55.13
CA TYR C 273 -4.05 -19.94 -56.55
C TYR C 273 -2.86 -20.60 -57.23
N ARG C 274 -3.10 -21.71 -57.96
CA ARG C 274 -2.07 -22.46 -58.63
C ARG C 274 -1.75 -21.96 -60.04
N SER C 275 -2.60 -21.10 -60.60
CA SER C 275 -2.49 -20.74 -62.00
C SER C 275 -3.19 -19.40 -62.26
N GLU C 276 -2.85 -18.84 -63.42
CA GLU C 276 -3.46 -17.63 -63.93
C GLU C 276 -4.94 -17.94 -64.20
N ALA C 277 -5.22 -19.08 -64.81
CA ALA C 277 -6.60 -19.51 -65.06
C ALA C 277 -7.41 -19.51 -63.77
N GLU C 278 -6.80 -20.04 -62.71
CA GLU C 278 -7.49 -20.19 -61.43
C GLU C 278 -7.67 -18.82 -60.79
N THR C 279 -6.68 -17.93 -60.89
CA THR C 279 -6.79 -16.60 -60.34
C THR C 279 -7.87 -15.84 -61.13
N ARG C 280 -7.84 -15.92 -62.46
CA ARG C 280 -8.87 -15.26 -63.25
C ARG C 280 -10.26 -15.83 -62.86
N ALA C 281 -10.39 -17.16 -62.72
CA ALA C 281 -11.70 -17.75 -62.45
C ALA C 281 -12.24 -17.30 -61.08
N THR C 282 -11.33 -16.96 -60.14
CA THR C 282 -11.76 -16.49 -58.82
C THR C 282 -12.25 -15.04 -58.91
N VAL C 283 -11.62 -14.23 -59.77
CA VAL C 283 -12.08 -12.87 -59.96
C VAL C 283 -13.48 -12.96 -60.60
N GLN C 284 -13.65 -13.86 -61.57
CA GLN C 284 -14.94 -14.08 -62.20
C GLN C 284 -15.97 -14.51 -61.16
N LYS C 285 -15.58 -15.41 -60.25
CA LYS C 285 -16.54 -15.98 -59.32
C LYS C 285 -17.08 -14.89 -58.42
N TYR C 286 -16.25 -13.91 -58.05
CA TYR C 286 -16.77 -12.79 -57.28
C TYR C 286 -17.81 -11.98 -58.10
N LYS C 287 -17.55 -11.84 -59.40
CA LYS C 287 -18.43 -11.09 -60.28
C LYS C 287 -19.75 -11.84 -60.49
N THR C 288 -19.68 -13.14 -60.86
CA THR C 288 -20.87 -13.92 -61.12
C THR C 288 -21.67 -14.19 -59.84
N GLU C 289 -21.03 -14.17 -58.64
CA GLU C 289 -21.75 -14.41 -57.40
C GLU C 289 -22.16 -13.11 -56.71
N ASP C 290 -21.81 -11.96 -57.30
CA ASP C 290 -22.22 -10.67 -56.74
C ASP C 290 -21.69 -10.48 -55.31
N PHE C 291 -20.42 -10.80 -55.07
CA PHE C 291 -19.70 -10.30 -53.91
C PHE C 291 -18.72 -9.22 -54.31
N PRO C 292 -18.66 -8.13 -53.54
CA PRO C 292 -17.62 -7.12 -53.70
C PRO C 292 -16.22 -7.69 -53.66
N LEU C 293 -15.31 -7.11 -54.46
CA LEU C 293 -13.93 -7.57 -54.57
C LEU C 293 -13.05 -6.41 -55.00
N ASP C 294 -12.06 -6.09 -54.16
CA ASP C 294 -11.08 -5.05 -54.46
C ASP C 294 -9.74 -5.62 -54.94
N THR C 295 -9.33 -6.75 -54.32
CA THR C 295 -7.95 -7.21 -54.40
C THR C 295 -7.93 -8.73 -54.39
N ILE C 296 -7.16 -9.31 -55.31
CA ILE C 296 -6.85 -10.72 -55.24
C ILE C 296 -5.39 -10.88 -54.81
N VAL C 297 -5.10 -11.90 -53.98
CA VAL C 297 -3.79 -12.06 -53.36
C VAL C 297 -3.17 -13.36 -53.84
N LEU C 298 -1.92 -13.29 -54.30
CA LEU C 298 -1.25 -14.45 -54.87
C LEU C 298 -0.18 -14.93 -53.88
N ASP C 299 -0.30 -16.21 -53.52
CA ASP C 299 0.63 -16.88 -52.60
C ASP C 299 1.74 -17.53 -53.44
N LEU C 300 2.53 -18.39 -52.80
CA LEU C 300 3.88 -18.65 -53.30
C LEU C 300 3.89 -19.45 -54.60
N TYR C 301 2.74 -19.90 -55.11
CA TYR C 301 2.75 -20.63 -56.38
C TYR C 301 2.92 -19.72 -57.61
N TRP C 302 2.93 -18.41 -57.40
CA TRP C 302 3.13 -17.45 -58.46
C TRP C 302 4.57 -17.49 -58.96
N PHE C 303 5.48 -18.07 -58.15
CA PHE C 303 6.87 -18.19 -58.59
C PHE C 303 7.33 -19.64 -58.71
N GLY C 304 6.47 -20.64 -58.47
CA GLY C 304 6.82 -22.02 -58.74
C GLY C 304 5.72 -23.01 -58.33
N LYS C 305 5.72 -24.17 -58.99
CA LYS C 305 4.63 -25.12 -58.91
C LYS C 305 4.62 -25.91 -57.61
N ASP C 306 5.68 -25.79 -56.77
CA ASP C 306 5.80 -26.54 -55.52
C ASP C 306 5.99 -25.56 -54.38
N ILE C 307 5.60 -25.99 -53.17
CA ILE C 307 5.84 -25.22 -51.97
C ILE C 307 7.36 -25.11 -51.74
N LYS C 308 8.09 -26.18 -52.05
CA LYS C 308 9.52 -26.20 -51.75
C LYS C 308 10.32 -26.00 -53.02
N GLY C 309 11.48 -25.34 -52.87
CA GLY C 309 12.54 -25.44 -53.86
C GLY C 309 12.58 -24.24 -54.81
N HIS C 310 11.58 -23.36 -54.76
CA HIS C 310 11.47 -22.23 -55.70
C HIS C 310 11.62 -20.88 -55.02
N MET C 311 11.43 -20.82 -53.71
CA MET C 311 11.46 -19.55 -52.99
C MET C 311 12.76 -18.79 -53.31
N GLY C 312 12.59 -17.55 -53.79
CA GLY C 312 13.69 -16.68 -54.14
C GLY C 312 13.70 -16.37 -55.64
N ASN C 313 12.94 -17.18 -56.39
CA ASN C 313 12.74 -16.93 -57.81
C ASN C 313 12.26 -15.49 -58.02
N LEU C 314 11.31 -15.03 -57.18
CA LEU C 314 10.76 -13.69 -57.25
C LEU C 314 10.47 -13.31 -58.71
N ASP C 315 9.79 -14.19 -59.40
CA ASP C 315 9.49 -13.96 -60.79
C ASP C 315 8.43 -14.98 -61.15
N TRP C 316 7.62 -14.66 -62.15
CA TRP C 316 6.47 -15.47 -62.50
C TRP C 316 6.94 -16.84 -62.94
N ASP C 317 6.23 -17.86 -62.46
CA ASP C 317 6.28 -19.19 -63.05
C ASP C 317 5.37 -19.22 -64.27
N LYS C 318 6.00 -19.17 -65.45
CA LYS C 318 5.34 -18.87 -66.70
C LYS C 318 4.61 -20.09 -67.24
N GLU C 319 4.95 -21.30 -66.75
CA GLU C 319 4.23 -22.50 -67.13
C GLU C 319 2.79 -22.41 -66.59
N ASN C 320 2.57 -21.70 -65.46
CA ASN C 320 1.27 -21.64 -64.80
C ASN C 320 0.69 -20.23 -64.81
N PHE C 321 1.54 -19.21 -64.98
CA PHE C 321 1.12 -17.83 -65.12
C PHE C 321 1.73 -17.30 -66.42
N PRO C 322 1.19 -17.74 -67.59
CA PRO C 322 1.78 -17.43 -68.89
C PRO C 322 1.75 -15.98 -69.34
N THR C 323 0.83 -15.15 -68.80
CA THR C 323 0.58 -13.80 -69.31
C THR C 323 0.20 -12.87 -68.17
N PRO C 324 1.11 -12.66 -67.20
CA PRO C 324 0.74 -11.95 -66.00
C PRO C 324 0.49 -10.45 -66.13
N LEU C 325 1.21 -9.77 -67.04
CA LEU C 325 0.93 -8.37 -67.30
C LEU C 325 -0.52 -8.19 -67.79
N ASP C 326 -0.95 -9.05 -68.69
CA ASP C 326 -2.32 -9.05 -69.17
C ASP C 326 -3.28 -9.33 -68.03
N MET C 327 -2.94 -10.33 -67.21
CA MET C 327 -3.77 -10.73 -66.09
C MET C 327 -4.03 -9.54 -65.20
N MET C 328 -2.95 -8.86 -64.79
CA MET C 328 -3.06 -7.75 -63.88
C MET C 328 -3.78 -6.56 -64.52
N ALA C 329 -3.52 -6.31 -65.80
CA ALA C 329 -4.19 -5.22 -66.52
C ALA C 329 -5.70 -5.51 -66.60
N ASP C 330 -6.04 -6.76 -66.95
CA ASP C 330 -7.41 -7.25 -67.05
C ASP C 330 -8.15 -7.07 -65.74
N PHE C 331 -7.52 -7.43 -64.61
CA PHE C 331 -8.08 -7.19 -63.29
C PHE C 331 -8.25 -5.70 -63.00
N LYS C 332 -7.26 -4.88 -63.33
CA LYS C 332 -7.35 -3.47 -63.05
C LYS C 332 -8.56 -2.90 -63.83
N GLN C 333 -8.83 -3.42 -65.02
CA GLN C 333 -10.00 -3.00 -65.79
C GLN C 333 -11.30 -3.32 -65.06
N GLN C 334 -11.28 -4.33 -64.16
CA GLN C 334 -12.46 -4.59 -63.36
C GLN C 334 -12.30 -4.01 -61.98
N GLY C 335 -11.34 -3.10 -61.80
CA GLY C 335 -11.16 -2.42 -60.52
C GLY C 335 -10.57 -3.33 -59.42
N VAL C 336 -9.88 -4.40 -59.85
CA VAL C 336 -9.27 -5.35 -58.93
C VAL C 336 -7.73 -5.24 -58.97
N LYS C 337 -7.13 -5.06 -57.79
CA LYS C 337 -5.68 -5.01 -57.60
C LYS C 337 -5.07 -6.41 -57.42
N THR C 338 -3.77 -6.56 -57.78
CA THR C 338 -3.01 -7.77 -57.54
C THR C 338 -1.94 -7.55 -56.45
N VAL C 339 -1.90 -8.48 -55.49
CA VAL C 339 -0.92 -8.47 -54.39
C VAL C 339 -0.17 -9.79 -54.42
N LEU C 340 1.16 -9.69 -54.33
CA LEU C 340 2.02 -10.85 -54.43
C LEU C 340 2.74 -11.03 -53.08
N ILE C 341 2.93 -12.28 -52.70
CA ILE C 341 3.68 -12.66 -51.52
C ILE C 341 5.17 -12.63 -51.87
N THR C 342 5.98 -12.22 -50.89
CA THR C 342 7.41 -12.39 -50.95
C THR C 342 7.90 -12.83 -49.57
N GLU C 343 9.15 -13.34 -49.55
CA GLU C 343 9.75 -13.84 -48.31
C GLU C 343 11.23 -13.42 -48.21
N PRO C 344 11.83 -13.48 -47.00
CA PRO C 344 13.22 -13.05 -46.81
C PRO C 344 14.27 -13.97 -47.43
N PHE C 345 13.88 -15.20 -47.76
CA PHE C 345 14.81 -16.27 -48.06
C PHE C 345 14.98 -16.49 -49.55
N VAL C 346 16.22 -16.75 -49.96
CA VAL C 346 16.57 -17.19 -51.31
C VAL C 346 17.21 -18.56 -51.24
N LEU C 347 16.57 -19.56 -51.84
CA LEU C 347 17.03 -20.93 -51.86
C LEU C 347 18.16 -21.10 -52.86
N THR C 348 19.03 -22.08 -52.56
CA THR C 348 20.18 -22.39 -53.40
C THR C 348 19.68 -23.03 -54.68
N SER C 349 18.47 -23.61 -54.61
CA SER C 349 17.81 -24.18 -55.78
C SER C 349 17.07 -23.13 -56.61
N SER C 350 16.96 -21.90 -56.12
CA SER C 350 16.27 -20.84 -56.83
C SER C 350 17.13 -20.29 -57.97
N LYS C 351 16.47 -19.58 -58.90
CA LYS C 351 17.10 -19.01 -60.09
C LYS C 351 17.93 -17.79 -59.69
N ARG C 352 17.68 -17.24 -58.50
CA ARG C 352 18.35 -16.03 -58.07
C ARG C 352 19.47 -16.28 -57.05
N TRP C 353 19.76 -17.53 -56.70
CA TRP C 353 20.88 -17.85 -55.81
C TRP C 353 22.21 -17.21 -56.26
N ASP C 354 22.71 -17.61 -57.43
CA ASP C 354 24.01 -17.17 -57.91
C ASP C 354 24.10 -15.65 -57.96
N ASP C 355 23.00 -15.00 -58.34
CA ASP C 355 22.98 -13.56 -58.52
C ASP C 355 22.97 -12.82 -57.18
N ALA C 356 22.26 -13.36 -56.19
CA ALA C 356 22.24 -12.75 -54.87
C ALA C 356 23.61 -12.87 -54.18
N VAL C 357 24.23 -14.04 -54.33
CA VAL C 357 25.59 -14.23 -53.86
C VAL C 357 26.50 -13.22 -54.56
N LYS C 358 26.42 -13.16 -55.90
CA LYS C 358 27.26 -12.25 -56.68
C LYS C 358 27.11 -10.81 -56.19
N ALA C 359 25.87 -10.37 -55.90
CA ALA C 359 25.63 -9.00 -55.48
C ALA C 359 25.86 -8.80 -53.99
N LYS C 360 26.19 -9.86 -53.24
CA LYS C 360 26.44 -9.72 -51.81
C LYS C 360 25.16 -9.31 -51.08
N ALA C 361 24.04 -9.93 -51.49
CA ALA C 361 22.72 -9.51 -51.02
C ALA C 361 22.32 -10.28 -49.76
N LEU C 362 22.93 -11.44 -49.52
CA LEU C 362 22.55 -12.30 -48.41
C LEU C 362 23.41 -12.06 -47.16
N ALA C 363 22.83 -12.36 -46.01
CA ALA C 363 23.58 -12.44 -44.76
C ALA C 363 24.67 -13.51 -44.86
N LYS C 364 25.74 -13.26 -44.09
CA LYS C 364 26.98 -14.03 -44.17
C LYS C 364 27.18 -14.85 -42.90
N ASP C 365 28.03 -15.87 -42.98
CA ASP C 365 28.60 -16.49 -41.77
C ASP C 365 29.80 -15.64 -41.31
N PRO C 366 30.38 -15.93 -40.12
CA PRO C 366 31.49 -15.11 -39.59
C PRO C 366 32.76 -15.20 -40.45
N GLN C 367 32.86 -16.32 -41.19
CA GLN C 367 33.89 -16.61 -42.18
C GLN C 367 33.77 -15.75 -43.44
N GLY C 368 32.61 -15.10 -43.68
CA GLY C 368 32.49 -14.05 -44.72
C GLY C 368 31.72 -14.49 -45.97
N GLN C 369 31.22 -15.73 -45.98
CA GLN C 369 30.53 -16.28 -47.13
C GLN C 369 29.01 -16.26 -46.89
N PRO C 370 28.17 -16.37 -47.95
CA PRO C 370 26.72 -16.50 -47.77
C PRO C 370 26.35 -17.61 -46.80
N LYS C 371 25.59 -17.25 -45.76
CA LYS C 371 25.04 -18.24 -44.84
C LYS C 371 23.86 -18.96 -45.50
N ALA C 372 23.96 -20.29 -45.56
CA ALA C 372 22.92 -21.19 -46.04
C ALA C 372 22.44 -22.08 -44.89
N PHE C 373 21.13 -22.35 -44.85
CA PHE C 373 20.56 -23.20 -43.80
C PHE C 373 19.26 -23.84 -44.29
N GLU C 374 18.85 -24.91 -43.60
CA GLU C 374 17.78 -25.78 -44.07
C GLU C 374 16.44 -25.28 -43.55
N LEU C 375 15.67 -24.62 -44.41
CA LEU C 375 14.32 -24.19 -44.07
C LEU C 375 13.38 -25.33 -44.42
N TYR C 376 12.11 -25.18 -44.02
CA TYR C 376 11.06 -26.05 -44.53
C TYR C 376 11.16 -26.13 -46.05
N PHE C 377 11.37 -24.96 -46.70
CA PHE C 377 11.28 -24.85 -48.16
C PHE C 377 12.53 -25.39 -48.85
N GLY C 378 13.64 -25.47 -48.10
CA GLY C 378 14.87 -26.08 -48.59
C GLY C 378 16.07 -25.32 -48.05
N ASN C 379 17.23 -25.56 -48.65
CA ASN C 379 18.46 -24.96 -48.19
C ASN C 379 18.57 -23.56 -48.82
N GLY C 380 18.75 -22.53 -48.00
CA GLY C 380 18.78 -21.18 -48.53
C GLY C 380 19.38 -20.20 -47.54
N GLY C 381 19.53 -18.97 -48.04
CA GLY C 381 20.05 -17.82 -47.31
C GLY C 381 18.94 -16.81 -47.02
N ILE C 382 19.30 -15.75 -46.32
CA ILE C 382 18.36 -14.70 -46.00
C ILE C 382 18.93 -13.40 -46.53
N ILE C 383 18.06 -12.62 -47.18
CA ILE C 383 18.42 -11.35 -47.77
C ILE C 383 18.68 -10.39 -46.62
N ASP C 384 19.79 -9.66 -46.73
CA ASP C 384 20.19 -8.80 -45.63
C ASP C 384 19.68 -7.39 -45.88
N VAL C 385 18.48 -7.12 -45.36
CA VAL C 385 17.82 -5.83 -45.53
C VAL C 385 18.53 -4.78 -44.68
N PHE C 386 19.43 -5.20 -43.78
CA PHE C 386 20.22 -4.26 -43.00
C PHE C 386 21.45 -3.77 -43.79
N SER C 387 21.73 -4.31 -44.98
CA SER C 387 22.89 -3.89 -45.74
C SER C 387 22.47 -3.01 -46.91
N LYS C 388 23.42 -2.21 -47.44
CA LYS C 388 23.21 -1.46 -48.67
C LYS C 388 22.96 -2.40 -49.83
N GLU C 389 23.78 -3.46 -49.96
CA GLU C 389 23.72 -4.34 -51.11
C GLU C 389 22.43 -5.17 -51.12
N GLY C 390 22.08 -5.74 -49.96
CA GLY C 390 20.80 -6.42 -49.79
C GLY C 390 19.61 -5.53 -50.14
N SER C 391 19.57 -4.31 -49.61
CA SER C 391 18.46 -3.39 -49.82
C SER C 391 18.31 -3.02 -51.29
N ARG C 392 19.42 -2.69 -51.97
CA ARG C 392 19.40 -2.31 -53.36
C ARG C 392 18.94 -3.51 -54.18
N TRP C 393 19.49 -4.69 -53.90
CA TRP C 393 19.16 -5.83 -54.72
C TRP C 393 17.67 -6.18 -54.57
N PHE C 394 17.14 -6.09 -53.33
CA PHE C 394 15.77 -6.52 -53.03
C PHE C 394 14.79 -5.48 -53.58
N SER C 395 15.05 -4.20 -53.30
CA SER C 395 14.29 -3.07 -53.80
C SER C 395 14.10 -3.09 -55.33
N SER C 396 15.18 -3.40 -56.04
CA SER C 396 15.18 -3.43 -57.49
C SER C 396 14.22 -4.50 -58.02
N ILE C 397 14.09 -5.60 -57.28
CA ILE C 397 13.16 -6.65 -57.65
C ILE C 397 11.73 -6.15 -57.43
N TYR C 398 11.45 -5.50 -56.29
CA TYR C 398 10.13 -4.94 -56.06
C TYR C 398 9.77 -3.87 -57.10
N LYS C 399 10.75 -3.08 -57.54
CA LYS C 399 10.54 -2.06 -58.57
C LYS C 399 10.06 -2.70 -59.87
N ASP C 400 10.74 -3.75 -60.32
CA ASP C 400 10.43 -4.37 -61.59
C ASP C 400 9.00 -4.94 -61.57
N LEU C 401 8.67 -5.66 -60.49
CA LEU C 401 7.36 -6.29 -60.39
C LEU C 401 6.27 -5.23 -60.27
N SER C 402 6.54 -4.14 -59.56
CA SER C 402 5.56 -3.09 -59.39
C SER C 402 5.27 -2.42 -60.73
N LYS C 403 6.30 -2.25 -61.56
CA LYS C 403 6.17 -1.67 -62.90
C LYS C 403 5.31 -2.59 -63.76
N GLN C 404 5.36 -3.88 -63.49
CA GLN C 404 4.59 -4.83 -64.29
C GLN C 404 3.09 -4.76 -64.00
N GLY C 405 2.70 -4.20 -62.83
CA GLY C 405 1.30 -4.04 -62.49
C GLY C 405 0.90 -4.41 -61.06
N VAL C 406 1.84 -4.88 -60.23
CA VAL C 406 1.54 -5.24 -58.84
C VAL C 406 1.25 -3.96 -58.03
N ALA C 407 0.13 -3.96 -57.28
CA ALA C 407 -0.37 -2.79 -56.59
C ALA C 407 0.00 -2.79 -55.12
N GLY C 408 0.37 -3.98 -54.64
CA GLY C 408 0.55 -4.15 -53.22
C GLY C 408 1.36 -5.40 -52.93
N TRP C 409 1.84 -5.45 -51.68
CA TRP C 409 2.85 -6.42 -51.33
C TRP C 409 2.55 -7.11 -50.01
N TRP C 410 2.84 -8.40 -50.05
CA TRP C 410 2.68 -9.28 -48.91
C TRP C 410 4.06 -9.83 -48.52
N GLY C 411 4.45 -9.68 -47.25
CA GLY C 411 5.76 -10.17 -46.81
C GLY C 411 5.58 -11.16 -45.66
N ASP C 412 5.78 -12.44 -45.99
CA ASP C 412 5.60 -13.57 -45.11
C ASP C 412 6.94 -13.93 -44.48
N LEU C 413 6.96 -14.53 -43.26
CA LEU C 413 8.13 -15.22 -42.70
C LEU C 413 9.19 -14.25 -42.22
N GLY C 414 8.79 -13.03 -41.84
CA GLY C 414 9.77 -12.01 -41.47
C GLY C 414 10.19 -12.06 -40.00
N GLU C 415 9.91 -13.15 -39.29
CA GLU C 415 10.22 -13.22 -37.86
C GLU C 415 11.71 -12.98 -37.57
N PRO C 416 12.69 -13.36 -38.43
CA PRO C 416 12.54 -14.32 -39.53
C PRO C 416 12.22 -15.70 -39.04
N GLU C 417 11.48 -16.46 -39.85
CA GLU C 417 10.91 -17.71 -39.38
C GLU C 417 12.04 -18.65 -38.92
N MET C 418 13.13 -18.70 -39.68
CA MET C 418 14.34 -19.41 -39.29
C MET C 418 15.48 -18.43 -39.43
N HIS C 419 16.28 -18.34 -38.35
CA HIS C 419 17.29 -17.30 -38.22
C HIS C 419 18.44 -17.83 -37.35
N PRO C 420 19.32 -18.71 -37.89
CA PRO C 420 20.39 -19.31 -37.09
C PRO C 420 21.28 -18.23 -36.45
N GLU C 421 21.68 -18.53 -35.22
CA GLU C 421 22.38 -17.61 -34.32
C GLU C 421 23.64 -16.99 -34.94
N ASP C 422 24.37 -17.73 -35.76
CA ASP C 422 25.64 -17.21 -36.27
C ASP C 422 25.48 -16.61 -37.66
N THR C 423 24.24 -16.38 -38.11
CA THR C 423 24.00 -15.57 -39.28
C THR C 423 24.46 -14.17 -38.95
N GLN C 424 25.18 -13.51 -39.88
CA GLN C 424 25.65 -12.15 -39.64
C GLN C 424 25.02 -11.15 -40.60
N HIS C 425 24.43 -10.10 -40.03
CA HIS C 425 23.84 -9.01 -40.79
C HIS C 425 24.81 -7.83 -40.74
N ALA C 426 24.68 -6.89 -41.66
CA ALA C 426 25.60 -5.76 -41.72
C ALA C 426 25.80 -5.13 -40.34
N ILE C 427 24.79 -5.12 -39.45
CA ILE C 427 24.88 -4.33 -38.22
C ILE C 427 24.90 -5.20 -36.96
N GLY C 428 24.91 -6.51 -37.10
CA GLY C 428 24.89 -7.36 -35.92
C GLY C 428 24.54 -8.79 -36.29
N ASP C 429 24.61 -9.69 -35.30
CA ASP C 429 24.29 -11.08 -35.54
C ASP C 429 22.77 -11.28 -35.46
N ALA C 430 22.31 -12.46 -35.90
CA ALA C 430 20.90 -12.79 -35.96
C ALA C 430 20.18 -12.51 -34.63
N ASP C 431 20.76 -12.98 -33.52
CA ASP C 431 20.17 -12.81 -32.19
C ASP C 431 20.15 -11.35 -31.74
N THR C 432 21.02 -10.50 -32.29
CA THR C 432 21.03 -9.10 -31.90
C THR C 432 19.96 -8.30 -32.68
N VAL C 433 19.70 -8.64 -33.96
CA VAL C 433 18.82 -7.84 -34.82
C VAL C 433 17.42 -8.46 -35.00
N HIS C 434 17.22 -9.67 -34.45
CA HIS C 434 16.11 -10.54 -34.80
C HIS C 434 14.74 -9.83 -34.86
N ASN C 435 14.41 -9.08 -33.81
CA ASN C 435 13.06 -8.58 -33.64
C ASN C 435 12.80 -7.31 -34.44
N ALA C 436 13.81 -6.89 -35.22
CA ALA C 436 13.75 -5.66 -36.02
C ALA C 436 13.94 -5.97 -37.49
N TYR C 437 14.17 -7.24 -37.83
CA TYR C 437 14.34 -7.64 -39.22
C TYR C 437 13.13 -7.21 -40.06
N GLY C 438 11.92 -7.59 -39.63
CA GLY C 438 10.71 -7.37 -40.43
C GLY C 438 10.39 -5.87 -40.52
N HIS C 439 10.71 -5.17 -39.43
CA HIS C 439 10.63 -3.73 -39.32
C HIS C 439 11.41 -3.06 -40.44
N ARG C 440 12.64 -3.49 -40.66
CA ARG C 440 13.49 -2.84 -41.63
C ARG C 440 13.11 -3.30 -43.04
N TRP C 441 12.64 -4.53 -43.12
CA TRP C 441 12.08 -5.01 -44.38
C TRP C 441 10.93 -4.11 -44.84
N ALA C 442 10.05 -3.76 -43.89
CA ALA C 442 8.93 -2.86 -44.15
C ALA C 442 9.44 -1.49 -44.55
N GLU C 443 10.38 -0.94 -43.77
CA GLU C 443 10.89 0.39 -44.01
C GLU C 443 11.46 0.45 -45.43
N MET C 444 12.18 -0.60 -45.81
CA MET C 444 12.85 -0.70 -47.08
C MET C 444 11.80 -0.65 -48.19
N LEU C 445 10.75 -1.47 -48.04
CA LEU C 445 9.75 -1.62 -49.07
C LEU C 445 8.88 -0.36 -49.15
N TYR C 446 8.61 0.26 -47.99
CA TYR C 446 7.89 1.52 -47.95
C TYR C 446 8.64 2.58 -48.72
N GLN C 447 9.89 2.88 -48.33
CA GLN C 447 10.70 3.90 -48.98
C GLN C 447 10.76 3.64 -50.48
N GLN C 448 10.91 2.38 -50.88
CA GLN C 448 10.98 2.01 -52.29
C GLN C 448 9.69 2.32 -53.04
N GLN C 449 8.54 2.07 -52.40
CA GLN C 449 7.25 2.24 -53.06
C GLN C 449 6.94 3.75 -53.12
N LEU C 450 7.28 4.51 -52.09
CA LEU C 450 7.12 5.96 -52.13
C LEU C 450 8.01 6.58 -53.20
N ASP C 451 9.17 5.99 -53.48
CA ASP C 451 10.07 6.54 -54.47
C ASP C 451 9.57 6.18 -55.88
N GLN C 452 9.05 4.96 -56.06
CA GLN C 452 8.55 4.57 -57.35
C GLN C 452 7.19 5.24 -57.66
N PHE C 453 6.32 5.39 -56.66
CA PHE C 453 4.95 5.87 -56.83
C PHE C 453 4.64 6.88 -55.75
N PRO C 454 5.22 8.09 -55.83
CA PRO C 454 5.01 9.10 -54.79
C PRO C 454 3.57 9.59 -54.63
N GLU C 455 2.69 9.21 -55.59
CA GLU C 455 1.32 9.71 -55.59
C GLU C 455 0.37 8.59 -55.19
N LEU C 456 0.92 7.47 -54.72
CA LEU C 456 0.15 6.33 -54.25
C LEU C 456 0.57 5.93 -52.83
N ARG C 457 -0.39 5.38 -52.08
CA ARG C 457 -0.20 4.90 -50.74
C ARG C 457 0.22 3.44 -50.76
N PRO C 458 1.41 3.10 -50.21
CA PRO C 458 1.86 1.71 -50.24
C PRO C 458 0.94 0.83 -49.42
N PHE C 459 0.70 -0.40 -49.94
CA PHE C 459 0.10 -1.50 -49.19
C PHE C 459 1.17 -2.54 -48.86
N ILE C 460 1.47 -2.68 -47.55
CA ILE C 460 2.49 -3.59 -47.06
C ILE C 460 1.92 -4.47 -45.96
N MET C 461 1.75 -5.75 -46.24
CA MET C 461 1.14 -6.66 -45.30
C MET C 461 2.22 -7.63 -44.81
N MET C 462 2.45 -7.68 -43.50
CA MET C 462 3.56 -8.47 -42.96
C MET C 462 3.16 -9.09 -41.63
N ARG C 463 3.90 -10.15 -41.25
CA ARG C 463 3.61 -11.01 -40.11
C ARG C 463 4.40 -10.62 -38.86
N ALA C 464 5.45 -9.83 -39.04
CA ALA C 464 6.37 -9.57 -37.96
C ALA C 464 7.00 -8.20 -38.13
N GLY C 465 7.03 -7.45 -37.04
CA GLY C 465 7.60 -6.11 -37.02
C GLY C 465 8.17 -5.79 -35.63
N PHE C 466 8.34 -4.50 -35.40
CA PHE C 466 8.84 -3.97 -34.15
C PHE C 466 7.94 -2.80 -33.76
N VAL C 467 8.08 -2.31 -32.52
CA VAL C 467 7.46 -1.06 -32.14
C VAL C 467 7.82 -0.03 -33.21
N GLY C 468 6.80 0.69 -33.71
CA GLY C 468 6.98 1.77 -34.67
C GLY C 468 6.86 1.31 -36.12
N SER C 469 6.68 0.01 -36.38
CA SER C 469 6.61 -0.45 -37.76
C SER C 469 5.40 0.14 -38.49
N GLN C 470 4.40 0.64 -37.74
CA GLN C 470 3.22 1.27 -38.30
C GLN C 470 3.60 2.49 -39.14
N ARG C 471 4.75 3.12 -38.85
CA ARG C 471 5.18 4.28 -39.60
C ARG C 471 5.61 3.93 -41.01
N TYR C 472 5.86 2.64 -41.27
CA TYR C 472 6.16 2.17 -42.61
C TYR C 472 4.91 1.56 -43.25
N GLY C 473 3.72 1.84 -42.69
CA GLY C 473 2.47 1.33 -43.22
C GLY C 473 2.22 -0.16 -42.94
N MET C 474 2.90 -0.76 -41.94
CA MET C 474 2.76 -2.20 -41.77
C MET C 474 1.32 -2.55 -41.40
N ILE C 475 0.76 -3.51 -42.15
CA ILE C 475 -0.54 -4.07 -41.87
C ILE C 475 -0.34 -5.53 -41.45
N PRO C 476 -0.35 -5.82 -40.13
CA PRO C 476 -0.07 -7.19 -39.67
C PRO C 476 -1.32 -8.03 -39.59
N TRP C 477 -1.12 -9.34 -39.77
CA TRP C 477 -2.12 -10.37 -39.55
C TRP C 477 -1.56 -11.40 -38.57
N THR C 478 -2.46 -12.14 -37.89
CA THR C 478 -2.12 -12.98 -36.74
C THR C 478 -1.70 -14.39 -37.16
N GLY C 479 -1.05 -14.55 -38.32
CA GLY C 479 -0.42 -15.79 -38.73
C GLY C 479 -1.36 -16.98 -38.95
N ASP C 480 -0.78 -18.16 -38.75
CA ASP C 480 -1.33 -19.40 -39.26
C ASP C 480 -2.35 -19.97 -38.29
N VAL C 481 -3.35 -19.16 -37.90
CA VAL C 481 -4.39 -19.60 -36.96
C VAL C 481 -5.06 -20.88 -37.42
N SER C 482 -5.37 -21.75 -36.45
CA SER C 482 -6.04 -23.00 -36.73
C SER C 482 -7.48 -22.74 -37.17
N ARG C 483 -8.06 -23.74 -37.85
CA ARG C 483 -9.47 -23.69 -38.19
C ARG C 483 -10.34 -24.23 -37.06
N THR C 484 -10.30 -23.56 -35.90
CA THR C 484 -11.05 -23.95 -34.72
C THR C 484 -11.69 -22.72 -34.07
N TRP C 485 -12.74 -22.99 -33.29
CA TRP C 485 -13.41 -21.97 -32.50
C TRP C 485 -12.39 -21.26 -31.60
N GLY C 486 -11.43 -22.01 -31.07
CA GLY C 486 -10.41 -21.40 -30.22
C GLY C 486 -9.56 -20.42 -31.00
N GLY C 487 -9.21 -20.78 -32.24
CA GLY C 487 -8.56 -19.83 -33.14
C GLY C 487 -9.32 -18.50 -33.25
N LEU C 488 -10.65 -18.58 -33.42
CA LEU C 488 -11.46 -17.37 -33.57
C LEU C 488 -11.56 -16.65 -32.24
N ALA C 489 -11.73 -17.44 -31.17
CA ALA C 489 -11.97 -16.90 -29.85
C ALA C 489 -10.79 -16.06 -29.36
N SER C 490 -9.60 -16.28 -29.95
CA SER C 490 -8.40 -15.57 -29.53
C SER C 490 -8.18 -14.30 -30.32
N GLN C 491 -8.93 -14.07 -31.41
CA GLN C 491 -8.57 -13.02 -32.36
C GLN C 491 -8.77 -11.63 -31.76
N VAL C 492 -9.76 -11.45 -30.88
CA VAL C 492 -10.04 -10.14 -30.32
C VAL C 492 -8.92 -9.76 -29.35
N GLU C 493 -8.48 -10.73 -28.54
CA GLU C 493 -7.41 -10.45 -27.59
C GLU C 493 -6.19 -9.99 -28.38
N LEU C 494 -5.81 -10.77 -29.38
CA LEU C 494 -4.66 -10.43 -30.21
C LEU C 494 -4.80 -9.04 -30.82
N ALA C 495 -5.99 -8.74 -31.34
CA ALA C 495 -6.19 -7.51 -32.09
C ALA C 495 -6.05 -6.33 -31.17
N LEU C 496 -6.71 -6.40 -30.01
CA LEU C 496 -6.67 -5.28 -29.08
C LEU C 496 -5.24 -5.09 -28.56
N GLN C 497 -4.52 -6.19 -28.32
CA GLN C 497 -3.19 -6.09 -27.72
C GLN C 497 -2.28 -5.34 -28.70
N MET C 498 -2.42 -5.65 -30.00
CA MET C 498 -1.62 -5.03 -31.04
C MET C 498 -2.11 -3.62 -31.32
N SER C 499 -3.45 -3.42 -31.28
CA SER C 499 -4.08 -2.14 -31.55
C SER C 499 -3.63 -1.10 -30.55
N LEU C 500 -3.53 -1.51 -29.28
CA LEU C 500 -3.22 -0.59 -28.21
C LEU C 500 -1.77 -0.07 -28.32
N LEU C 501 -0.89 -0.78 -29.03
CA LEU C 501 0.53 -0.44 -29.16
C LEU C 501 0.94 -0.21 -30.62
N GLY C 502 -0.01 0.23 -31.44
CA GLY C 502 0.31 0.99 -32.65
C GLY C 502 -0.26 0.43 -33.95
N PHE C 503 -0.93 -0.72 -33.93
CA PHE C 503 -1.22 -1.45 -35.14
C PHE C 503 -2.72 -1.50 -35.40
N GLY C 504 -3.27 -0.41 -35.94
CA GLY C 504 -4.69 -0.30 -36.19
C GLY C 504 -5.25 -1.37 -37.12
N TYR C 505 -4.41 -1.91 -38.02
CA TYR C 505 -4.92 -2.76 -39.08
C TYR C 505 -4.59 -4.23 -38.85
N ILE C 506 -4.29 -4.59 -37.60
CA ILE C 506 -4.17 -5.97 -37.19
C ILE C 506 -5.47 -6.67 -37.53
N HIS C 507 -5.37 -7.86 -38.15
CA HIS C 507 -6.52 -8.66 -38.51
C HIS C 507 -6.14 -10.13 -38.57
N SER C 508 -7.12 -11.00 -38.85
CA SER C 508 -6.86 -12.44 -38.95
C SER C 508 -7.16 -12.96 -40.33
N ASP C 509 -6.63 -14.16 -40.60
CA ASP C 509 -7.09 -14.97 -41.70
C ASP C 509 -8.53 -15.42 -41.43
N LEU C 510 -9.48 -14.74 -42.10
CA LEU C 510 -10.89 -14.95 -41.84
C LEU C 510 -11.30 -16.36 -42.26
N GLY C 511 -12.00 -17.04 -41.35
CA GLY C 511 -12.43 -18.42 -41.55
C GLY C 511 -11.41 -19.42 -40.99
N GLY C 512 -10.19 -18.94 -40.71
CA GLY C 512 -9.10 -19.81 -40.27
C GLY C 512 -8.28 -20.36 -41.42
N PHE C 513 -7.01 -20.67 -41.12
CA PHE C 513 -5.98 -20.97 -42.11
C PHE C 513 -5.50 -22.41 -42.08
N ALA C 514 -5.10 -22.90 -40.88
CA ALA C 514 -4.32 -24.14 -40.76
C ALA C 514 -5.19 -25.40 -40.62
N ASP C 515 -4.81 -26.41 -41.43
CA ASP C 515 -5.22 -27.80 -41.29
C ASP C 515 -6.72 -27.91 -41.52
N GLY C 516 -7.40 -28.74 -40.73
CA GLY C 516 -8.80 -29.08 -40.97
C GLY C 516 -8.86 -30.04 -42.14
N GLU C 517 -9.92 -30.85 -42.21
CA GLU C 517 -10.11 -31.69 -43.39
C GLU C 517 -11.42 -31.35 -44.11
N THR C 518 -12.37 -30.74 -43.40
CA THR C 518 -13.67 -30.39 -43.96
C THR C 518 -14.10 -29.09 -43.31
N LEU C 519 -14.78 -28.24 -44.08
CA LEU C 519 -15.18 -26.93 -43.60
C LEU C 519 -16.04 -27.06 -42.34
N ASP C 520 -15.74 -26.24 -41.34
CA ASP C 520 -16.63 -26.07 -40.21
C ASP C 520 -17.49 -24.85 -40.52
N LYS C 521 -18.66 -25.11 -41.11
CA LYS C 521 -19.48 -24.07 -41.72
C LYS C 521 -19.88 -23.00 -40.71
N GLU C 522 -20.39 -23.43 -39.55
CA GLU C 522 -20.84 -22.46 -38.56
C GLU C 522 -19.69 -21.58 -38.09
N MET C 523 -18.51 -22.18 -37.93
CA MET C 523 -17.38 -21.41 -37.45
C MET C 523 -16.96 -20.42 -38.54
N TYR C 524 -16.91 -20.88 -39.79
CA TYR C 524 -16.60 -20.02 -40.93
C TYR C 524 -17.51 -18.80 -40.96
N ILE C 525 -18.83 -19.02 -40.85
CA ILE C 525 -19.80 -17.94 -40.95
C ILE C 525 -19.55 -16.96 -39.82
N ARG C 526 -19.37 -17.50 -38.60
CA ARG C 526 -19.15 -16.63 -37.46
C ARG C 526 -17.89 -15.79 -37.69
N TRP C 527 -16.88 -16.37 -38.33
CA TRP C 527 -15.59 -15.72 -38.45
C TRP C 527 -15.69 -14.60 -39.49
N LEU C 528 -16.40 -14.87 -40.58
CA LEU C 528 -16.56 -13.87 -41.62
C LEU C 528 -17.57 -12.80 -41.23
N GLN C 529 -18.40 -13.03 -40.19
CA GLN C 529 -19.30 -12.00 -39.65
C GLN C 529 -18.49 -11.02 -38.79
N TYR C 530 -17.71 -11.58 -37.85
CA TYR C 530 -16.78 -10.77 -37.09
C TYR C 530 -15.89 -9.98 -38.07
N GLY C 531 -15.44 -10.61 -39.15
CA GLY C 531 -14.59 -9.96 -40.12
C GLY C 531 -15.04 -8.54 -40.49
N VAL C 532 -16.37 -8.38 -40.68
CA VAL C 532 -16.94 -7.12 -41.13
C VAL C 532 -16.56 -5.99 -40.18
N PHE C 533 -16.46 -6.32 -38.88
CA PHE C 533 -16.22 -5.37 -37.82
C PHE C 533 -14.80 -5.48 -37.26
N GLN C 534 -13.84 -5.85 -38.13
CA GLN C 534 -12.43 -5.78 -37.79
C GLN C 534 -11.65 -5.24 -39.00
N PRO C 535 -10.39 -4.79 -38.78
CA PRO C 535 -9.71 -3.91 -39.73
C PRO C 535 -9.59 -4.28 -41.20
N VAL C 536 -9.32 -5.54 -41.53
CA VAL C 536 -8.97 -5.89 -42.89
C VAL C 536 -9.78 -7.13 -43.24
N TYR C 537 -10.57 -7.06 -44.33
CA TYR C 537 -11.52 -8.12 -44.68
C TYR C 537 -10.86 -9.11 -45.62
N ARG C 538 -10.11 -10.09 -45.06
CA ARG C 538 -9.25 -10.95 -45.83
C ARG C 538 -9.36 -12.40 -45.39
N PRO C 539 -10.37 -13.13 -45.88
CA PRO C 539 -10.44 -14.58 -45.71
C PRO C 539 -9.28 -15.24 -46.43
N HIS C 540 -8.66 -16.23 -45.78
CA HIS C 540 -7.45 -16.86 -46.30
C HIS C 540 -7.23 -18.21 -45.61
N GLY C 541 -7.02 -19.28 -46.37
CA GLY C 541 -6.78 -20.57 -45.74
C GLY C 541 -6.09 -21.52 -46.70
N GLN C 542 -5.55 -22.60 -46.17
CA GLN C 542 -4.94 -23.60 -47.02
C GLN C 542 -6.03 -24.17 -47.93
N ASP C 543 -5.67 -24.40 -49.18
CA ASP C 543 -6.65 -24.45 -50.26
C ASP C 543 -7.31 -25.82 -50.39
N HIS C 544 -7.10 -26.76 -49.45
CA HIS C 544 -7.88 -27.99 -49.42
C HIS C 544 -9.31 -27.71 -48.94
N ILE C 545 -9.51 -26.60 -48.26
CA ILE C 545 -10.84 -26.09 -47.94
C ILE C 545 -10.91 -24.64 -48.43
N PRO C 546 -11.94 -24.24 -49.19
CA PRO C 546 -12.03 -22.87 -49.71
C PRO C 546 -12.14 -21.79 -48.63
N SER C 547 -11.29 -20.76 -48.72
CA SER C 547 -11.35 -19.60 -47.82
C SER C 547 -12.28 -18.50 -48.33
N GLU C 548 -12.44 -18.38 -49.66
CA GLU C 548 -13.20 -17.24 -50.20
C GLU C 548 -14.71 -17.48 -50.06
N PRO C 549 -15.50 -16.46 -49.64
CA PRO C 549 -16.95 -16.60 -49.42
C PRO C 549 -17.73 -17.03 -50.63
N VAL C 550 -17.19 -16.74 -51.82
CA VAL C 550 -17.86 -17.00 -53.09
C VAL C 550 -17.89 -18.48 -53.40
N PHE C 551 -17.05 -19.27 -52.70
CA PHE C 551 -16.99 -20.71 -52.95
C PHE C 551 -17.80 -21.52 -51.93
N GLN C 552 -18.72 -20.88 -51.19
CA GLN C 552 -19.42 -21.54 -50.09
C GLN C 552 -20.81 -21.98 -50.59
N ASP C 553 -21.55 -22.71 -49.76
CA ASP C 553 -22.87 -23.20 -50.18
C ASP C 553 -23.86 -22.02 -50.18
N GLU C 554 -25.07 -22.30 -50.69
CA GLU C 554 -26.07 -21.27 -50.90
C GLU C 554 -26.41 -20.59 -49.59
N GLU C 555 -26.59 -21.34 -48.52
CA GLU C 555 -26.99 -20.71 -47.27
C GLU C 555 -25.88 -19.79 -46.75
N THR C 556 -24.62 -20.24 -46.93
CA THR C 556 -23.49 -19.46 -46.44
C THR C 556 -23.41 -18.14 -47.19
N LYS C 557 -23.56 -18.21 -48.51
CA LYS C 557 -23.49 -17.00 -49.31
C LYS C 557 -24.67 -16.08 -49.03
N ALA C 558 -25.88 -16.63 -48.83
CA ALA C 558 -27.04 -15.79 -48.57
C ALA C 558 -26.87 -15.07 -47.24
N ILE C 559 -26.11 -15.67 -46.30
CA ILE C 559 -25.78 -14.98 -45.07
C ILE C 559 -24.69 -13.91 -45.26
N LEU C 560 -23.58 -14.26 -45.92
CA LEU C 560 -22.42 -13.37 -45.98
C LEU C 560 -22.53 -12.27 -47.05
N ARG C 561 -23.13 -12.55 -48.21
CA ARG C 561 -23.23 -11.55 -49.27
C ARG C 561 -23.72 -10.19 -48.74
N PRO C 562 -24.84 -10.08 -48.00
CA PRO C 562 -25.27 -8.78 -47.51
C PRO C 562 -24.35 -8.15 -46.47
N LEU C 563 -23.58 -8.98 -45.77
CA LEU C 563 -22.65 -8.45 -44.78
C LEU C 563 -21.39 -7.90 -45.46
N VAL C 564 -20.92 -8.58 -46.49
CA VAL C 564 -19.79 -8.07 -47.25
C VAL C 564 -20.22 -6.76 -47.95
N LYS C 565 -21.46 -6.72 -48.45
CA LYS C 565 -21.96 -5.46 -49.01
C LYS C 565 -22.03 -4.40 -47.93
N LEU C 566 -22.44 -4.80 -46.72
CA LEU C 566 -22.52 -3.87 -45.60
C LEU C 566 -21.16 -3.25 -45.28
N ARG C 567 -20.12 -4.07 -45.35
CA ARG C 567 -18.77 -3.58 -45.17
C ARG C 567 -18.51 -2.42 -46.14
N TYR C 568 -18.89 -2.58 -47.40
CA TYR C 568 -18.75 -1.51 -48.38
C TYR C 568 -19.67 -0.32 -48.09
N ARG C 569 -20.89 -0.58 -47.62
CA ARG C 569 -21.83 0.50 -47.38
C ARG C 569 -21.34 1.34 -46.21
N MET C 570 -20.58 0.67 -45.32
CA MET C 570 -20.04 1.30 -44.13
C MET C 570 -18.67 1.98 -44.37
N LEU C 571 -18.07 1.90 -45.57
CA LEU C 571 -16.80 2.56 -45.86
C LEU C 571 -16.73 3.98 -45.29
N PRO C 572 -17.76 4.85 -45.33
CA PRO C 572 -17.62 6.16 -44.67
C PRO C 572 -17.24 6.05 -43.21
N TYR C 573 -17.84 5.08 -42.49
CA TYR C 573 -17.60 4.93 -41.05
C TYR C 573 -16.18 4.42 -40.78
N ILE C 574 -15.77 3.42 -41.56
CA ILE C 574 -14.50 2.76 -41.34
C ILE C 574 -13.37 3.71 -41.73
N TYR C 575 -13.47 4.29 -42.94
CA TYR C 575 -12.46 5.18 -43.47
C TYR C 575 -12.28 6.40 -42.58
N THR C 576 -13.35 6.87 -41.91
CA THR C 576 -13.20 7.98 -40.98
C THR C 576 -12.43 7.54 -39.69
N ALA C 577 -12.69 6.32 -39.22
CA ALA C 577 -11.92 5.74 -38.11
C ALA C 577 -10.45 5.61 -38.52
N ALA C 578 -10.19 5.18 -39.77
CA ALA C 578 -8.85 5.15 -40.32
C ALA C 578 -8.18 6.51 -40.26
N TYR C 579 -8.88 7.54 -40.74
CA TYR C 579 -8.41 8.90 -40.66
C TYR C 579 -8.01 9.26 -39.22
N GLN C 580 -8.86 8.94 -38.22
CA GLN C 580 -8.54 9.33 -36.86
C GLN C 580 -7.31 8.56 -36.35
N ASN C 581 -7.10 7.34 -36.85
CA ASN C 581 -5.94 6.52 -36.50
C ASN C 581 -4.67 7.17 -37.06
N THR C 582 -4.72 7.60 -38.33
CA THR C 582 -3.62 8.36 -38.92
C THR C 582 -3.38 9.63 -38.09
N LEU C 583 -4.44 10.30 -37.63
CA LEU C 583 -4.29 11.55 -36.91
C LEU C 583 -3.70 11.35 -35.51
N THR C 584 -4.18 10.35 -34.75
CA THR C 584 -4.00 10.32 -33.30
C THR C 584 -3.55 8.95 -32.78
N GLY C 585 -3.44 7.95 -33.66
CA GLY C 585 -3.19 6.58 -33.24
C GLY C 585 -4.45 5.85 -32.74
N MET C 586 -5.57 6.55 -32.56
CA MET C 586 -6.77 5.89 -32.06
C MET C 586 -7.01 4.61 -32.86
N PRO C 587 -7.01 3.43 -32.22
CA PRO C 587 -7.22 2.19 -32.98
C PRO C 587 -8.66 2.11 -33.49
N LEU C 588 -8.87 1.28 -34.51
CA LEU C 588 -10.21 1.08 -35.06
C LEU C 588 -11.02 0.23 -34.08
N MET C 589 -10.42 -0.90 -33.63
CA MET C 589 -10.96 -1.68 -32.53
C MET C 589 -10.45 -1.05 -31.24
N ARG C 590 -11.36 -0.77 -30.32
CA ARG C 590 -11.00 -0.26 -29.00
C ARG C 590 -11.55 -1.24 -27.94
N PRO C 591 -10.81 -1.42 -26.83
CA PRO C 591 -11.28 -2.33 -25.77
C PRO C 591 -12.43 -1.76 -24.96
N LEU C 592 -13.26 -2.66 -24.39
CA LEU C 592 -14.32 -2.30 -23.47
C LEU C 592 -13.83 -1.29 -22.44
N PHE C 593 -12.59 -1.46 -21.96
CA PHE C 593 -12.15 -0.71 -20.81
C PHE C 593 -11.97 0.78 -21.12
N PHE C 594 -11.98 1.17 -22.39
CA PHE C 594 -12.00 2.59 -22.74
C PHE C 594 -13.25 3.27 -22.20
N SER C 595 -14.34 2.50 -22.07
CA SER C 595 -15.66 3.00 -21.67
C SER C 595 -15.68 3.51 -20.23
N ASP C 596 -14.69 3.13 -19.43
CA ASP C 596 -14.64 3.56 -18.04
C ASP C 596 -13.23 3.33 -17.52
N GLU C 597 -12.47 4.42 -17.38
CA GLU C 597 -11.05 4.35 -17.09
C GLU C 597 -10.81 4.12 -15.60
N LYS C 598 -11.85 4.28 -14.78
CA LYS C 598 -11.71 4.14 -13.35
C LYS C 598 -12.18 2.76 -12.87
N ASN C 599 -12.56 1.89 -13.81
CA ASN C 599 -12.96 0.51 -13.52
C ASN C 599 -11.91 -0.42 -14.15
N PRO C 600 -10.83 -0.73 -13.41
CA PRO C 600 -9.70 -1.47 -13.98
C PRO C 600 -10.11 -2.90 -14.32
N ALA C 601 -11.10 -3.43 -13.63
CA ALA C 601 -11.57 -4.77 -13.93
C ALA C 601 -12.07 -4.92 -15.37
N LEU C 602 -12.50 -3.84 -16.04
CA LEU C 602 -12.91 -3.96 -17.43
C LEU C 602 -11.75 -4.37 -18.32
N ILE C 603 -10.50 -4.15 -17.89
CA ILE C 603 -9.33 -4.50 -18.71
C ILE C 603 -9.32 -5.98 -19.11
N ASP C 604 -9.92 -6.87 -18.30
CA ASP C 604 -9.88 -8.31 -18.55
C ASP C 604 -10.75 -8.72 -19.73
N ASN C 605 -11.74 -7.90 -20.11
CA ASN C 605 -12.66 -8.24 -21.17
C ASN C 605 -11.97 -8.37 -22.53
N LYS C 606 -12.18 -9.52 -23.19
CA LYS C 606 -11.68 -9.77 -24.53
C LYS C 606 -12.76 -10.43 -25.40
N THR C 607 -14.05 -10.20 -25.08
CA THR C 607 -15.16 -10.84 -25.79
C THR C 607 -16.08 -9.80 -26.46
N SER C 608 -16.09 -8.55 -25.96
CA SER C 608 -16.81 -7.42 -26.52
C SER C 608 -15.82 -6.27 -26.76
N TYR C 609 -15.94 -5.56 -27.88
CA TYR C 609 -15.07 -4.43 -28.17
C TYR C 609 -15.82 -3.39 -29.02
N PHE C 610 -15.25 -2.20 -29.08
CA PHE C 610 -15.75 -1.09 -29.90
C PHE C 610 -15.11 -1.09 -31.28
N TRP C 611 -15.97 -1.07 -32.30
CA TRP C 611 -15.59 -0.84 -33.68
C TRP C 611 -15.98 0.60 -33.99
N GLY C 612 -14.95 1.44 -34.09
CA GLY C 612 -15.11 2.88 -34.05
C GLY C 612 -15.70 3.33 -32.73
N ASP C 613 -16.25 4.56 -32.70
CA ASP C 613 -16.80 5.11 -31.47
C ASP C 613 -18.14 4.48 -31.07
N SER C 614 -18.91 3.90 -32.00
CA SER C 614 -20.36 3.83 -31.83
C SER C 614 -20.93 2.40 -31.72
N LEU C 615 -20.17 1.38 -32.14
CA LEU C 615 -20.64 0.00 -32.20
C LEU C 615 -19.89 -0.87 -31.18
N LEU C 616 -20.66 -1.48 -30.27
CA LEU C 616 -20.17 -2.49 -29.35
C LEU C 616 -20.51 -3.87 -29.93
N VAL C 617 -19.47 -4.61 -30.33
CA VAL C 617 -19.61 -5.86 -31.02
C VAL C 617 -19.23 -6.99 -30.07
N THR C 618 -20.03 -8.07 -30.06
CA THR C 618 -19.73 -9.28 -29.29
C THR C 618 -19.68 -10.48 -30.22
N PRO C 619 -18.51 -10.85 -30.77
CA PRO C 619 -18.44 -12.01 -31.62
C PRO C 619 -18.91 -13.28 -30.91
N ILE C 620 -19.52 -14.17 -31.69
CA ILE C 620 -19.90 -15.47 -31.20
C ILE C 620 -18.72 -16.38 -31.53
N THR C 621 -18.16 -17.02 -30.49
CA THR C 621 -16.91 -17.76 -30.65
C THR C 621 -17.06 -19.19 -30.16
N GLN C 622 -18.30 -19.68 -30.08
CA GLN C 622 -18.57 -21.08 -29.79
C GLN C 622 -19.78 -21.51 -30.61
N ALA C 623 -19.86 -22.78 -30.92
CA ALA C 623 -20.97 -23.31 -31.70
C ALA C 623 -22.28 -23.30 -30.88
N GLY C 624 -23.39 -23.03 -31.58
CA GLY C 624 -24.75 -23.21 -31.06
C GLY C 624 -25.11 -22.28 -29.90
N VAL C 625 -24.32 -21.23 -29.66
CA VAL C 625 -24.67 -20.26 -28.62
C VAL C 625 -26.04 -19.66 -28.98
N GLU C 626 -26.97 -19.67 -28.02
CA GLU C 626 -28.36 -19.32 -28.24
C GLU C 626 -28.66 -17.91 -27.76
N SER C 627 -27.81 -17.37 -26.89
CA SER C 627 -27.92 -16.00 -26.41
C SER C 627 -26.57 -15.57 -25.83
N VAL C 628 -26.42 -14.26 -25.60
CA VAL C 628 -25.18 -13.70 -25.07
C VAL C 628 -25.54 -12.66 -24.01
N SER C 629 -24.68 -12.55 -23.01
CA SER C 629 -24.77 -11.49 -22.04
C SER C 629 -23.75 -10.44 -22.43
N ILE C 630 -24.19 -9.19 -22.66
CA ILE C 630 -23.35 -8.13 -23.18
C ILE C 630 -23.14 -7.09 -22.09
N PRO C 631 -21.89 -6.92 -21.63
CA PRO C 631 -21.57 -5.96 -20.58
C PRO C 631 -21.50 -4.51 -21.02
N ALA C 632 -22.63 -4.00 -21.48
CA ALA C 632 -22.72 -2.68 -22.09
C ALA C 632 -22.43 -1.60 -21.06
N PRO C 633 -21.59 -0.59 -21.35
CA PRO C 633 -21.48 0.56 -20.46
C PRO C 633 -22.87 1.13 -20.16
N LYS C 634 -23.02 1.72 -18.96
CA LYS C 634 -24.21 2.45 -18.57
C LYS C 634 -24.60 3.41 -19.69
N GLY C 635 -25.89 3.47 -20.01
CA GLY C 635 -26.39 4.40 -21.01
C GLY C 635 -27.46 3.73 -21.84
N VAL C 636 -27.74 4.31 -23.02
CA VAL C 636 -28.74 3.76 -23.92
C VAL C 636 -28.04 3.21 -25.15
N TRP C 637 -28.57 2.08 -25.62
CA TRP C 637 -27.96 1.26 -26.65
C TRP C 637 -29.10 0.74 -27.51
N PHE C 638 -28.83 0.52 -28.81
CA PHE C 638 -29.82 -0.06 -29.69
C PHE C 638 -29.26 -1.30 -30.36
N ASP C 639 -30.13 -2.27 -30.65
CA ASP C 639 -29.76 -3.42 -31.46
C ASP C 639 -29.57 -2.95 -32.90
N PHE C 640 -28.35 -3.14 -33.40
CA PHE C 640 -28.01 -2.64 -34.71
C PHE C 640 -28.95 -3.19 -35.77
N TRP C 641 -29.39 -4.44 -35.56
CA TRP C 641 -30.06 -5.21 -36.61
C TRP C 641 -31.57 -5.05 -36.52
N LYS C 642 -32.09 -4.79 -35.33
CA LYS C 642 -33.53 -4.88 -35.05
C LYS C 642 -34.05 -3.55 -34.50
N ASP C 643 -33.16 -2.65 -34.09
CA ASP C 643 -33.53 -1.29 -33.73
C ASP C 643 -34.16 -1.25 -32.34
N THR C 644 -34.16 -2.36 -31.59
CA THR C 644 -34.65 -2.42 -30.22
C THR C 644 -33.82 -1.49 -29.34
N ARG C 645 -34.48 -0.79 -28.43
CA ARG C 645 -33.84 0.18 -27.56
C ARG C 645 -33.67 -0.44 -26.18
N TYR C 646 -32.49 -0.21 -25.58
CA TYR C 646 -32.11 -0.79 -24.30
C TYR C 646 -31.51 0.36 -23.51
N GLN C 647 -31.94 0.51 -22.26
CA GLN C 647 -31.32 1.40 -21.30
C GLN C 647 -30.71 0.49 -20.22
N THR C 648 -29.57 0.88 -19.63
CA THR C 648 -28.99 0.10 -18.55
C THR C 648 -28.21 1.03 -17.65
N ASP C 649 -28.29 0.75 -16.35
CA ASP C 649 -27.52 1.48 -15.35
C ASP C 649 -26.30 0.69 -14.90
N GLY C 650 -25.99 -0.43 -15.58
CA GLY C 650 -24.77 -1.19 -15.33
C GLY C 650 -24.94 -2.67 -15.65
N ALA C 651 -26.12 -3.21 -15.32
CA ALA C 651 -26.37 -4.62 -15.55
C ALA C 651 -26.14 -4.96 -17.02
N PRO C 652 -25.59 -6.15 -17.33
CA PRO C 652 -25.46 -6.55 -18.73
C PRO C 652 -26.82 -6.74 -19.41
N LEU C 653 -26.80 -6.84 -20.74
CA LEU C 653 -27.99 -7.03 -21.55
C LEU C 653 -27.89 -8.43 -22.12
N THR C 654 -29.00 -9.16 -22.14
CA THR C 654 -29.05 -10.45 -22.78
C THR C 654 -29.66 -10.24 -24.16
N LEU C 655 -28.91 -10.54 -25.22
CA LEU C 655 -29.54 -10.59 -26.52
C LEU C 655 -29.54 -12.02 -26.99
N PRO C 656 -30.58 -12.44 -27.72
CA PRO C 656 -30.59 -13.72 -28.43
C PRO C 656 -29.67 -13.67 -29.64
N THR C 657 -29.31 -14.83 -30.20
CA THR C 657 -28.39 -14.91 -31.32
C THR C 657 -29.14 -15.52 -32.48
N ASP C 658 -28.64 -15.32 -33.70
CA ASP C 658 -29.20 -15.98 -34.88
C ASP C 658 -28.03 -16.34 -35.79
N LEU C 659 -28.23 -17.15 -36.81
CA LEU C 659 -27.11 -17.52 -37.66
C LEU C 659 -26.77 -16.39 -38.64
N HIS C 660 -27.68 -15.39 -38.76
CA HIS C 660 -27.64 -14.36 -39.80
C HIS C 660 -26.68 -13.25 -39.43
N THR C 661 -26.54 -13.00 -38.13
CA THR C 661 -25.79 -11.87 -37.62
C THR C 661 -25.00 -12.28 -36.38
N ILE C 662 -24.23 -11.31 -35.85
CA ILE C 662 -23.64 -11.42 -34.53
C ILE C 662 -24.07 -10.18 -33.77
N PRO C 663 -24.15 -10.24 -32.42
CA PRO C 663 -24.64 -9.10 -31.65
C PRO C 663 -23.81 -7.82 -31.70
N VAL C 664 -24.48 -6.75 -32.13
CA VAL C 664 -23.90 -5.43 -32.30
C VAL C 664 -24.91 -4.43 -31.75
N LEU C 665 -24.49 -3.62 -30.77
CA LEU C 665 -25.28 -2.54 -30.22
C LEU C 665 -24.72 -1.20 -30.70
N VAL C 666 -25.61 -0.25 -30.96
CA VAL C 666 -25.23 1.11 -31.31
C VAL C 666 -25.42 2.01 -30.11
N LYS C 667 -24.45 2.87 -29.84
CA LYS C 667 -24.54 3.81 -28.76
C LYS C 667 -25.51 4.94 -29.15
N ALA C 668 -26.38 5.31 -28.22
CA ALA C 668 -27.19 6.48 -28.40
C ALA C 668 -26.30 7.67 -28.72
N GLY C 669 -26.73 8.43 -29.72
CA GLY C 669 -26.05 9.65 -30.13
C GLY C 669 -25.12 9.40 -31.30
N ALA C 670 -25.04 8.15 -31.78
CA ALA C 670 -24.24 7.80 -32.93
C ALA C 670 -24.82 8.42 -34.20
N PHE C 671 -23.92 8.82 -35.11
CA PHE C 671 -24.25 9.05 -36.51
C PHE C 671 -23.60 7.96 -37.35
N MET C 672 -24.40 7.06 -37.92
CA MET C 672 -23.87 5.96 -38.72
C MET C 672 -24.02 6.31 -40.20
N PRO C 673 -22.91 6.60 -40.91
CA PRO C 673 -22.97 7.00 -42.31
C PRO C 673 -22.83 5.85 -43.28
N TYR C 674 -23.60 5.88 -44.37
CA TYR C 674 -23.53 4.85 -45.36
C TYR C 674 -23.51 5.47 -46.75
N VAL C 675 -22.98 4.69 -47.70
CA VAL C 675 -23.10 4.98 -49.11
C VAL C 675 -23.63 3.72 -49.75
N PRO C 676 -24.14 3.81 -50.99
CA PRO C 676 -24.50 2.61 -51.73
C PRO C 676 -23.32 1.64 -51.91
N ALA C 677 -23.65 0.33 -51.82
CA ALA C 677 -22.67 -0.72 -52.01
C ALA C 677 -22.16 -0.64 -53.44
N VAL C 678 -20.84 -0.73 -53.60
CA VAL C 678 -20.21 -0.89 -54.91
C VAL C 678 -19.48 -2.22 -54.95
N SER C 679 -19.10 -2.67 -56.15
CA SER C 679 -18.34 -3.90 -56.30
C SER C 679 -16.86 -3.73 -55.95
N THR C 680 -16.35 -2.48 -55.96
CA THR C 680 -14.93 -2.17 -55.79
C THR C 680 -14.83 -0.70 -55.36
N THR C 681 -13.85 -0.38 -54.52
CA THR C 681 -13.71 0.98 -54.04
C THR C 681 -13.29 1.89 -55.20
N GLU C 682 -12.87 1.30 -56.33
CA GLU C 682 -12.53 2.11 -57.49
C GLU C 682 -13.76 2.88 -58.00
N ASP C 683 -14.97 2.39 -57.67
CA ASP C 683 -16.24 2.92 -58.12
C ASP C 683 -16.88 3.70 -56.99
N TYR C 684 -16.16 3.87 -55.89
CA TYR C 684 -16.73 4.52 -54.74
C TYR C 684 -17.29 5.89 -55.17
N ARG C 685 -18.47 6.24 -54.64
CA ARG C 685 -19.00 7.60 -54.75
C ARG C 685 -19.79 7.87 -53.48
N SER C 686 -19.73 9.12 -53.03
CA SER C 686 -20.54 9.63 -51.94
C SER C 686 -21.56 10.65 -52.45
N ASP C 687 -21.92 10.64 -53.73
CA ASP C 687 -22.99 11.53 -54.20
C ASP C 687 -24.28 11.35 -53.40
N SER C 688 -24.50 10.10 -52.99
CA SER C 688 -25.62 9.69 -52.17
C SER C 688 -25.14 9.24 -50.79
N LEU C 689 -25.63 9.94 -49.77
CA LEU C 689 -25.32 9.66 -48.38
C LEU C 689 -26.60 9.21 -47.69
N GLU C 690 -26.46 8.24 -46.78
CA GLU C 690 -27.54 7.87 -45.88
C GLU C 690 -26.96 7.81 -44.48
N ILE C 691 -27.55 8.60 -43.58
CA ILE C 691 -27.04 8.75 -42.25
C ILE C 691 -28.12 8.44 -41.23
N HIS C 692 -27.79 7.57 -40.27
CA HIS C 692 -28.73 7.16 -39.25
C HIS C 692 -28.23 7.65 -37.92
N TYR C 693 -29.07 8.43 -37.26
CA TYR C 693 -28.77 9.06 -35.99
C TYR C 693 -29.65 8.41 -34.95
N TYR C 694 -29.01 7.93 -33.86
CA TYR C 694 -29.74 7.24 -32.81
C TYR C 694 -30.06 8.21 -31.70
N ALA C 695 -31.27 8.82 -31.71
CA ALA C 695 -31.59 9.86 -30.76
C ALA C 695 -32.01 9.29 -29.41
N ASP C 696 -31.58 9.98 -28.36
CA ASP C 696 -32.11 9.74 -27.04
C ASP C 696 -31.89 10.99 -26.21
N ALA C 697 -32.90 11.36 -25.42
CA ALA C 697 -32.79 12.51 -24.54
C ALA C 697 -31.62 12.36 -23.57
N SER C 698 -31.16 11.14 -23.33
CA SER C 698 -30.04 10.95 -22.44
C SER C 698 -28.75 11.51 -23.05
N VAL C 699 -28.77 11.78 -24.38
CA VAL C 699 -27.61 12.36 -25.05
C VAL C 699 -28.00 13.73 -25.60
N PRO C 700 -27.79 14.80 -24.82
CA PRO C 700 -28.20 16.15 -25.23
C PRO C 700 -27.29 16.83 -26.25
N LEU C 701 -26.14 16.21 -26.53
CA LEU C 701 -25.15 16.79 -27.44
C LEU C 701 -24.38 15.63 -28.04
N ALA C 702 -24.32 15.55 -29.38
CA ALA C 702 -23.61 14.49 -30.07
C ALA C 702 -22.96 15.01 -31.34
N GLN C 703 -21.90 14.33 -31.77
CA GLN C 703 -21.15 14.74 -32.94
C GLN C 703 -20.74 13.51 -33.72
N GLY C 704 -20.64 13.71 -35.03
CA GLY C 704 -20.11 12.71 -35.91
C GLY C 704 -19.26 13.41 -36.96
N GLU C 705 -18.53 12.61 -37.72
CA GLU C 705 -17.72 13.17 -38.77
C GLU C 705 -17.62 12.10 -39.84
N ILE C 706 -17.56 12.59 -41.09
CA ILE C 706 -17.23 11.78 -42.24
C ILE C 706 -16.06 12.42 -43.00
N PHE C 707 -15.04 11.58 -43.25
CA PHE C 707 -13.80 12.01 -43.90
C PHE C 707 -13.81 11.51 -45.34
N GLU C 708 -13.85 12.44 -46.30
CA GLU C 708 -13.83 12.06 -47.71
C GLU C 708 -12.57 12.61 -48.35
N ASP C 709 -11.92 11.80 -49.21
CA ASP C 709 -10.85 12.32 -50.05
C ASP C 709 -10.85 11.47 -51.30
N ASP C 710 -9.78 11.52 -52.09
CA ASP C 710 -9.76 10.73 -53.29
C ASP C 710 -9.50 9.24 -52.99
N GLY C 711 -9.25 8.88 -51.73
CA GLY C 711 -8.98 7.50 -51.36
C GLY C 711 -7.63 6.94 -51.84
N LYS C 712 -6.72 7.79 -52.37
CA LYS C 712 -5.48 7.28 -52.94
C LYS C 712 -4.26 8.17 -52.66
N ASP C 713 -4.43 9.43 -52.29
CA ASP C 713 -3.35 10.40 -52.24
C ASP C 713 -2.66 10.39 -50.87
N PRO C 714 -1.35 10.06 -50.80
CA PRO C 714 -0.67 9.97 -49.49
C PRO C 714 -0.57 11.34 -48.82
N ASN C 715 -0.73 12.43 -49.59
CA ASN C 715 -0.58 13.77 -49.06
C ASN C 715 -1.93 14.45 -48.79
N SER C 716 -3.08 13.76 -48.94
CA SER C 716 -4.36 14.42 -48.79
C SER C 716 -4.48 15.10 -47.44
N ILE C 717 -4.11 14.43 -46.33
CA ILE C 717 -4.29 15.04 -45.02
C ILE C 717 -3.33 16.23 -44.84
N LYS C 718 -2.04 16.02 -45.13
CA LYS C 718 -1.02 17.03 -44.96
C LYS C 718 -1.42 18.29 -45.72
N ARG C 719 -1.86 18.13 -46.99
CA ARG C 719 -2.20 19.25 -47.87
C ARG C 719 -3.67 19.68 -47.82
N ASN C 720 -4.50 19.09 -46.94
CA ASN C 720 -5.91 19.43 -46.78
C ASN C 720 -6.72 19.23 -48.06
N GLN C 721 -6.32 18.27 -48.89
CA GLN C 721 -7.06 17.88 -50.07
C GLN C 721 -8.15 16.88 -49.66
N PHE C 722 -9.08 17.36 -48.82
CA PHE C 722 -10.16 16.51 -48.35
C PHE C 722 -11.41 17.34 -48.04
N ASP C 723 -12.50 16.58 -47.84
CA ASP C 723 -13.82 17.09 -47.52
C ASP C 723 -14.20 16.45 -46.19
N LEU C 724 -14.17 17.23 -45.13
CA LEU C 724 -14.50 16.73 -43.80
C LEU C 724 -15.90 17.20 -43.43
N LEU C 725 -16.87 16.27 -43.46
CA LEU C 725 -18.24 16.57 -43.12
C LEU C 725 -18.39 16.40 -41.63
N THR C 726 -18.96 17.39 -40.95
CA THR C 726 -19.30 17.29 -39.53
C THR C 726 -20.81 17.40 -39.32
N LEU C 727 -21.30 16.75 -38.23
CA LEU C 727 -22.70 16.74 -37.86
C LEU C 727 -22.79 16.89 -36.35
N GLN C 728 -23.55 17.88 -35.90
CA GLN C 728 -23.80 18.09 -34.49
C GLN C 728 -25.29 18.05 -34.16
N ALA C 729 -25.68 17.15 -33.25
CA ALA C 729 -27.05 17.07 -32.78
C ALA C 729 -27.18 17.74 -31.42
N THR C 730 -28.20 18.58 -31.26
CA THR C 730 -28.58 19.14 -29.98
C THR C 730 -30.00 18.68 -29.67
N HIS C 731 -30.16 18.00 -28.52
CA HIS C 731 -31.39 17.29 -28.21
C HIS C 731 -31.89 17.77 -26.86
N THR C 732 -32.95 18.59 -26.87
CA THR C 732 -33.56 19.10 -25.65
C THR C 732 -34.96 18.51 -25.52
N ASP C 733 -35.74 18.99 -24.56
CA ASP C 733 -37.05 18.42 -24.27
C ASP C 733 -37.98 18.68 -25.44
N ASN C 734 -37.89 19.85 -26.07
CA ASN C 734 -38.85 20.22 -27.09
C ASN C 734 -38.25 20.36 -28.49
N GLN C 735 -36.93 20.17 -28.64
CA GLN C 735 -36.33 20.41 -29.93
C GLN C 735 -35.22 19.40 -30.20
N LEU C 736 -34.99 19.12 -31.49
CA LEU C 736 -33.84 18.34 -31.93
C LEU C 736 -33.28 19.04 -33.16
N HIS C 737 -32.01 19.46 -33.05
CA HIS C 737 -31.38 20.44 -33.91
C HIS C 737 -30.09 19.82 -34.45
N PHE C 738 -29.94 19.75 -35.77
CA PHE C 738 -28.72 19.28 -36.40
C PHE C 738 -28.04 20.43 -37.12
N GLN C 739 -26.73 20.57 -36.91
CA GLN C 739 -25.88 21.51 -37.61
C GLN C 739 -24.90 20.70 -38.44
N LEU C 740 -24.95 20.90 -39.76
CA LEU C 740 -24.07 20.24 -40.71
C LEU C 740 -23.12 21.27 -41.37
N ALA C 741 -21.88 20.83 -41.59
CA ALA C 741 -20.83 21.68 -42.14
C ALA C 741 -19.78 20.84 -42.87
N ARG C 742 -18.99 21.49 -43.74
CA ARG C 742 -17.87 20.88 -44.43
C ARG C 742 -16.63 21.77 -44.30
N THR C 743 -15.46 21.15 -44.07
CA THR C 743 -14.20 21.88 -44.09
C THR C 743 -13.23 21.18 -45.04
N GLY C 744 -12.09 21.86 -45.26
CA GLY C 744 -11.04 21.36 -46.12
C GLY C 744 -11.19 21.89 -47.54
N LYS C 745 -10.14 21.68 -48.36
CA LYS C 745 -10.07 22.33 -49.65
C LYS C 745 -10.71 21.44 -50.71
N GLY C 746 -11.22 20.28 -50.30
CA GLY C 746 -11.79 19.36 -51.25
C GLY C 746 -10.70 18.72 -52.09
N TYR C 747 -11.11 18.12 -53.22
CA TYR C 747 -10.30 17.18 -53.96
C TYR C 747 -10.99 17.00 -55.29
N ARG C 748 -10.25 16.50 -56.28
CA ARG C 748 -10.77 16.28 -57.61
C ARG C 748 -11.88 15.21 -57.56
N GLY C 749 -13.04 15.51 -58.18
CA GLY C 749 -14.13 14.56 -58.21
C GLY C 749 -15.05 14.64 -56.99
N MET C 750 -14.73 15.50 -56.02
CA MET C 750 -15.57 15.73 -54.85
C MET C 750 -16.95 16.27 -55.28
N PRO C 751 -18.09 15.65 -54.88
CA PRO C 751 -19.40 16.22 -55.22
C PRO C 751 -19.63 17.54 -54.50
N GLU C 752 -20.03 18.58 -55.28
CA GLU C 752 -20.47 19.84 -54.71
C GLU C 752 -21.68 19.58 -53.82
N ARG C 753 -22.62 18.73 -54.28
CA ARG C 753 -23.90 18.55 -53.59
C ARG C 753 -24.18 17.05 -53.40
N ARG C 754 -24.41 16.66 -52.16
CA ARG C 754 -24.74 15.28 -51.80
C ARG C 754 -26.22 15.18 -51.43
N ALA C 755 -26.94 14.33 -52.17
CA ALA C 755 -28.25 13.86 -51.75
C ALA C 755 -28.12 13.05 -50.46
N THR C 756 -28.80 13.52 -49.42
CA THR C 756 -28.63 13.06 -48.06
C THR C 756 -29.99 12.63 -47.49
N THR C 757 -30.04 11.39 -47.00
CA THR C 757 -31.18 10.90 -46.25
C THR C 757 -30.73 10.75 -44.80
N LEU C 758 -31.36 11.50 -43.90
CA LEU C 758 -31.06 11.41 -42.48
C LEU C 758 -32.22 10.67 -41.81
N VAL C 759 -31.92 9.50 -41.22
CA VAL C 759 -32.94 8.69 -40.57
C VAL C 759 -32.73 8.77 -39.09
N ILE C 760 -33.69 9.35 -38.37
CA ILE C 760 -33.60 9.51 -36.93
C ILE C 760 -34.34 8.38 -36.25
N HIS C 761 -33.55 7.53 -35.54
CA HIS C 761 -34.10 6.40 -34.80
C HIS C 761 -34.49 6.93 -33.43
N ASN C 762 -35.53 6.28 -32.87
CA ASN C 762 -36.13 6.62 -31.60
C ASN C 762 -36.58 8.08 -31.55
N ALA C 763 -37.02 8.59 -32.72
CA ALA C 763 -37.59 9.91 -32.86
C ALA C 763 -38.92 10.05 -32.12
N SER C 764 -39.05 11.15 -31.39
CA SER C 764 -40.32 11.52 -30.77
C SER C 764 -41.43 11.52 -31.79
N ASP C 765 -42.65 11.20 -31.33
CA ASP C 765 -43.84 11.31 -32.15
C ASP C 765 -44.48 12.69 -31.96
N GLN C 766 -43.81 13.60 -31.25
CA GLN C 766 -44.39 14.89 -30.91
C GLN C 766 -43.87 16.03 -31.79
N TYR C 767 -43.03 15.79 -32.81
CA TYR C 767 -42.46 16.91 -33.55
C TYR C 767 -43.52 17.44 -34.52
N GLN C 768 -43.87 18.73 -34.42
CA GLN C 768 -44.85 19.33 -35.31
C GLN C 768 -44.18 20.04 -36.51
N HIS C 769 -42.97 20.56 -36.30
CA HIS C 769 -42.36 21.54 -37.19
C HIS C 769 -40.97 21.02 -37.57
N LEU C 770 -40.64 21.06 -38.87
CA LEU C 770 -39.27 21.05 -39.35
C LEU C 770 -38.96 22.39 -40.02
N ASP C 771 -37.80 22.99 -39.71
CA ASP C 771 -37.25 23.94 -40.65
C ASP C 771 -35.80 23.59 -41.03
N ILE C 772 -35.51 23.84 -42.30
CA ILE C 772 -34.18 23.71 -42.88
C ILE C 772 -33.72 25.12 -43.23
N ASN C 773 -32.69 25.60 -42.53
CA ASN C 773 -32.20 26.96 -42.72
C ASN C 773 -33.32 28.01 -42.65
N GLY C 774 -34.28 27.81 -41.73
CA GLY C 774 -35.30 28.79 -41.42
C GLY C 774 -36.59 28.65 -42.23
N LYS C 775 -36.57 27.79 -43.28
CA LYS C 775 -37.72 27.48 -44.11
C LYS C 775 -38.51 26.27 -43.60
N THR C 776 -39.77 26.52 -43.23
CA THR C 776 -40.63 25.55 -42.58
C THR C 776 -41.07 24.48 -43.57
N ILE C 777 -41.10 23.23 -43.12
CA ILE C 777 -41.47 22.10 -43.96
C ILE C 777 -42.38 21.17 -43.13
N ALA C 778 -43.48 20.74 -43.73
CA ALA C 778 -44.44 19.89 -43.04
C ALA C 778 -43.83 18.51 -42.85
N ILE C 779 -44.08 17.90 -41.69
CA ILE C 779 -43.68 16.52 -41.46
C ILE C 779 -44.87 15.61 -41.77
N ALA C 780 -44.76 14.78 -42.82
CA ALA C 780 -45.80 13.79 -43.14
C ALA C 780 -45.78 12.69 -42.09
N GLN C 781 -46.95 12.08 -41.82
CA GLN C 781 -47.11 11.13 -40.71
C GLN C 781 -47.63 9.80 -41.24
N ALA C 782 -47.46 9.58 -42.55
CA ALA C 782 -47.95 8.36 -43.19
C ALA C 782 -47.11 8.13 -44.42
N ASP C 783 -47.02 6.87 -44.88
CA ASP C 783 -46.58 6.58 -46.23
C ASP C 783 -45.16 7.08 -46.48
N CYS C 784 -44.28 6.98 -45.46
CA CYS C 784 -42.95 7.56 -45.53
C CYS C 784 -42.11 6.82 -46.57
N ALA C 785 -42.22 5.49 -46.54
CA ALA C 785 -41.51 4.65 -47.47
C ALA C 785 -42.12 4.73 -48.88
N SER C 786 -43.29 5.39 -49.06
CA SER C 786 -44.00 5.30 -50.33
C SER C 786 -44.34 6.66 -50.99
N THR C 787 -43.80 7.79 -50.48
CA THR C 787 -43.85 9.06 -51.19
C THR C 787 -42.44 9.66 -51.23
N PRO C 788 -42.13 10.56 -52.22
CA PRO C 788 -40.87 11.32 -52.25
C PRO C 788 -40.86 12.47 -51.23
N ALA C 789 -41.35 12.15 -50.03
CA ALA C 789 -41.53 13.06 -48.91
C ALA C 789 -40.17 13.65 -48.47
N LEU C 790 -40.17 14.94 -48.15
CA LEU C 790 -38.94 15.54 -47.68
C LEU C 790 -38.77 15.25 -46.19
N ALA C 791 -39.87 15.22 -45.43
CA ALA C 791 -39.85 14.81 -44.04
C ALA C 791 -41.03 13.89 -43.74
N CYS C 792 -40.77 12.71 -43.15
CA CYS C 792 -41.84 11.77 -42.87
C CYS C 792 -41.50 10.96 -41.61
N TYR C 793 -42.50 10.88 -40.72
CA TYR C 793 -42.40 10.13 -39.48
C TYR C 793 -43.10 8.79 -39.63
N ASP C 794 -42.35 7.72 -39.39
CA ASP C 794 -42.87 6.36 -39.41
C ASP C 794 -43.22 5.97 -37.99
N GLN C 795 -44.52 5.96 -37.65
CA GLN C 795 -45.00 5.81 -36.28
C GLN C 795 -44.75 4.39 -35.75
N GLU C 796 -44.84 3.39 -36.61
CA GLU C 796 -44.58 2.00 -36.25
C GLU C 796 -43.11 1.83 -35.88
N ARG C 797 -42.18 2.46 -36.59
CA ARG C 797 -40.75 2.23 -36.37
C ARG C 797 -40.11 3.30 -35.49
N ARG C 798 -40.83 4.37 -35.17
CA ARG C 798 -40.28 5.49 -34.43
C ARG C 798 -39.05 6.08 -35.13
N GLN C 799 -39.11 6.15 -36.46
CA GLN C 799 -38.08 6.76 -37.28
C GLN C 799 -38.64 7.96 -38.07
N LEU C 800 -37.92 9.07 -38.01
CA LEU C 800 -38.23 10.27 -38.77
C LEU C 800 -37.15 10.46 -39.83
N GLN C 801 -37.56 10.38 -41.11
CA GLN C 801 -36.68 10.48 -42.26
C GLN C 801 -36.72 11.89 -42.85
N LEU C 802 -35.55 12.52 -43.06
CA LEU C 802 -35.42 13.81 -43.72
C LEU C 802 -34.56 13.61 -44.96
N VAL C 803 -35.02 14.12 -46.13
CA VAL C 803 -34.25 13.99 -47.36
C VAL C 803 -33.96 15.41 -47.84
N PHE C 804 -32.67 15.72 -48.08
CA PHE C 804 -32.25 17.07 -48.42
C PHE C 804 -30.95 17.05 -49.25
N THR C 805 -30.48 18.26 -49.58
CA THR C 805 -29.30 18.46 -50.38
C THR C 805 -28.24 19.05 -49.45
N TRP C 806 -27.09 18.39 -49.37
CA TRP C 806 -26.01 18.86 -48.54
C TRP C 806 -24.92 19.40 -49.47
N GLY C 807 -24.84 20.74 -49.59
CA GLY C 807 -23.83 21.39 -50.41
C GLY C 807 -22.74 21.97 -49.52
N ARG C 808 -21.98 22.94 -50.02
CA ARG C 808 -20.77 23.35 -49.33
C ARG C 808 -21.13 24.29 -48.18
N GLU C 809 -22.27 24.97 -48.25
CA GLU C 809 -22.65 25.88 -47.17
C GLU C 809 -23.23 25.10 -45.99
N ALA C 810 -23.10 25.72 -44.82
CA ALA C 810 -23.67 25.16 -43.61
C ALA C 810 -25.18 24.99 -43.76
N LEU C 811 -25.71 24.03 -43.01
CA LEU C 811 -27.09 23.62 -43.04
C LEU C 811 -27.53 23.38 -41.59
N ASN C 812 -28.67 23.97 -41.23
CA ASN C 812 -29.32 23.65 -39.98
C ASN C 812 -30.68 23.02 -40.25
N LEU C 813 -30.94 21.93 -39.55
CA LEU C 813 -32.24 21.27 -39.57
C LEU C 813 -32.78 21.32 -38.16
N ARG C 814 -33.97 21.88 -37.96
CA ARG C 814 -34.51 22.06 -36.62
C ARG C 814 -35.89 21.44 -36.53
N LEU C 815 -36.05 20.45 -35.63
CA LEU C 815 -37.31 19.84 -35.34
C LEU C 815 -37.80 20.42 -34.02
N HIS C 816 -39.10 20.73 -33.90
CA HIS C 816 -39.69 21.36 -32.72
C HIS C 816 -41.08 20.76 -32.47
N LYS C 817 -41.49 20.63 -31.20
CA LYS C 817 -42.74 19.98 -30.85
C LYS C 817 -43.96 20.93 -30.99
#